data_7NMM
#
_entry.id   7NMM
#
_cell.length_a   125.444
_cell.length_b   222.479
_cell.length_c   102.015
_cell.angle_alpha   90.000
_cell.angle_beta   90.000
_cell.angle_gamma   90.000
#
_symmetry.space_group_name_H-M   'C 2 2 21'
#
loop_
_entity.id
_entity.type
_entity.pdbx_description
1 polymer sHMAx
2 polymer APikL2F
3 non-polymer 1,2-ETHANEDIOL
4 non-polymer 'PENTAETHYLENE GLYCOL'
5 non-polymer 'CHLORIDE ION'
6 non-polymer DI(HYDROXYETHYL)ETHER
7 water water
#
loop_
_entity_poly.entity_id
_entity_poly.type
_entity_poly.pdbx_seq_one_letter_code
_entity_poly.pdbx_strand_id
1 'polypeptide(L)' MKPQKIVIKLGMPSPKNRTKAMVLAAKVYGVSSVAITGDDKDQLEVVGVDVDTACLVSCLRKKVLRRADIMVVEEAKDK A,B,C,D,E,F,G,H
2 'polypeptide(L)'
;GPMQNEYIDAKKHGIDLSRERAPNFVDHPGIPPSDCFWFLYKNYVRQNAGVCQSDWSFDMKIGQYWVTIHTDEGCRLSGI
IPAGWLILGMKRPGF
;
I,J,K,L,M,N,O,P
#
loop_
_chem_comp.id
_chem_comp.type
_chem_comp.name
_chem_comp.formula
1PE non-polymer 'PENTAETHYLENE GLYCOL' 'C10 H22 O6'
CL non-polymer 'CHLORIDE ION' 'Cl -1'
EDO non-polymer 1,2-ETHANEDIOL 'C2 H6 O2'
PEG non-polymer DI(HYDROXYETHYL)ETHER 'C4 H10 O3'
#
# COMPACT_ATOMS: atom_id res chain seq x y z
N MET A 1 27.81 -15.16 -13.52
CA MET A 1 28.61 -16.23 -12.91
C MET A 1 29.36 -15.70 -11.67
N LYS A 2 29.93 -14.48 -11.69
CA LYS A 2 30.75 -13.98 -10.54
C LYS A 2 29.80 -13.30 -9.56
N PRO A 3 30.04 -13.41 -8.22
CA PRO A 3 29.22 -12.66 -7.25
C PRO A 3 29.42 -11.15 -7.47
N GLN A 4 28.35 -10.36 -7.39
CA GLN A 4 28.40 -8.90 -7.49
C GLN A 4 28.04 -8.31 -6.12
N LYS A 5 28.71 -7.24 -5.73
CA LYS A 5 28.31 -6.40 -4.58
C LYS A 5 27.41 -5.30 -5.16
N ILE A 6 26.17 -5.23 -4.75
CA ILE A 6 25.18 -4.23 -5.25
C ILE A 6 24.83 -3.33 -4.08
N VAL A 7 24.99 -2.02 -4.21
CA VAL A 7 24.62 -1.08 -3.13
C VAL A 7 23.42 -0.27 -3.58
N ILE A 8 22.35 -0.30 -2.81
CA ILE A 8 21.09 0.41 -3.14
C ILE A 8 20.90 1.51 -2.10
N LYS A 9 20.79 2.75 -2.51
CA LYS A 9 20.52 3.86 -1.58
C LYS A 9 19.04 3.86 -1.29
N LEU A 10 18.68 3.81 -0.01
CA LEU A 10 17.29 4.02 0.45
C LEU A 10 17.13 5.50 0.76
N GLY A 11 16.10 6.12 0.24
CA GLY A 11 15.83 7.55 0.50
C GLY A 11 15.13 7.71 1.83
N MET A 12 15.83 8.30 2.79
CA MET A 12 15.29 8.66 4.13
C MET A 12 14.57 7.46 4.73
N PRO A 13 15.33 6.37 5.00
CA PRO A 13 14.76 5.15 5.55
C PRO A 13 14.59 5.25 7.06
N SER A 14 13.41 4.90 7.59
CA SER A 14 13.23 4.54 9.02
C SER A 14 14.10 3.32 9.34
N PRO A 15 14.46 3.09 10.63
CA PRO A 15 15.02 1.80 11.04
C PRO A 15 14.21 0.60 10.50
N LYS A 16 12.87 0.68 10.56
CA LYS A 16 11.95 -0.39 10.13
C LYS A 16 12.18 -0.65 8.63
N ASN A 17 12.27 0.39 7.82
CA ASN A 17 12.53 0.30 6.37
C ASN A 17 13.86 -0.42 6.14
N ARG A 18 14.91 -0.10 6.89
CA ARG A 18 16.21 -0.79 6.71
C ARG A 18 16.00 -2.29 6.94
N THR A 19 15.39 -2.66 8.06
CA THR A 19 15.22 -4.07 8.43
C THR A 19 14.41 -4.77 7.33
N LYS A 20 13.31 -4.15 6.91
CA LYS A 20 12.40 -4.79 5.94
C LYS A 20 13.13 -4.97 4.61
N ALA A 21 13.94 -4.00 4.23
CA ALA A 21 14.75 -4.03 3.01
C ALA A 21 15.75 -5.19 3.10
N MET A 22 16.41 -5.38 4.23
CA MET A 22 17.39 -6.48 4.36
C MET A 22 16.69 -7.82 4.19
N VAL A 23 15.52 -7.98 4.81
CA VAL A 23 14.80 -9.28 4.81
C VAL A 23 14.40 -9.62 3.38
N LEU A 24 13.76 -8.68 2.67
CA LEU A 24 13.28 -8.91 1.28
C LEU A 24 14.48 -9.20 0.39
N ALA A 25 15.56 -8.47 0.53
CA ALA A 25 16.75 -8.69 -0.31
C ALA A 25 17.27 -10.12 -0.03
N ALA A 26 17.31 -10.52 1.24
CA ALA A 26 17.90 -11.80 1.66
C ALA A 26 17.12 -12.95 1.02
N LYS A 27 15.81 -12.78 0.88
CA LYS A 27 14.92 -13.83 0.34
C LYS A 27 15.02 -13.90 -1.19
N VAL A 28 15.62 -12.94 -1.88
CA VAL A 28 15.74 -13.02 -3.36
C VAL A 28 16.72 -14.15 -3.69
N TYR A 29 16.37 -14.97 -4.69
CA TYR A 29 17.22 -16.07 -5.23
C TYR A 29 18.52 -15.46 -5.75
N GLY A 30 19.65 -16.00 -5.30
CA GLY A 30 20.99 -15.59 -5.74
C GLY A 30 21.68 -14.75 -4.69
N VAL A 31 20.93 -14.12 -3.79
CA VAL A 31 21.49 -13.26 -2.73
C VAL A 31 22.07 -14.17 -1.65
N SER A 32 23.37 -14.00 -1.38
CA SER A 32 24.13 -14.78 -0.36
C SER A 32 24.36 -13.92 0.90
N SER A 33 24.20 -12.61 0.82
CA SER A 33 24.56 -11.70 1.94
C SER A 33 23.83 -10.34 1.83
N VAL A 34 23.43 -9.77 2.96
CA VAL A 34 22.82 -8.41 3.00
C VAL A 34 23.42 -7.64 4.17
N ALA A 35 23.51 -6.33 4.06
CA ALA A 35 23.93 -5.42 5.13
C ALA A 35 23.38 -4.01 4.89
N ILE A 36 23.34 -3.22 5.96
CA ILE A 36 23.12 -1.77 5.92
C ILE A 36 24.48 -1.11 6.00
N THR A 37 24.81 -0.21 5.07
CA THR A 37 26.15 0.40 4.95
C THR A 37 26.01 1.90 4.65
N GLY A 38 27.14 2.58 4.58
CA GLY A 38 27.21 4.02 4.25
C GLY A 38 27.27 4.92 5.46
N ASP A 39 27.81 6.11 5.25
CA ASP A 39 27.98 7.13 6.30
C ASP A 39 26.65 7.40 7.00
N ASP A 40 25.53 7.31 6.31
CA ASP A 40 24.21 7.70 6.88
C ASP A 40 23.37 6.46 7.19
N LYS A 41 23.97 5.28 7.13
CA LYS A 41 23.27 3.98 7.31
C LYS A 41 21.98 3.97 6.49
N ASP A 42 22.07 4.35 5.22
CA ASP A 42 20.91 4.48 4.29
C ASP A 42 21.12 3.58 3.06
N GLN A 43 22.05 2.65 3.12
CA GLN A 43 22.36 1.79 1.97
C GLN A 43 22.08 0.33 2.32
N LEU A 44 21.36 -0.33 1.44
CA LEU A 44 21.19 -1.80 1.44
C LEU A 44 22.29 -2.34 0.53
N GLU A 45 23.18 -3.14 1.09
CA GLU A 45 24.24 -3.78 0.29
C GLU A 45 23.92 -5.26 0.20
N VAL A 46 23.93 -5.76 -1.03
CA VAL A 46 23.55 -7.14 -1.41
C VAL A 46 24.74 -7.78 -2.11
N VAL A 47 25.11 -8.97 -1.72
CA VAL A 47 26.02 -9.82 -2.53
C VAL A 47 25.18 -10.97 -3.09
N GLY A 48 25.34 -11.23 -4.38
CA GLY A 48 24.64 -12.33 -5.04
C GLY A 48 25.26 -12.69 -6.35
N VAL A 49 24.85 -13.86 -6.86
CA VAL A 49 25.21 -14.36 -8.20
C VAL A 49 23.97 -14.24 -9.07
N ASP A 50 24.06 -13.50 -10.18
CA ASP A 50 23.01 -13.44 -11.23
C ASP A 50 21.71 -12.86 -10.64
N VAL A 51 21.79 -11.87 -9.76
CA VAL A 51 20.62 -11.20 -9.14
C VAL A 51 20.02 -10.21 -10.14
N ASP A 52 18.70 -10.24 -10.33
CA ASP A 52 18.01 -9.22 -11.14
C ASP A 52 17.96 -7.96 -10.27
N THR A 53 18.86 -7.03 -10.48
CA THR A 53 18.95 -5.83 -9.60
C THR A 53 17.73 -4.95 -9.86
N ALA A 54 17.26 -4.85 -11.11
CA ALA A 54 16.12 -4.00 -11.48
C ALA A 54 14.88 -4.47 -10.68
N CYS A 55 14.77 -5.79 -10.47
CA CYS A 55 13.63 -6.44 -9.79
C CYS A 55 13.79 -6.34 -8.28
N LEU A 56 15.01 -6.41 -7.77
CA LEU A 56 15.25 -6.12 -6.33
C LEU A 56 14.83 -4.68 -6.04
N VAL A 57 15.25 -3.72 -6.86
CA VAL A 57 14.95 -2.28 -6.63
C VAL A 57 13.43 -2.08 -6.69
N SER A 58 12.82 -2.66 -7.70
CA SER A 58 11.38 -2.54 -7.98
C SER A 58 10.59 -3.10 -6.77
N CYS A 59 11.09 -4.19 -6.19
CA CYS A 59 10.47 -4.84 -5.01
C CYS A 59 10.60 -3.90 -3.80
N LEU A 60 11.76 -3.30 -3.60
CA LEU A 60 11.98 -2.34 -2.48
C LEU A 60 11.02 -1.17 -2.65
N ARG A 61 10.83 -0.71 -3.89
CA ARG A 61 10.01 0.49 -4.20
C ARG A 61 8.54 0.23 -3.91
N LYS A 62 8.01 -0.97 -4.21
CA LYS A 62 6.56 -1.26 -4.02
C LYS A 62 6.29 -1.63 -2.55
N LYS A 63 7.25 -2.22 -1.85
CA LYS A 63 7.00 -2.90 -0.55
C LYS A 63 7.61 -2.14 0.62
N VAL A 64 8.62 -1.30 0.41
CA VAL A 64 9.36 -0.69 1.55
C VAL A 64 9.24 0.84 1.50
N LEU A 65 9.77 1.52 0.49
CA LEU A 65 9.72 3.00 0.40
C LEU A 65 9.93 3.44 -1.06
N ARG A 66 9.40 4.62 -1.43
CA ARG A 66 9.40 5.13 -2.82
C ARG A 66 10.84 5.21 -3.35
N ARG A 67 11.81 5.65 -2.54
CA ARG A 67 13.17 6.02 -3.02
C ARG A 67 14.14 4.85 -2.77
N ALA A 68 14.49 4.13 -3.84
CA ALA A 68 15.55 3.10 -3.83
C ALA A 68 16.28 3.15 -5.16
N ASP A 69 17.60 3.30 -5.15
CA ASP A 69 18.43 3.52 -6.37
C ASP A 69 19.78 2.82 -6.20
N ILE A 70 20.15 2.04 -7.20
CA ILE A 70 21.49 1.43 -7.24
C ILE A 70 22.48 2.57 -7.24
N MET A 71 23.50 2.49 -6.41
CA MET A 71 24.58 3.52 -6.29
CA MET A 71 24.57 3.52 -6.29
C MET A 71 25.97 2.89 -6.45
N VAL A 72 26.12 1.58 -6.31
CA VAL A 72 27.42 0.86 -6.52
C VAL A 72 27.16 -0.52 -7.10
N VAL A 73 27.99 -0.91 -8.05
CA VAL A 73 28.14 -2.32 -8.51
C VAL A 73 29.64 -2.61 -8.60
N GLU A 74 30.08 -3.63 -7.88
CA GLU A 74 31.48 -4.13 -7.90
C GLU A 74 31.39 -5.65 -8.04
N GLU A 75 32.00 -6.19 -9.10
CA GLU A 75 32.19 -7.64 -9.21
C GLU A 75 33.16 -8.04 -8.09
N ALA A 76 32.86 -9.11 -7.35
CA ALA A 76 33.78 -9.76 -6.39
C ALA A 76 34.89 -10.47 -7.18
N LYS A 77 36.16 -10.35 -6.76
CA LYS A 77 37.26 -11.22 -7.24
C LYS A 77 37.27 -12.50 -6.40
N ASP A 78 37.88 -13.57 -6.91
CA ASP A 78 37.72 -14.95 -6.36
C ASP A 78 38.54 -15.09 -5.07
N MET B 1 -1.88 -18.39 13.98
CA MET B 1 -0.75 -18.35 14.93
C MET B 1 -0.08 -16.96 14.84
N LYS B 2 0.35 -16.44 15.99
CA LYS B 2 0.78 -15.02 16.15
C LYS B 2 2.27 -14.93 15.84
N PRO B 3 2.81 -13.81 15.32
CA PRO B 3 4.25 -13.63 15.14
C PRO B 3 4.98 -13.75 16.49
N GLN B 4 6.14 -14.40 16.52
CA GLN B 4 6.95 -14.55 17.75
CA GLN B 4 6.95 -14.56 17.75
C GLN B 4 8.26 -13.77 17.56
N LYS B 5 8.72 -13.09 18.60
CA LYS B 5 10.07 -12.48 18.62
C LYS B 5 10.97 -13.52 19.28
N ILE B 6 11.98 -14.02 18.57
CA ILE B 6 12.92 -15.05 19.07
C ILE B 6 14.28 -14.39 19.19
N VAL B 7 14.92 -14.46 20.35
CA VAL B 7 16.30 -13.94 20.49
C VAL B 7 17.23 -15.14 20.68
N ILE B 8 18.26 -15.20 19.84
CA ILE B 8 19.25 -16.31 19.86
C ILE B 8 20.57 -15.70 20.25
N LYS B 9 21.17 -16.19 21.35
CA LYS B 9 22.50 -15.71 21.75
C LYS B 9 23.51 -16.43 20.87
N LEU B 10 24.37 -15.67 20.20
CA LEU B 10 25.52 -16.22 19.46
C LEU B 10 26.71 -16.17 20.41
N GLY B 11 27.42 -17.28 20.56
CA GLY B 11 28.62 -17.34 21.39
C GLY B 11 29.81 -16.76 20.63
N MET B 12 30.29 -15.61 21.08
CA MET B 12 31.55 -14.99 20.57
C MET B 12 31.46 -14.84 19.06
N PRO B 13 30.48 -14.06 18.56
CA PRO B 13 30.32 -13.87 17.11
C PRO B 13 31.29 -12.79 16.58
N SER B 14 32.07 -13.10 15.54
CA SER B 14 32.74 -12.08 14.69
C SER B 14 31.67 -11.22 14.01
N PRO B 15 31.99 -10.00 13.55
CA PRO B 15 31.10 -9.27 12.65
C PRO B 15 30.59 -10.16 11.48
N LYS B 16 31.45 -10.98 10.87
CA LYS B 16 31.10 -11.86 9.73
C LYS B 16 30.01 -12.85 10.17
N ASN B 17 30.16 -13.44 11.36
CA ASN B 17 29.17 -14.38 11.95
C ASN B 17 27.84 -13.65 12.15
N ARG B 18 27.83 -12.40 12.59
CA ARG B 18 26.57 -11.64 12.75
C ARG B 18 25.88 -11.54 11.39
N THR B 19 26.61 -11.10 10.37
CA THR B 19 26.05 -10.91 9.01
C THR B 19 25.49 -12.26 8.54
N LYS B 20 26.27 -13.31 8.65
CA LYS B 20 25.90 -14.62 8.10
C LYS B 20 24.66 -15.13 8.82
N ALA B 21 24.59 -14.92 10.12
CA ALA B 21 23.45 -15.32 10.97
C ALA B 21 22.20 -14.56 10.51
N MET B 22 22.30 -13.26 10.25
CA MET B 22 21.13 -12.48 9.82
C MET B 22 20.61 -13.02 8.49
N VAL B 23 21.51 -13.32 7.56
CA VAL B 23 21.11 -13.74 6.18
C VAL B 23 20.37 -15.07 6.28
N LEU B 24 20.94 -16.06 6.97
CA LEU B 24 20.35 -17.42 7.11
C LEU B 24 19.00 -17.30 7.81
N ALA B 25 18.91 -16.50 8.86
CA ALA B 25 17.63 -16.36 9.57
C ALA B 25 16.60 -15.77 8.60
N ALA B 26 17.00 -14.76 7.83
CA ALA B 26 16.09 -14.01 6.93
C ALA B 26 15.54 -14.97 5.87
N LYS B 27 16.34 -15.92 5.44
CA LYS B 27 15.94 -16.89 4.38
C LYS B 27 15.02 -17.97 4.94
N VAL B 28 14.85 -18.13 6.24
CA VAL B 28 13.91 -19.15 6.77
C VAL B 28 12.50 -18.68 6.45
N TYR B 29 11.66 -19.61 5.97
CA TYR B 29 10.23 -19.37 5.64
C TYR B 29 9.50 -18.93 6.90
N GLY B 30 8.78 -17.80 6.83
CA GLY B 30 8.01 -17.27 7.97
C GLY B 30 8.72 -16.15 8.70
N VAL B 31 10.03 -16.01 8.51
CA VAL B 31 10.82 -14.91 9.13
C VAL B 31 10.53 -13.63 8.34
N SER B 32 10.00 -12.61 9.04
CA SER B 32 9.64 -11.30 8.45
C SER B 32 10.70 -10.25 8.80
N SER B 33 11.55 -10.50 9.81
CA SER B 33 12.48 -9.48 10.33
C SER B 33 13.66 -10.12 11.05
N VAL B 34 14.86 -9.56 10.89
CA VAL B 34 16.07 -10.02 11.62
C VAL B 34 16.83 -8.76 12.06
N ALA B 35 17.54 -8.86 13.18
CA ALA B 35 18.45 -7.82 13.66
C ALA B 35 19.45 -8.42 14.63
N ILE B 36 20.52 -7.67 14.86
CA ILE B 36 21.51 -7.95 15.94
C ILE B 36 21.17 -7.02 17.09
N THR B 37 21.03 -7.56 18.30
CA THR B 37 20.64 -6.79 19.51
C THR B 37 21.48 -7.20 20.70
N GLY B 38 21.26 -6.57 21.85
CA GLY B 38 21.91 -6.91 23.13
C GLY B 38 23.10 -6.04 23.44
N ASP B 39 23.44 -5.88 24.71
CA ASP B 39 24.52 -4.95 25.12
C ASP B 39 25.84 -5.31 24.40
N ASP B 40 26.06 -6.57 24.09
CA ASP B 40 27.32 -7.07 23.50
C ASP B 40 27.15 -7.37 22.02
N LYS B 41 26.05 -6.94 21.41
CA LYS B 41 25.73 -7.15 19.98
C LYS B 41 26.03 -8.60 19.61
N ASP B 42 25.52 -9.53 20.42
CA ASP B 42 25.76 -11.00 20.30
C ASP B 42 24.43 -11.72 20.15
N GLN B 43 23.35 -11.01 19.87
CA GLN B 43 22.01 -11.63 19.78
C GLN B 43 21.48 -11.47 18.37
N LEU B 44 21.04 -12.58 17.78
CA LEU B 44 20.25 -12.58 16.54
C LEU B 44 18.80 -12.56 16.98
N GLU B 45 18.07 -11.52 16.60
CA GLU B 45 16.65 -11.40 16.97
C GLU B 45 15.85 -11.57 15.68
N VAL B 46 14.90 -12.49 15.73
CA VAL B 46 14.10 -12.96 14.58
C VAL B 46 12.62 -12.75 14.91
N VAL B 47 11.87 -12.15 14.01
CA VAL B 47 10.40 -12.14 14.09
C VAL B 47 9.88 -13.02 12.95
N GLY B 48 8.90 -13.87 13.26
CA GLY B 48 8.31 -14.75 12.25
C GLY B 48 7.03 -15.38 12.73
N VAL B 49 6.29 -15.94 11.79
CA VAL B 49 5.06 -16.71 12.01
C VAL B 49 5.39 -18.17 11.74
N ASP B 50 5.19 -19.02 12.75
CA ASP B 50 5.25 -20.49 12.62
C ASP B 50 6.68 -20.91 12.21
N VAL B 51 7.70 -20.25 12.77
CA VAL B 51 9.13 -20.58 12.50
C VAL B 51 9.52 -21.80 13.34
N ASP B 52 10.19 -22.78 12.73
CA ASP B 52 10.80 -23.88 13.51
C ASP B 52 12.05 -23.30 14.16
N THR B 53 11.97 -22.92 15.43
CA THR B 53 13.10 -22.25 16.13
C THR B 53 14.24 -23.26 16.30
N ALA B 54 13.93 -24.53 16.59
CA ALA B 54 14.93 -25.58 16.84
C ALA B 54 15.78 -25.74 15.55
N CYS B 55 15.15 -25.57 14.39
CA CYS B 55 15.77 -25.74 13.04
C CYS B 55 16.55 -24.47 12.67
N LEU B 56 16.07 -23.30 13.05
CA LEU B 56 16.87 -22.07 12.90
C LEU B 56 18.16 -22.19 13.73
N VAL B 57 18.07 -22.63 14.98
CA VAL B 57 19.24 -22.75 15.88
C VAL B 57 20.23 -23.76 15.29
N SER B 58 19.68 -24.90 14.87
CA SER B 58 20.46 -26.04 14.32
C SER B 58 21.21 -25.56 13.08
N CYS B 59 20.57 -24.73 12.26
CA CYS B 59 21.15 -24.17 11.02
C CYS B 59 22.30 -23.21 11.40
N LEU B 60 22.09 -22.36 12.39
CA LEU B 60 23.14 -21.42 12.86
C LEU B 60 24.33 -22.23 13.37
N ARG B 61 24.06 -23.32 14.07
CA ARG B 61 25.12 -24.15 14.71
C ARG B 61 25.97 -24.85 13.65
N LYS B 62 25.39 -25.34 12.56
CA LYS B 62 26.16 -26.13 11.53
C LYS B 62 26.88 -25.16 10.60
N LYS B 63 26.32 -23.97 10.35
CA LYS B 63 26.74 -23.11 9.21
C LYS B 63 27.43 -21.85 9.69
N VAL B 64 27.24 -21.41 10.94
CA VAL B 64 27.81 -20.09 11.37
C VAL B 64 28.78 -20.29 12.52
N LEU B 65 28.34 -20.74 13.69
CA LEU B 65 29.22 -20.94 14.86
C LEU B 65 28.62 -21.96 15.83
N ARG B 66 29.47 -22.65 16.60
CA ARG B 66 29.09 -23.80 17.48
C ARG B 66 28.04 -23.32 18.49
N ARG B 67 28.17 -22.10 19.04
CA ARG B 67 27.31 -21.64 20.17
C ARG B 67 26.18 -20.76 19.63
N ALA B 68 24.96 -21.31 19.58
CA ALA B 68 23.71 -20.56 19.33
C ALA B 68 22.61 -21.12 20.22
N ASP B 69 21.96 -20.28 21.02
CA ASP B 69 20.95 -20.73 22.01
C ASP B 69 19.82 -19.72 22.08
N ILE B 70 18.59 -20.20 21.97
CA ILE B 70 17.40 -19.34 22.21
C ILE B 70 17.55 -18.84 23.63
N MET B 71 17.35 -17.53 23.84
N MET B 71 17.35 -17.54 23.84
CA MET B 71 17.44 -16.90 25.18
CA MET B 71 17.42 -16.92 25.19
C MET B 71 16.16 -16.11 25.48
C MET B 71 16.14 -16.11 25.49
N VAL B 72 15.36 -15.73 24.46
CA VAL B 72 14.10 -14.96 24.68
C VAL B 72 13.06 -15.39 23.66
N VAL B 73 11.82 -15.52 24.12
CA VAL B 73 10.63 -15.69 23.24
C VAL B 73 9.55 -14.75 23.78
N GLU B 74 9.01 -13.90 22.92
CA GLU B 74 7.87 -13.00 23.19
C GLU B 74 6.90 -13.12 22.01
N GLU B 75 5.66 -13.49 22.29
CA GLU B 75 4.59 -13.37 21.28
C GLU B 75 4.40 -11.88 20.99
N ALA B 76 4.28 -11.48 19.72
CA ALA B 76 3.84 -10.14 19.30
C ALA B 76 2.35 -9.99 19.61
N LYS B 77 1.91 -8.84 20.13
CA LYS B 77 0.46 -8.47 20.19
C LYS B 77 0.06 -7.83 18.86
N ASP B 78 -1.24 -7.73 18.60
CA ASP B 78 -1.76 -7.10 17.36
C ASP B 78 -1.62 -5.57 17.50
N MET C 1 28.90 -28.88 1.04
CA MET C 1 29.52 -28.30 -0.15
C MET C 1 29.11 -29.06 -1.41
N LYS C 2 28.95 -30.38 -1.39
CA LYS C 2 28.52 -31.14 -2.60
C LYS C 2 27.00 -31.16 -2.63
N PRO C 3 26.33 -31.02 -3.80
CA PRO C 3 24.88 -31.18 -3.88
C PRO C 3 24.48 -32.60 -3.46
N GLN C 4 23.41 -32.75 -2.69
CA GLN C 4 22.85 -34.04 -2.26
C GLN C 4 21.49 -34.21 -2.94
N LYS C 5 21.16 -35.43 -3.35
CA LYS C 5 19.79 -35.83 -3.71
C LYS C 5 19.14 -36.36 -2.44
N ILE C 6 18.06 -35.75 -1.97
CA ILE C 6 17.35 -36.20 -0.75
C ILE C 6 15.98 -36.69 -1.19
N VAL C 7 15.58 -37.91 -0.86
CA VAL C 7 14.23 -38.40 -1.22
C VAL C 7 13.44 -38.59 0.07
N ILE C 8 12.27 -37.98 0.15
CA ILE C 8 11.39 -38.05 1.35
C ILE C 8 10.13 -38.76 0.94
N LYS C 9 9.78 -39.84 1.60
CA LYS C 9 8.50 -40.54 1.33
C LYS C 9 7.41 -39.76 2.04
N LEU C 10 6.38 -39.37 1.32
CA LEU C 10 5.14 -38.82 1.90
C LEU C 10 4.17 -39.98 2.09
N GLY C 11 3.59 -40.09 3.27
CA GLY C 11 2.61 -41.15 3.55
C GLY C 11 1.26 -40.76 3.02
N MET C 12 0.83 -41.50 1.99
CA MET C 12 -0.52 -41.41 1.36
C MET C 12 -0.85 -39.94 1.08
N PRO C 13 -0.06 -39.30 0.18
CA PRO C 13 -0.21 -37.89 -0.12
C PRO C 13 -1.35 -37.65 -1.11
N SER C 14 -2.26 -36.71 -0.80
CA SER C 14 -3.16 -36.10 -1.81
C SER C 14 -2.34 -35.39 -2.87
N PRO C 15 -2.88 -35.17 -4.09
CA PRO C 15 -2.22 -34.27 -5.04
C PRO C 15 -1.82 -32.93 -4.39
N LYS C 16 -2.69 -32.33 -3.56
CA LYS C 16 -2.47 -31.05 -2.88
C LYS C 16 -1.23 -31.15 -1.99
N ASN C 17 -1.11 -32.23 -1.22
CA ASN C 17 0.07 -32.49 -0.35
C ASN C 17 1.34 -32.54 -1.21
N ARG C 18 1.31 -33.19 -2.37
CA ARG C 18 2.52 -33.24 -3.24
C ARG C 18 2.91 -31.80 -3.62
N THR C 19 1.95 -31.01 -4.10
CA THR C 19 2.21 -29.65 -4.58
C THR C 19 2.77 -28.84 -3.42
N LYS C 20 2.14 -28.91 -2.27
CA LYS C 20 2.52 -28.07 -1.11
C LYS C 20 3.93 -28.46 -0.67
N ALA C 21 4.23 -29.74 -0.69
CA ALA C 21 5.56 -30.27 -0.34
C ALA C 21 6.62 -29.72 -1.29
N MET C 22 6.34 -29.72 -2.60
CA MET C 22 7.33 -29.21 -3.58
C MET C 22 7.60 -27.72 -3.32
N VAL C 23 6.55 -26.94 -3.04
CA VAL C 23 6.69 -25.48 -2.87
C VAL C 23 7.55 -25.19 -1.65
N LEU C 24 7.24 -25.81 -0.51
CA LEU C 24 7.96 -25.58 0.76
C LEU C 24 9.41 -26.01 0.58
N ALA C 25 9.66 -27.14 -0.07
CA ALA C 25 11.03 -27.60 -0.25
C ALA C 25 11.77 -26.57 -1.12
N ALA C 26 11.13 -26.11 -2.18
CA ALA C 26 11.76 -25.22 -3.17
C ALA C 26 12.17 -23.91 -2.50
N LYS C 27 11.40 -23.46 -1.50
CA LYS C 27 11.68 -22.17 -0.82
C LYS C 27 12.82 -22.33 0.17
N VAL C 28 13.27 -23.52 0.53
CA VAL C 28 14.44 -23.65 1.46
C VAL C 28 15.69 -23.18 0.71
N TYR C 29 16.53 -22.35 1.36
CA TYR C 29 17.81 -21.84 0.79
C TYR C 29 18.72 -23.06 0.63
N GLY C 30 19.31 -23.21 -0.56
CA GLY C 30 20.22 -24.32 -0.88
C GLY C 30 19.54 -25.37 -1.73
N VAL C 31 18.21 -25.39 -1.75
CA VAL C 31 17.44 -26.29 -2.65
C VAL C 31 17.47 -25.67 -4.05
N SER C 32 17.98 -26.41 -5.03
CA SER C 32 18.08 -25.98 -6.45
C SER C 32 16.99 -26.67 -7.30
N SER C 33 16.36 -27.72 -6.78
CA SER C 33 15.45 -28.56 -7.60
C SER C 33 14.51 -29.38 -6.70
N VAL C 34 13.27 -29.55 -7.12
CA VAL C 34 12.29 -30.41 -6.42
C VAL C 34 11.53 -31.21 -7.47
N ALA C 35 11.09 -32.42 -7.11
CA ALA C 35 10.21 -33.25 -7.95
C ALA C 35 9.45 -34.24 -7.09
N ILE C 36 8.38 -34.77 -7.65
CA ILE C 36 7.66 -35.96 -7.12
C ILE C 36 8.16 -37.15 -7.91
N THR C 37 8.58 -38.21 -7.23
CA THR C 37 9.17 -39.43 -7.84
C THR C 37 8.63 -40.69 -7.16
N GLY C 38 9.08 -41.85 -7.62
CA GLY C 38 8.67 -43.16 -7.07
C GLY C 38 7.53 -43.82 -7.84
N ASP C 39 7.46 -45.11 -7.77
CA ASP C 39 6.43 -45.93 -8.45
C ASP C 39 5.02 -45.43 -8.08
N ASP C 40 4.83 -44.91 -6.87
CA ASP C 40 3.50 -44.52 -6.36
C ASP C 40 3.37 -43.00 -6.32
N LYS C 41 4.27 -42.28 -6.95
CA LYS C 41 4.31 -40.80 -6.95
C LYS C 41 4.07 -40.25 -5.54
N ASP C 42 4.79 -40.79 -4.57
CA ASP C 42 4.63 -40.49 -3.12
C ASP C 42 5.96 -39.97 -2.54
N GLN C 43 6.91 -39.60 -3.38
CA GLN C 43 8.25 -39.18 -2.91
C GLN C 43 8.49 -37.73 -3.34
N LEU C 44 8.91 -36.90 -2.40
CA LEU C 44 9.45 -35.55 -2.64
C LEU C 44 10.96 -35.74 -2.80
N GLU C 45 11.49 -35.39 -3.94
CA GLU C 45 12.94 -35.49 -4.19
C GLU C 45 13.45 -34.05 -4.28
N VAL C 46 14.49 -33.78 -3.50
CA VAL C 46 15.10 -32.44 -3.35
C VAL C 46 16.58 -32.55 -3.71
N VAL C 47 17.05 -31.64 -4.55
CA VAL C 47 18.51 -31.48 -4.75
C VAL C 47 18.90 -30.14 -4.14
N GLY C 48 19.95 -30.18 -3.33
CA GLY C 48 20.41 -28.99 -2.60
C GLY C 48 21.84 -29.12 -2.13
N VAL C 49 22.44 -27.99 -1.78
CA VAL C 49 23.78 -27.87 -1.15
C VAL C 49 23.54 -27.49 0.31
N ASP C 50 24.04 -28.33 1.22
CA ASP C 50 24.08 -28.05 2.68
C ASP C 50 22.66 -27.92 3.22
N VAL C 51 21.70 -28.71 2.73
CA VAL C 51 20.29 -28.69 3.23
C VAL C 51 20.19 -29.46 4.54
N ASP C 52 19.55 -28.90 5.56
CA ASP C 52 19.24 -29.65 6.80
C ASP C 52 18.06 -30.57 6.46
N THR C 53 18.32 -31.83 6.19
CA THR C 53 17.27 -32.80 5.79
C THR C 53 16.27 -33.00 6.94
N ALA C 54 16.77 -33.08 8.17
CA ALA C 54 15.93 -33.36 9.36
C ALA C 54 14.92 -32.22 9.50
N CYS C 55 15.31 -31.00 9.14
CA CYS C 55 14.49 -29.77 9.26
C CYS C 55 13.53 -29.67 8.07
N LEU C 56 13.94 -30.10 6.89
CA LEU C 56 12.99 -30.22 5.76
C LEU C 56 11.88 -31.22 6.12
N VAL C 57 12.23 -32.38 6.67
CA VAL C 57 11.25 -33.43 7.03
C VAL C 57 10.29 -32.87 8.09
N SER C 58 10.87 -32.24 9.09
CA SER C 58 10.15 -31.70 10.25
C SER C 58 9.14 -30.65 9.74
N CYS C 59 9.55 -29.85 8.77
CA CYS C 59 8.72 -28.80 8.13
C CYS C 59 7.55 -29.47 7.38
N LEU C 60 7.83 -30.52 6.62
CA LEU C 60 6.76 -31.26 5.88
C LEU C 60 5.77 -31.84 6.89
N ARG C 61 6.26 -32.35 8.01
CA ARG C 61 5.43 -33.02 9.04
C ARG C 61 4.49 -32.02 9.71
N LYS C 62 4.93 -30.79 10.01
CA LYS C 62 4.10 -29.80 10.74
C LYS C 62 3.14 -29.12 9.78
N LYS C 63 3.52 -28.96 8.50
CA LYS C 63 2.79 -28.06 7.58
C LYS C 63 2.03 -28.83 6.49
N VAL C 64 2.38 -30.07 6.19
CA VAL C 64 1.79 -30.76 5.01
C VAL C 64 1.03 -32.03 5.44
N LEU C 65 1.71 -33.02 5.98
CA LEU C 65 1.05 -34.29 6.41
C LEU C 65 1.93 -35.01 7.47
N ARG C 66 1.30 -35.80 8.34
CA ARG C 66 1.96 -36.43 9.52
C ARG C 66 3.13 -37.30 9.04
N ARG C 67 2.99 -38.02 7.93
CA ARG C 67 3.97 -39.05 7.49
C ARG C 67 4.90 -38.45 6.43
N ALA C 68 6.12 -38.12 6.82
CA ALA C 68 7.24 -37.77 5.92
C ALA C 68 8.51 -38.39 6.50
N ASP C 69 9.24 -39.16 5.72
CA ASP C 69 10.42 -39.94 6.18
C ASP C 69 11.47 -39.94 5.05
N ILE C 70 12.69 -39.55 5.38
CA ILE C 70 13.82 -39.65 4.43
C ILE C 70 13.92 -41.12 4.06
N MET C 71 14.07 -41.40 2.78
N MET C 71 14.05 -41.40 2.77
CA MET C 71 14.22 -42.79 2.26
CA MET C 71 14.21 -42.78 2.27
C MET C 71 15.47 -42.92 1.40
C MET C 71 15.46 -42.91 1.39
N VAL C 72 16.04 -41.82 0.89
CA VAL C 72 17.29 -41.85 0.07
C VAL C 72 18.14 -40.61 0.37
N VAL C 73 19.45 -40.80 0.49
CA VAL C 73 20.45 -39.70 0.36
C VAL C 73 21.57 -40.20 -0.56
N GLU C 74 21.79 -39.48 -1.66
CA GLU C 74 22.93 -39.71 -2.58
C GLU C 74 23.64 -38.35 -2.77
N GLU C 75 24.90 -38.31 -2.37
CA GLU C 75 25.76 -37.15 -2.70
C GLU C 75 25.96 -37.22 -4.21
N ALA C 76 25.88 -36.09 -4.91
CA ALA C 76 26.45 -35.93 -6.29
C ALA C 76 27.98 -35.97 -6.23
N LYS C 77 28.63 -36.45 -7.30
CA LYS C 77 30.13 -36.38 -7.47
C LYS C 77 30.46 -35.69 -8.80
N MET D 1 -4.94 -8.09 -0.69
CA MET D 1 -4.94 -8.51 -2.14
C MET D 1 -5.41 -9.96 -2.24
N LYS D 2 -6.14 -10.32 -3.31
CA LYS D 2 -6.67 -11.71 -3.49
C LYS D 2 -5.61 -12.54 -4.20
N PRO D 3 -5.43 -13.85 -3.90
CA PRO D 3 -4.46 -14.69 -4.60
C PRO D 3 -4.82 -14.76 -6.09
N GLN D 4 -3.82 -14.70 -6.97
CA GLN D 4 -4.05 -14.79 -8.44
C GLN D 4 -3.46 -16.09 -8.95
N LYS D 5 -4.13 -16.77 -9.86
CA LYS D 5 -3.54 -17.93 -10.56
C LYS D 5 -2.99 -17.35 -11.86
N ILE D 6 -1.68 -17.48 -12.08
CA ILE D 6 -0.99 -16.93 -13.27
C ILE D 6 -0.50 -18.13 -14.06
N VAL D 7 -0.80 -18.20 -15.35
CA VAL D 7 -0.28 -19.30 -16.20
C VAL D 7 0.70 -18.66 -17.17
N ILE D 8 1.93 -19.20 -17.20
CA ILE D 8 3.01 -18.68 -18.05
C ILE D 8 3.33 -19.76 -19.07
N LYS D 9 3.19 -19.43 -20.35
CA LYS D 9 3.55 -20.41 -21.40
C LYS D 9 5.06 -20.42 -21.54
N LEU D 10 5.67 -21.59 -21.42
CA LEU D 10 7.11 -21.78 -21.71
C LEU D 10 7.22 -22.23 -23.15
N GLY D 11 8.06 -21.58 -23.93
CA GLY D 11 8.31 -21.97 -25.33
C GLY D 11 9.31 -23.09 -25.37
N MET D 12 8.89 -24.28 -25.74
CA MET D 12 9.81 -25.46 -25.96
C MET D 12 10.60 -25.69 -24.68
N PRO D 13 9.90 -26.03 -23.59
CA PRO D 13 10.58 -26.45 -22.36
C PRO D 13 11.03 -27.92 -22.43
N SER D 14 12.30 -28.23 -22.19
CA SER D 14 12.79 -29.57 -21.78
C SER D 14 12.16 -29.91 -20.43
N PRO D 15 12.10 -31.20 -20.04
CA PRO D 15 11.80 -31.57 -18.64
C PRO D 15 12.62 -30.75 -17.64
N LYS D 16 13.92 -30.56 -17.87
CA LYS D 16 14.84 -29.81 -16.96
C LYS D 16 14.32 -28.38 -16.82
N ASN D 17 13.96 -27.73 -17.92
CA ASN D 17 13.43 -26.35 -17.94
C ASN D 17 12.13 -26.31 -17.10
N ARG D 18 11.25 -27.29 -17.19
CA ARG D 18 10.01 -27.29 -16.37
C ARG D 18 10.41 -27.30 -14.90
N THR D 19 11.29 -28.20 -14.49
CA THR D 19 11.70 -28.34 -13.07
C THR D 19 12.32 -27.01 -12.63
N LYS D 20 13.23 -26.46 -13.43
CA LYS D 20 13.97 -25.26 -13.02
C LYS D 20 12.99 -24.09 -12.90
N ALA D 21 12.02 -24.01 -13.80
CA ALA D 21 10.97 -22.97 -13.80
C ALA D 21 10.13 -23.10 -12.53
N MET D 22 9.76 -24.30 -12.12
CA MET D 22 8.94 -24.47 -10.89
C MET D 22 9.74 -23.98 -9.69
N VAL D 23 11.03 -24.32 -9.62
CA VAL D 23 11.86 -23.99 -8.45
C VAL D 23 11.98 -22.46 -8.34
N LEU D 24 12.35 -21.78 -9.43
CA LEU D 24 12.53 -20.32 -9.44
C LEU D 24 11.20 -19.64 -9.11
N ALA D 25 10.10 -20.11 -9.66
CA ALA D 25 8.80 -19.51 -9.37
C ALA D 25 8.52 -19.65 -7.86
N ALA D 26 8.80 -20.84 -7.31
CA ALA D 26 8.46 -21.16 -5.91
C ALA D 26 9.23 -20.22 -4.98
N LYS D 27 10.44 -19.85 -5.35
CA LYS D 27 11.32 -18.99 -4.52
C LYS D 27 10.89 -17.52 -4.62
N VAL D 28 10.04 -17.12 -5.55
CA VAL D 28 9.59 -15.70 -5.60
C VAL D 28 8.70 -15.43 -4.38
N TYR D 29 8.90 -14.28 -3.74
CA TYR D 29 8.05 -13.70 -2.66
C TYR D 29 6.59 -13.66 -3.14
N GLY D 30 5.71 -14.23 -2.33
CA GLY D 30 4.25 -14.19 -2.53
C GLY D 30 3.71 -15.45 -3.16
N VAL D 31 4.58 -16.24 -3.80
CA VAL D 31 4.19 -17.48 -4.50
C VAL D 31 3.94 -18.55 -3.43
N SER D 32 2.73 -19.09 -3.40
CA SER D 32 2.29 -20.13 -2.42
C SER D 32 2.23 -21.49 -3.13
N SER D 33 2.22 -21.54 -4.46
CA SER D 33 2.02 -22.81 -5.19
C SER D 33 2.57 -22.72 -6.62
N VAL D 34 3.16 -23.81 -7.13
CA VAL D 34 3.62 -23.89 -8.53
C VAL D 34 3.25 -25.25 -9.08
N ALA D 35 3.02 -25.33 -10.38
CA ALA D 35 2.71 -26.58 -11.09
C ALA D 35 2.99 -26.41 -12.56
N ILE D 36 3.15 -27.53 -13.25
CA ILE D 36 3.20 -27.62 -14.72
C ILE D 36 1.81 -28.07 -15.17
N THR D 37 1.21 -27.37 -16.11
CA THR D 37 -0.15 -27.64 -16.62
C THR D 37 -0.18 -27.54 -18.14
N GLY D 38 -1.34 -27.83 -18.73
CA GLY D 38 -1.58 -27.68 -20.18
C GLY D 38 -1.49 -29.00 -20.88
N ASP D 39 -2.16 -29.11 -22.03
CA ASP D 39 -2.17 -30.33 -22.84
C ASP D 39 -0.72 -30.74 -23.19
N ASP D 40 0.19 -29.78 -23.33
CA ASP D 40 1.57 -30.04 -23.80
C ASP D 40 2.55 -29.93 -22.64
N LYS D 41 2.07 -29.88 -21.42
CA LYS D 41 2.93 -29.71 -20.22
C LYS D 41 3.98 -28.61 -20.45
N ASP D 42 3.54 -27.46 -20.97
CA ASP D 42 4.41 -26.32 -21.36
C ASP D 42 4.00 -25.06 -20.58
N GLN D 43 3.20 -25.22 -19.53
CA GLN D 43 2.71 -24.07 -18.75
C GLN D 43 3.22 -24.19 -17.32
N LEU D 44 3.82 -23.10 -16.84
CA LEU D 44 4.13 -22.90 -15.42
C LEU D 44 2.94 -22.17 -14.83
N GLU D 45 2.28 -22.78 -13.86
CA GLU D 45 1.12 -22.16 -13.20
C GLU D 45 1.54 -21.82 -11.79
N VAL D 46 1.34 -20.56 -11.43
CA VAL D 46 1.80 -19.93 -10.18
C VAL D 46 0.59 -19.35 -9.46
N VAL D 47 0.46 -19.67 -8.18
CA VAL D 47 -0.52 -18.96 -7.32
C VAL D 47 0.28 -18.13 -6.33
N GLY D 48 -0.11 -16.87 -6.18
CA GLY D 48 0.53 -15.95 -5.23
C GLY D 48 -0.36 -14.77 -4.91
N VAL D 49 0.05 -14.07 -3.85
CA VAL D 49 -0.54 -12.77 -3.45
C VAL D 49 0.52 -11.71 -3.75
N ASP D 50 0.19 -10.69 -4.55
CA ASP D 50 1.03 -9.47 -4.73
C ASP D 50 2.36 -9.86 -5.37
N VAL D 51 2.34 -10.80 -6.31
CA VAL D 51 3.55 -11.25 -7.07
C VAL D 51 3.87 -10.22 -8.14
N ASP D 52 5.13 -9.82 -8.28
CA ASP D 52 5.56 -9.01 -9.44
C ASP D 52 5.64 -10.00 -10.60
N THR D 53 4.60 -10.06 -11.44
CA THR D 53 4.54 -11.10 -12.49
C THR D 53 5.58 -10.76 -13.56
N ALA D 54 5.79 -9.48 -13.85
CA ALA D 54 6.75 -9.03 -14.87
C ALA D 54 8.15 -9.53 -14.48
N CYS D 55 8.46 -9.57 -13.19
CA CYS D 55 9.77 -9.97 -12.62
C CYS D 55 9.87 -11.49 -12.55
N LEU D 56 8.77 -12.19 -12.28
CA LEU D 56 8.78 -13.66 -12.41
C LEU D 56 9.10 -14.03 -13.87
N VAL D 57 8.42 -13.40 -14.84
CA VAL D 57 8.59 -13.75 -16.28
C VAL D 57 10.04 -13.44 -16.69
N SER D 58 10.51 -12.28 -16.28
CA SER D 58 11.86 -11.76 -16.61
C SER D 58 12.89 -12.73 -16.04
N CYS D 59 12.66 -13.30 -14.86
CA CYS D 59 13.56 -14.27 -14.19
C CYS D 59 13.56 -15.57 -15.02
N LEU D 60 12.39 -16.04 -15.45
CA LEU D 60 12.29 -17.25 -16.28
C LEU D 60 13.07 -17.04 -17.59
N ARG D 61 12.94 -15.84 -18.16
CA ARG D 61 13.54 -15.50 -19.48
C ARG D 61 15.06 -15.46 -19.39
N LYS D 62 15.65 -14.96 -18.30
CA LYS D 62 17.14 -14.82 -18.20
C LYS D 62 17.74 -16.15 -17.78
N LYS D 63 17.03 -16.96 -16.99
CA LYS D 63 17.65 -18.11 -16.26
C LYS D 63 17.17 -19.45 -16.80
N VAL D 64 16.04 -19.53 -17.51
CA VAL D 64 15.49 -20.84 -17.92
C VAL D 64 15.42 -20.94 -19.45
N LEU D 65 14.63 -20.12 -20.13
CA LEU D 65 14.50 -20.17 -21.62
C LEU D 65 13.94 -18.83 -22.15
N ARG D 66 14.28 -18.49 -23.39
CA ARG D 66 13.98 -17.15 -23.97
C ARG D 66 12.46 -16.92 -23.98
N ARG D 67 11.65 -17.94 -24.24
CA ARG D 67 10.19 -17.79 -24.47
C ARG D 67 9.42 -18.11 -23.18
N ALA D 68 8.92 -17.08 -22.52
CA ALA D 68 8.02 -17.18 -21.37
C ALA D 68 7.03 -16.02 -21.43
N ASP D 69 5.72 -16.32 -21.43
CA ASP D 69 4.66 -15.28 -21.61
C ASP D 69 3.46 -15.63 -20.74
N ILE D 70 2.99 -14.71 -19.93
CA ILE D 70 1.71 -14.87 -19.22
C ILE D 70 0.65 -15.09 -20.28
N MET D 71 -0.18 -16.12 -20.10
N MET D 71 -0.18 -16.12 -20.11
CA MET D 71 -1.25 -16.47 -21.08
CA MET D 71 -1.26 -16.42 -21.08
C MET D 71 -2.60 -16.58 -20.37
C MET D 71 -2.61 -16.57 -20.37
N VAL D 72 -2.64 -16.73 -19.04
CA VAL D 72 -3.93 -16.85 -18.27
C VAL D 72 -3.78 -16.19 -16.92
N VAL D 73 -4.83 -15.49 -16.48
CA VAL D 73 -4.94 -14.89 -15.14
C VAL D 73 -6.36 -15.17 -14.66
N GLU D 74 -6.49 -15.78 -13.48
CA GLU D 74 -7.76 -16.00 -12.76
C GLU D 74 -7.54 -15.59 -11.31
N GLU D 75 -8.32 -14.63 -10.82
CA GLU D 75 -8.37 -14.35 -9.36
C GLU D 75 -8.94 -15.61 -8.69
N ALA D 76 -8.32 -16.07 -7.59
CA ALA D 76 -8.90 -17.11 -6.70
C ALA D 76 -10.10 -16.51 -5.94
N LYS D 77 -11.16 -17.28 -5.75
CA LYS D 77 -12.25 -16.97 -4.79
C LYS D 77 -11.84 -17.44 -3.39
N ASP D 78 -12.50 -16.98 -2.34
CA ASP D 78 -12.27 -17.40 -0.93
C ASP D 78 -12.78 -18.83 -0.72
N MET E 1 -27.15 32.52 6.33
CA MET E 1 -26.30 31.68 5.42
C MET E 1 -27.22 30.74 4.62
N LYS E 2 -28.02 31.34 3.76
CA LYS E 2 -28.77 30.72 2.63
C LYS E 2 -27.81 30.39 1.48
N PRO E 3 -28.09 29.42 0.60
CA PRO E 3 -27.22 29.15 -0.57
C PRO E 3 -27.08 30.40 -1.45
N GLN E 4 -25.89 30.69 -1.96
CA GLN E 4 -25.63 31.86 -2.84
C GLN E 4 -25.27 31.31 -4.22
N LYS E 5 -25.74 31.98 -5.27
CA LYS E 5 -25.25 31.79 -6.65
C LYS E 5 -24.07 32.76 -6.83
N ILE E 6 -22.89 32.27 -7.11
CA ILE E 6 -21.65 33.08 -7.27
C ILE E 6 -21.23 32.91 -8.72
N VAL E 7 -21.04 33.98 -9.47
CA VAL E 7 -20.54 33.91 -10.85
C VAL E 7 -19.14 34.50 -10.87
N ILE E 8 -18.17 33.76 -11.37
CA ILE E 8 -16.76 34.21 -11.48
C ILE E 8 -16.41 34.30 -12.95
N LYS E 9 -16.02 35.46 -13.42
CA LYS E 9 -15.59 35.61 -14.83
C LYS E 9 -14.16 35.08 -14.93
N LEU E 10 -13.91 34.15 -15.82
CA LEU E 10 -12.57 33.70 -16.21
C LEU E 10 -12.15 34.55 -17.42
N GLY E 11 -10.97 35.12 -17.39
CA GLY E 11 -10.46 35.91 -18.51
C GLY E 11 -9.88 35.01 -19.57
N MET E 12 -10.56 34.96 -20.71
CA MET E 12 -10.17 34.24 -21.95
C MET E 12 -9.71 32.83 -21.60
N PRO E 13 -10.66 32.02 -21.09
CA PRO E 13 -10.39 30.66 -20.65
C PRO E 13 -10.32 29.69 -21.83
N SER E 14 -9.28 28.83 -21.86
CA SER E 14 -9.27 27.58 -22.67
C SER E 14 -10.39 26.67 -22.18
N PRO E 15 -10.89 25.73 -23.03
CA PRO E 15 -11.75 24.66 -22.54
C PRO E 15 -11.19 23.99 -21.27
N LYS E 16 -9.88 23.71 -21.23
CA LYS E 16 -9.17 23.02 -20.11
C LYS E 16 -9.35 23.87 -18.84
N ASN E 17 -9.15 25.20 -18.93
CA ASN E 17 -9.30 26.13 -17.82
C ASN E 17 -10.76 26.05 -17.31
N ARG E 18 -11.77 26.00 -18.18
CA ARG E 18 -13.16 25.91 -17.71
C ARG E 18 -13.31 24.62 -16.87
N THR E 19 -12.86 23.49 -17.39
CA THR E 19 -13.02 22.18 -16.72
C THR E 19 -12.28 22.24 -15.37
N LYS E 20 -11.06 22.74 -15.36
CA LYS E 20 -10.23 22.75 -14.15
C LYS E 20 -10.89 23.65 -13.10
N ALA E 21 -11.44 24.76 -13.53
CA ALA E 21 -12.15 25.71 -12.66
C ALA E 21 -13.38 25.02 -12.07
N MET E 22 -14.14 24.25 -12.84
CA MET E 22 -15.35 23.57 -12.32
C MET E 22 -14.93 22.57 -11.24
N VAL E 23 -13.85 21.82 -11.48
CA VAL E 23 -13.40 20.75 -10.56
C VAL E 23 -12.99 21.40 -9.23
N LEU E 24 -12.16 22.43 -9.25
CA LEU E 24 -11.66 23.09 -8.03
C LEU E 24 -12.84 23.71 -7.27
N ALA E 25 -13.76 24.33 -7.97
CA ALA E 25 -14.93 24.94 -7.29
C ALA E 25 -15.73 23.81 -6.62
N ALA E 26 -15.92 22.70 -7.32
CA ALA E 26 -16.77 21.60 -6.87
C ALA E 26 -16.17 21.00 -5.59
N LYS E 27 -14.85 20.99 -5.47
CA LYS E 27 -14.17 20.41 -4.29
C LYS E 27 -14.23 21.36 -3.10
N VAL E 28 -14.63 22.61 -3.24
CA VAL E 28 -14.74 23.49 -2.03
C VAL E 28 -15.92 22.98 -1.19
N TYR E 29 -15.73 22.86 0.13
CA TYR E 29 -16.80 22.45 1.09
C TYR E 29 -17.89 23.52 1.05
N GLY E 30 -19.13 23.09 0.87
CA GLY E 30 -20.29 24.01 0.78
C GLY E 30 -20.77 24.19 -0.63
N VAL E 31 -19.93 23.93 -1.63
CA VAL E 31 -20.34 24.01 -3.05
C VAL E 31 -21.19 22.80 -3.39
N SER E 32 -22.42 23.03 -3.82
CA SER E 32 -23.41 21.97 -4.17
C SER E 32 -23.55 21.87 -5.69
N SER E 33 -23.10 22.84 -6.45
CA SER E 33 -23.31 22.86 -7.93
C SER E 33 -22.29 23.77 -8.62
N VAL E 34 -21.85 23.39 -9.81
CA VAL E 34 -20.92 24.20 -10.63
C VAL E 34 -21.39 24.10 -12.09
N ALA E 35 -21.16 25.17 -12.84
CA ALA E 35 -21.50 25.25 -14.27
C ALA E 35 -20.66 26.34 -14.94
N ILE E 36 -20.54 26.23 -16.26
CA ILE E 36 -20.00 27.29 -17.12
C ILE E 36 -21.19 28.01 -17.72
N THR E 37 -21.25 29.34 -17.61
CA THR E 37 -22.37 30.18 -18.10
C THR E 37 -21.84 31.43 -18.80
N GLY E 38 -22.76 32.30 -19.26
CA GLY E 38 -22.44 33.56 -19.94
C GLY E 38 -22.48 33.47 -21.44
N ASP E 39 -22.73 34.60 -22.10
CA ASP E 39 -22.79 34.64 -23.59
C ASP E 39 -21.46 34.12 -24.16
N ASP E 40 -20.34 34.28 -23.46
CA ASP E 40 -19.00 33.89 -24.03
C ASP E 40 -18.47 32.65 -23.35
N LYS E 41 -19.32 31.93 -22.64
CA LYS E 41 -18.97 30.67 -21.92
C LYS E 41 -17.66 30.86 -21.15
N ASP E 42 -17.55 31.95 -20.41
CA ASP E 42 -16.31 32.40 -19.71
C ASP E 42 -16.61 32.57 -18.20
N GLN E 43 -17.74 32.06 -17.73
CA GLN E 43 -18.15 32.24 -16.33
C GLN E 43 -18.22 30.90 -15.66
N LEU E 44 -17.55 30.79 -14.50
CA LEU E 44 -17.75 29.70 -13.54
C LEU E 44 -18.90 30.13 -12.60
N GLU E 45 -19.95 29.38 -12.58
CA GLU E 45 -21.11 29.66 -11.71
C GLU E 45 -21.16 28.57 -10.66
N VAL E 46 -21.18 28.99 -9.41
CA VAL E 46 -21.08 28.14 -8.20
C VAL E 46 -22.33 28.38 -7.36
N VAL E 47 -22.98 27.32 -6.93
CA VAL E 47 -23.96 27.42 -5.83
C VAL E 47 -23.36 26.76 -4.59
N GLY E 48 -23.38 27.48 -3.48
CA GLY E 48 -22.78 27.04 -2.21
C GLY E 48 -23.40 27.73 -1.03
N VAL E 49 -23.21 27.14 0.14
CA VAL E 49 -23.57 27.67 1.47
C VAL E 49 -22.25 28.05 2.12
N ASP E 50 -22.13 29.33 2.51
CA ASP E 50 -21.04 29.83 3.37
C ASP E 50 -19.69 29.68 2.66
N VAL E 51 -19.63 29.86 1.35
CA VAL E 51 -18.36 29.76 0.56
C VAL E 51 -17.55 31.04 0.72
N ASP E 52 -16.25 30.95 1.04
CA ASP E 52 -15.38 32.13 1.00
C ASP E 52 -15.09 32.41 -0.47
N THR E 53 -15.79 33.37 -1.04
CA THR E 53 -15.72 33.77 -2.46
C THR E 53 -14.28 34.22 -2.80
N ALA E 54 -13.71 35.06 -1.93
CA ALA E 54 -12.39 35.71 -2.14
C ALA E 54 -11.34 34.59 -2.23
N CYS E 55 -11.54 33.51 -1.47
CA CYS E 55 -10.60 32.36 -1.37
C CYS E 55 -10.81 31.40 -2.55
N LEU E 56 -12.04 31.25 -3.03
CA LEU E 56 -12.30 30.52 -4.29
C LEU E 56 -11.60 31.25 -5.45
N VAL E 57 -11.73 32.57 -5.53
CA VAL E 57 -11.12 33.37 -6.63
C VAL E 57 -9.61 33.23 -6.57
N SER E 58 -9.07 33.38 -5.37
CA SER E 58 -7.61 33.34 -5.10
C SER E 58 -7.06 31.97 -5.53
N CYS E 59 -7.82 30.91 -5.27
CA CYS E 59 -7.48 29.52 -5.62
C CYS E 59 -7.49 29.38 -7.17
N LEU E 60 -8.51 29.91 -7.83
CA LEU E 60 -8.61 29.87 -9.32
C LEU E 60 -7.41 30.63 -9.91
N ARG E 61 -7.03 31.74 -9.29
CA ARG E 61 -5.95 32.63 -9.79
C ARG E 61 -4.60 31.94 -9.70
N LYS E 62 -4.31 31.18 -8.63
CA LYS E 62 -2.98 30.52 -8.45
C LYS E 62 -2.93 29.24 -9.28
N LYS E 63 -4.06 28.54 -9.47
CA LYS E 63 -4.07 27.14 -9.98
C LYS E 63 -4.62 27.04 -11.40
N VAL E 64 -5.40 28.00 -11.88
CA VAL E 64 -6.07 27.84 -13.21
C VAL E 64 -5.61 28.92 -14.19
N LEU E 65 -5.92 30.18 -13.95
CA LEU E 65 -5.53 31.30 -14.85
C LEU E 65 -5.50 32.61 -14.06
N ARG E 66 -4.66 33.54 -14.49
CA ARG E 66 -4.39 34.84 -13.78
C ARG E 66 -5.70 35.61 -13.65
N ARG E 67 -6.57 35.60 -14.64
CA ARG E 67 -7.80 36.45 -14.68
C ARG E 67 -9.02 35.66 -14.19
N ALA E 68 -9.44 35.89 -12.96
CA ALA E 68 -10.68 35.38 -12.34
C ALA E 68 -11.22 36.47 -11.42
N ASP E 69 -12.49 36.83 -11.57
CA ASP E 69 -13.11 37.98 -10.86
C ASP E 69 -14.58 37.62 -10.57
N ILE E 70 -14.99 37.72 -9.33
CA ILE E 70 -16.44 37.58 -8.98
C ILE E 70 -17.17 38.66 -9.77
N MET E 71 -18.26 38.32 -10.43
N MET E 71 -18.24 38.29 -10.48
CA MET E 71 -19.04 39.29 -11.24
CA MET E 71 -19.03 39.26 -11.28
C MET E 71 -20.53 39.28 -10.85
C MET E 71 -20.52 39.28 -10.86
N VAL E 72 -21.03 38.24 -10.19
CA VAL E 72 -22.46 38.17 -9.75
C VAL E 72 -22.57 37.44 -8.41
N VAL E 73 -23.42 37.95 -7.52
CA VAL E 73 -23.85 37.25 -6.28
C VAL E 73 -25.36 37.41 -6.17
N GLU E 74 -26.08 36.30 -6.06
CA GLU E 74 -27.55 36.23 -5.84
C GLU E 74 -27.81 35.19 -4.74
N GLU E 75 -28.47 35.59 -3.67
CA GLU E 75 -28.98 34.64 -2.67
C GLU E 75 -30.07 33.80 -3.35
N ALA E 76 -30.04 32.47 -3.19
CA ALA E 76 -31.15 31.54 -3.55
C ALA E 76 -32.31 31.79 -2.59
N LYS E 77 -33.55 31.82 -3.09
CA LYS E 77 -34.79 31.82 -2.25
C LYS E 77 -35.14 30.38 -1.89
N ASP E 78 -35.97 30.15 -0.89
CA ASP E 78 -36.51 28.79 -0.60
C ASP E 78 -37.59 28.46 -1.63
N MET F 1 -1.58 4.30 -9.74
CA MET F 1 -0.48 5.31 -9.89
C MET F 1 -0.73 6.15 -11.14
N LYS F 2 -1.16 5.57 -12.28
CA LYS F 2 -1.38 6.37 -13.51
C LYS F 2 -2.82 6.89 -13.51
N PRO F 3 -3.09 8.14 -14.00
CA PRO F 3 -4.47 8.65 -14.06
C PRO F 3 -5.30 7.76 -15.00
N GLN F 4 -6.55 7.47 -14.64
CA GLN F 4 -7.47 6.68 -15.52
C GLN F 4 -8.58 7.61 -15.98
N LYS F 5 -8.96 7.53 -17.25
CA LYS F 5 -10.19 8.17 -17.77
C LYS F 5 -11.32 7.13 -17.61
N ILE F 6 -12.34 7.45 -16.84
CA ILE F 6 -13.48 6.54 -16.54
C ILE F 6 -14.69 7.19 -17.17
N VAL F 7 -15.42 6.45 -18.02
CA VAL F 7 -16.69 6.98 -18.58
C VAL F 7 -17.84 6.20 -17.95
N ILE F 8 -18.77 6.93 -17.37
CA ILE F 8 -19.95 6.33 -16.68
C ILE F 8 -21.18 6.72 -17.48
N LYS F 9 -21.90 5.73 -18.00
CA LYS F 9 -23.15 6.03 -18.73
C LYS F 9 -24.23 6.33 -17.70
N LEU F 10 -24.86 7.48 -17.82
CA LEU F 10 -26.04 7.84 -17.01
C LEU F 10 -27.27 7.45 -17.81
N GLY F 11 -28.20 6.75 -17.19
CA GLY F 11 -29.47 6.38 -17.84
C GLY F 11 -30.43 7.56 -17.89
N MET F 12 -30.62 8.14 -19.07
CA MET F 12 -31.59 9.20 -19.38
C MET F 12 -31.50 10.31 -18.33
N PRO F 13 -30.36 11.01 -18.29
CA PRO F 13 -30.11 12.09 -17.36
C PRO F 13 -30.78 13.39 -17.78
N SER F 14 -31.53 14.03 -16.86
CA SER F 14 -31.96 15.45 -16.98
C SER F 14 -30.71 16.34 -16.99
N PRO F 15 -30.82 17.59 -17.48
CA PRO F 15 -29.78 18.59 -17.25
C PRO F 15 -29.28 18.62 -15.80
N LYS F 16 -30.23 18.59 -14.84
CA LYS F 16 -29.94 18.70 -13.38
C LYS F 16 -29.09 17.51 -12.98
N ASN F 17 -29.45 16.31 -13.44
CA ASN F 17 -28.69 15.06 -13.13
C ASN F 17 -27.26 15.19 -13.68
N ARG F 18 -27.05 15.76 -14.85
CA ARG F 18 -25.67 15.95 -15.39
C ARG F 18 -24.88 16.82 -14.42
N THR F 19 -25.43 17.97 -14.04
CA THR F 19 -24.75 18.93 -13.16
C THR F 19 -24.44 18.23 -11.82
N LYS F 20 -25.42 17.55 -11.26
CA LYS F 20 -25.27 16.97 -9.92
C LYS F 20 -24.21 15.87 -9.98
N ALA F 21 -24.21 15.10 -11.06
CA ALA F 21 -23.23 14.01 -11.29
C ALA F 21 -21.83 14.62 -11.37
N MET F 22 -21.63 15.73 -12.08
CA MET F 22 -20.29 16.34 -12.20
C MET F 22 -19.81 16.77 -10.81
N VAL F 23 -20.69 17.38 -10.01
CA VAL F 23 -20.30 17.93 -8.69
C VAL F 23 -19.86 16.77 -7.79
N LEU F 24 -20.66 15.71 -7.69
CA LEU F 24 -20.39 14.57 -6.78
C LEU F 24 -19.10 13.89 -7.25
N ALA F 25 -18.91 13.72 -8.55
CA ALA F 25 -17.70 13.09 -9.06
C ALA F 25 -16.50 13.94 -8.66
N ALA F 26 -16.62 15.25 -8.81
CA ALA F 26 -15.49 16.18 -8.58
C ALA F 26 -15.08 16.10 -7.12
N LYS F 27 -16.01 15.88 -6.22
CA LYS F 27 -15.75 15.82 -4.76
C LYS F 27 -15.10 14.47 -4.37
N VAL F 28 -15.09 13.46 -5.22
CA VAL F 28 -14.43 12.18 -4.84
C VAL F 28 -12.91 12.43 -4.83
N TYR F 29 -12.24 11.89 -3.80
CA TYR F 29 -10.78 11.92 -3.61
C TYR F 29 -10.11 11.24 -4.82
N GLY F 30 -9.16 11.95 -5.43
CA GLY F 30 -8.36 11.45 -6.56
C GLY F 30 -8.84 12.00 -7.90
N VAL F 31 -10.08 12.50 -7.94
CA VAL F 31 -10.70 12.99 -9.20
C VAL F 31 -10.10 14.37 -9.48
N SER F 32 -9.47 14.52 -10.64
CA SER F 32 -8.81 15.77 -11.09
C SER F 32 -9.67 16.46 -12.16
N SER F 33 -10.62 15.77 -12.76
CA SER F 33 -11.39 16.33 -13.91
C SER F 33 -12.71 15.63 -14.10
N VAL F 34 -13.75 16.37 -14.46
CA VAL F 34 -15.09 15.80 -14.76
C VAL F 34 -15.63 16.50 -16.01
N ALA F 35 -16.44 15.79 -16.78
CA ALA F 35 -17.10 16.33 -17.99
C ALA F 35 -18.32 15.46 -18.32
N ILE F 36 -19.24 16.06 -19.07
CA ILE F 36 -20.35 15.34 -19.75
C ILE F 36 -19.92 15.13 -21.19
N THR F 37 -19.98 13.91 -21.70
CA THR F 37 -19.53 13.53 -23.06
C THR F 37 -20.54 12.59 -23.72
N GLY F 38 -20.28 12.21 -24.97
CA GLY F 38 -21.09 11.22 -25.72
C GLY F 38 -22.08 11.90 -26.67
N ASP F 39 -22.47 11.22 -27.73
CA ASP F 39 -23.44 11.74 -28.71
C ASP F 39 -24.72 12.20 -28.02
N ASP F 40 -25.10 11.57 -26.93
CA ASP F 40 -26.43 11.82 -26.27
C ASP F 40 -26.22 12.62 -24.98
N LYS F 41 -25.01 13.16 -24.76
CA LYS F 41 -24.66 13.92 -23.55
C LYS F 41 -25.16 13.16 -22.30
N ASP F 42 -24.89 11.87 -22.25
CA ASP F 42 -25.39 10.93 -21.22
C ASP F 42 -24.21 10.28 -20.49
N GLN F 43 -23.00 10.80 -20.66
CA GLN F 43 -21.80 10.17 -20.07
C GLN F 43 -21.16 11.16 -19.11
N LEU F 44 -20.91 10.72 -17.88
CA LEU F 44 -20.03 11.41 -16.93
C LEU F 44 -18.63 10.85 -17.15
N GLU F 45 -17.71 11.68 -17.55
CA GLU F 45 -16.31 11.27 -17.77
C GLU F 45 -15.47 11.86 -16.63
N VAL F 46 -14.72 11.00 -15.97
CA VAL F 46 -13.95 11.29 -14.74
C VAL F 46 -12.48 10.93 -15.03
N VAL F 47 -11.57 11.84 -14.71
CA VAL F 47 -10.14 11.50 -14.67
C VAL F 47 -9.71 11.55 -13.21
N GLY F 48 -8.92 10.57 -12.79
CA GLY F 48 -8.39 10.54 -11.42
C GLY F 48 -7.30 9.51 -11.27
N VAL F 49 -6.60 9.60 -10.14
CA VAL F 49 -5.53 8.66 -9.73
C VAL F 49 -6.09 7.90 -8.54
N ASP F 50 -6.15 6.57 -8.63
CA ASP F 50 -6.50 5.67 -7.49
C ASP F 50 -7.92 5.98 -7.00
N VAL F 51 -8.85 6.24 -7.91
CA VAL F 51 -10.30 6.48 -7.61
C VAL F 51 -10.98 5.15 -7.31
N ASP F 52 -11.77 5.07 -6.26
CA ASP F 52 -12.66 3.90 -6.05
C ASP F 52 -13.84 4.08 -7.02
N THR F 53 -13.77 3.46 -8.20
CA THR F 53 -14.81 3.70 -9.24
C THR F 53 -16.14 3.07 -8.78
N ALA F 54 -16.09 1.94 -8.10
CA ALA F 54 -17.31 1.24 -7.61
C ALA F 54 -18.07 2.19 -6.66
N CYS F 55 -17.33 2.99 -5.87
CA CYS F 55 -17.88 3.93 -4.86
C CYS F 55 -18.35 5.21 -5.55
N LEU F 56 -17.69 5.66 -6.60
CA LEU F 56 -18.22 6.76 -7.42
C LEU F 56 -19.56 6.35 -8.03
N VAL F 57 -19.64 5.16 -8.61
CA VAL F 57 -20.87 4.68 -9.31
C VAL F 57 -21.99 4.55 -8.28
N SER F 58 -21.66 3.96 -7.14
CA SER F 58 -22.60 3.70 -6.02
C SER F 58 -23.16 5.05 -5.53
N CYS F 59 -22.31 6.08 -5.48
CA CYS F 59 -22.69 7.44 -5.06
C CYS F 59 -23.66 8.02 -6.08
N LEU F 60 -23.35 7.89 -7.38
CA LEU F 60 -24.23 8.40 -8.45
C LEU F 60 -25.60 7.71 -8.35
N ARG F 61 -25.60 6.41 -8.05
CA ARG F 61 -26.82 5.58 -8.05
C ARG F 61 -27.72 5.99 -6.88
N LYS F 62 -27.18 6.29 -5.70
CA LYS F 62 -28.01 6.60 -4.50
C LYS F 62 -28.47 8.05 -4.56
N LYS F 63 -27.68 8.96 -5.15
CA LYS F 63 -27.86 10.41 -4.94
C LYS F 63 -28.29 11.10 -6.23
N VAL F 64 -28.09 10.52 -7.41
CA VAL F 64 -28.41 11.22 -8.68
C VAL F 64 -29.51 10.51 -9.46
N LEU F 65 -29.27 9.29 -9.96
CA LEU F 65 -30.26 8.52 -10.76
C LEU F 65 -29.93 7.02 -10.70
N ARG F 66 -30.97 6.17 -10.87
CA ARG F 66 -30.89 4.71 -10.70
C ARG F 66 -29.77 4.14 -11.59
N ARG F 67 -29.67 4.61 -12.84
CA ARG F 67 -28.83 3.97 -13.88
C ARG F 67 -27.51 4.73 -14.02
N ALA F 68 -26.44 4.12 -13.53
CA ALA F 68 -25.06 4.59 -13.78
C ALA F 68 -24.16 3.37 -13.92
N ASP F 69 -23.40 3.28 -15.00
CA ASP F 69 -22.55 2.08 -15.30
C ASP F 69 -21.26 2.52 -15.96
N ILE F 70 -20.13 2.07 -15.45
CA ILE F 70 -18.84 2.26 -16.14
C ILE F 70 -18.97 1.62 -17.49
N MET F 71 -18.58 2.35 -18.55
N MET F 71 -18.54 2.31 -18.55
CA MET F 71 -18.67 1.85 -19.95
CA MET F 71 -18.60 1.72 -19.91
C MET F 71 -17.33 2.00 -20.68
C MET F 71 -17.29 1.95 -20.67
N VAL F 72 -16.41 2.84 -20.19
CA VAL F 72 -15.06 3.02 -20.81
C VAL F 72 -14.01 3.23 -19.72
N VAL F 73 -12.84 2.63 -19.92
CA VAL F 73 -11.65 2.88 -19.10
C VAL F 73 -10.46 2.99 -20.05
N GLU F 74 -9.74 4.12 -19.96
CA GLU F 74 -8.45 4.35 -20.64
C GLU F 74 -7.44 4.87 -19.60
N GLU F 75 -6.32 4.19 -19.44
CA GLU F 75 -5.17 4.75 -18.71
C GLU F 75 -4.67 5.95 -19.51
N ALA F 76 -4.40 7.08 -18.84
CA ALA F 76 -3.71 8.27 -19.41
C ALA F 76 -2.23 7.94 -19.63
N LYS F 77 -1.65 8.34 -20.75
CA LYS F 77 -0.19 8.18 -21.02
C LYS F 77 0.59 9.35 -20.40
N ASP F 78 1.87 9.18 -20.09
CA ASP F 78 2.84 10.31 -20.10
C ASP F 78 3.31 10.48 -21.55
N MET G 1 -32.24 14.27 4.37
CA MET G 1 -31.64 13.12 5.15
C MET G 1 -30.98 13.68 6.43
N LYS G 2 -31.06 12.92 7.54
CA LYS G 2 -30.64 13.38 8.88
C LYS G 2 -29.14 13.12 9.04
N PRO G 3 -28.41 13.95 9.81
CA PRO G 3 -27.00 13.68 10.11
C PRO G 3 -26.88 12.35 10.89
N GLN G 4 -25.88 11.54 10.59
CA GLN G 4 -25.62 10.25 11.27
C GLN G 4 -24.30 10.39 12.02
N LYS G 5 -24.19 9.82 13.22
CA LYS G 5 -22.92 9.59 13.90
C LYS G 5 -22.45 8.20 13.47
N ILE G 6 -21.27 8.09 12.85
CA ILE G 6 -20.69 6.80 12.42
C ILE G 6 -19.42 6.59 13.24
N VAL G 7 -19.26 5.47 13.91
CA VAL G 7 -18.00 5.17 14.63
C VAL G 7 -17.31 4.01 13.93
N ILE G 8 -16.04 4.20 13.59
CA ILE G 8 -15.23 3.17 12.88
C ILE G 8 -14.10 2.77 13.80
N LYS G 9 -14.00 1.50 14.12
CA LYS G 9 -12.89 0.99 14.96
C LYS G 9 -11.67 0.84 14.05
N LEU G 10 -10.58 1.46 14.41
CA LEU G 10 -9.26 1.23 13.76
C LEU G 10 -8.56 0.13 14.54
N GLY G 11 -8.05 -0.87 13.85
CA GLY G 11 -7.30 -1.96 14.48
C GLY G 11 -5.87 -1.54 14.74
N MET G 12 -5.56 -1.41 16.04
CA MET G 12 -4.21 -1.13 16.57
C MET G 12 -3.56 0.03 15.83
N PRO G 13 -4.18 1.22 15.94
CA PRO G 13 -3.75 2.39 15.18
C PRO G 13 -2.57 3.06 15.88
N SER G 14 -1.50 3.37 15.13
CA SER G 14 -0.49 4.37 15.55
C SER G 14 -1.16 5.74 15.71
N PRO G 15 -0.57 6.67 16.49
CA PRO G 15 -0.99 8.06 16.47
C PRO G 15 -1.15 8.60 15.03
N LYS G 16 -0.19 8.29 14.14
CA LYS G 16 -0.16 8.76 12.73
C LYS G 16 -1.43 8.25 12.03
N ASN G 17 -1.77 6.98 12.20
CA ASN G 17 -2.98 6.35 11.61
C ASN G 17 -4.23 7.11 12.10
N ARG G 18 -4.31 7.47 13.37
CA ARG G 18 -5.50 8.22 13.87
C ARG G 18 -5.59 9.55 13.09
N THR G 19 -4.49 10.29 13.02
CA THR G 19 -4.48 11.62 12.37
C THR G 19 -4.88 11.43 10.89
N LYS G 20 -4.29 10.46 10.21
CA LYS G 20 -4.49 10.28 8.77
C LYS G 20 -5.96 9.92 8.53
N ALA G 21 -6.51 9.08 9.38
CA ALA G 21 -7.92 8.68 9.31
C ALA G 21 -8.83 9.90 9.49
N MET G 22 -8.53 10.78 10.43
CA MET G 22 -9.38 11.98 10.66
C MET G 22 -9.37 12.86 9.41
N VAL G 23 -8.20 13.04 8.80
CA VAL G 23 -8.06 13.97 7.65
C VAL G 23 -8.87 13.42 6.48
N LEU G 24 -8.69 12.15 6.14
CA LEU G 24 -9.41 11.51 4.99
C LEU G 24 -10.92 11.55 5.25
N ALA G 25 -11.35 11.27 6.46
CA ALA G 25 -12.79 11.27 6.77
C ALA G 25 -13.31 12.69 6.56
N ALA G 26 -12.56 13.69 7.04
CA ALA G 26 -13.00 15.10 7.04
C ALA G 26 -13.20 15.56 5.60
N LYS G 27 -12.38 15.05 4.68
CA LYS G 27 -12.45 15.48 3.25
C LYS G 27 -13.61 14.81 2.53
N VAL G 28 -14.26 13.78 3.08
CA VAL G 28 -15.41 13.16 2.36
C VAL G 28 -16.57 14.16 2.36
N TYR G 29 -17.25 14.30 1.21
CA TYR G 29 -18.49 15.12 1.01
C TYR G 29 -19.55 14.64 1.99
N GLY G 30 -20.10 15.57 2.76
CA GLY G 30 -21.16 15.31 3.74
C GLY G 30 -20.66 15.21 5.15
N VAL G 31 -19.37 14.98 5.35
CA VAL G 31 -18.76 14.90 6.71
C VAL G 31 -18.64 16.32 7.26
N SER G 32 -19.28 16.58 8.40
CA SER G 32 -19.29 17.91 9.09
C SER G 32 -18.37 17.87 10.31
N SER G 33 -17.96 16.69 10.79
CA SER G 33 -17.15 16.59 12.05
C SER G 33 -16.41 15.25 12.09
N VAL G 34 -15.20 15.25 12.62
CA VAL G 34 -14.43 14.00 12.87
C VAL G 34 -13.79 14.10 14.26
N ALA G 35 -13.62 12.97 14.92
CA ALA G 35 -12.94 12.87 16.22
C ALA G 35 -12.40 11.46 16.39
N ILE G 36 -11.46 11.34 17.33
CA ILE G 36 -10.98 10.06 17.87
C ILE G 36 -11.69 9.86 19.19
N THR G 37 -12.32 8.72 19.41
CA THR G 37 -13.14 8.39 20.59
C THR G 37 -12.86 6.96 21.04
N GLY G 38 -13.51 6.54 22.12
CA GLY G 38 -13.37 5.19 22.68
C GLY G 38 -12.42 5.14 23.85
N ASP G 39 -12.61 4.16 24.73
CA ASP G 39 -11.75 3.95 25.89
C ASP G 39 -10.28 3.82 25.45
N ASP G 40 -10.02 3.27 24.26
CA ASP G 40 -8.66 2.93 23.80
C ASP G 40 -8.23 3.91 22.72
N LYS G 41 -8.95 5.00 22.53
CA LYS G 41 -8.64 6.04 21.52
C LYS G 41 -8.31 5.37 20.17
N ASP G 42 -9.15 4.43 19.75
CA ASP G 42 -8.95 3.61 18.53
C ASP G 42 -10.16 3.77 17.59
N GLN G 43 -11.01 4.75 17.84
CA GLN G 43 -12.25 4.93 17.06
C GLN G 43 -12.19 6.27 16.32
N LEU G 44 -12.45 6.21 15.01
CA LEU G 44 -12.74 7.38 14.18
C LEU G 44 -14.24 7.60 14.24
N GLU G 45 -14.67 8.73 14.75
CA GLU G 45 -16.10 9.07 14.80
C GLU G 45 -16.34 10.19 13.80
N VAL G 46 -17.31 9.98 12.93
CA VAL G 46 -17.67 10.86 11.79
C VAL G 46 -19.12 11.27 11.95
N VAL G 47 -19.40 12.55 11.83
CA VAL G 47 -20.78 13.03 11.69
C VAL G 47 -20.91 13.54 10.27
N GLY G 48 -21.99 13.15 9.59
CA GLY G 48 -22.26 13.58 8.22
C GLY G 48 -23.67 13.36 7.81
N VAL G 49 -24.04 13.98 6.69
CA VAL G 49 -25.34 13.79 5.99
C VAL G 49 -25.04 12.95 4.74
N ASP G 50 -25.69 11.80 4.62
CA ASP G 50 -25.70 10.99 3.39
C ASP G 50 -24.28 10.49 3.06
N VAL G 51 -23.49 10.13 4.06
CA VAL G 51 -22.12 9.58 3.90
C VAL G 51 -22.20 8.10 3.51
N ASP G 52 -21.50 7.68 2.48
CA ASP G 52 -21.39 6.25 2.13
C ASP G 52 -20.37 5.66 3.11
N THR G 53 -20.85 5.01 4.15
CA THR G 53 -19.97 4.47 5.21
C THR G 53 -19.09 3.35 4.65
N ALA G 54 -19.63 2.50 3.78
CA ALA G 54 -18.89 1.35 3.20
C ALA G 54 -17.68 1.89 2.42
N CYS G 55 -17.86 3.06 1.79
CA CYS G 55 -16.84 3.71 0.93
C CYS G 55 -15.83 4.47 1.81
N LEU G 56 -16.28 5.06 2.91
CA LEU G 56 -15.34 5.65 3.91
C LEU G 56 -14.44 4.53 4.46
N VAL G 57 -15.02 3.39 4.84
CA VAL G 57 -14.24 2.27 5.45
C VAL G 57 -13.23 1.75 4.43
N SER G 58 -13.70 1.57 3.22
CA SER G 58 -12.89 1.03 2.10
C SER G 58 -11.69 1.97 1.86
N CYS G 59 -11.92 3.26 1.93
CA CYS G 59 -10.89 4.31 1.75
C CYS G 59 -9.87 4.22 2.91
N LEU G 60 -10.33 4.09 4.13
CA LEU G 60 -9.45 3.95 5.31
C LEU G 60 -8.60 2.69 5.16
N ARG G 61 -9.19 1.62 4.64
CA ARG G 61 -8.52 0.31 4.51
C ARG G 61 -7.39 0.38 3.49
N LYS G 62 -7.58 1.07 2.37
CA LYS G 62 -6.56 1.11 1.27
C LYS G 62 -5.48 2.12 1.62
N LYS G 63 -5.80 3.19 2.35
CA LYS G 63 -4.91 4.37 2.49
C LYS G 63 -4.31 4.49 3.90
N VAL G 64 -4.92 3.90 4.93
CA VAL G 64 -4.45 4.13 6.33
C VAL G 64 -3.99 2.82 6.98
N LEU G 65 -4.89 1.87 7.21
CA LEU G 65 -4.55 0.60 7.88
C LEU G 65 -5.56 -0.49 7.50
N ARG G 66 -5.10 -1.74 7.49
CA ARG G 66 -5.88 -2.91 7.00
C ARG G 66 -7.17 -3.01 7.82
N ARG G 67 -7.13 -2.77 9.14
CA ARG G 67 -8.29 -3.01 10.05
C ARG G 67 -9.06 -1.72 10.30
N ALA G 68 -10.19 -1.56 9.64
CA ALA G 68 -11.20 -0.50 9.90
C ALA G 68 -12.60 -1.11 9.75
N ASP G 69 -13.45 -0.97 10.76
CA ASP G 69 -14.79 -1.61 10.79
C ASP G 69 -15.77 -0.67 11.48
N ILE G 70 -16.90 -0.43 10.84
CA ILE G 70 -18.02 0.33 11.48
C ILE G 70 -18.39 -0.45 12.73
N MET G 71 -18.54 0.24 13.84
N MET G 71 -18.51 0.24 13.84
CA MET G 71 -18.94 -0.37 15.13
CA MET G 71 -18.91 -0.37 15.15
C MET G 71 -20.20 0.32 15.71
C MET G 71 -20.15 0.33 15.73
N VAL G 72 -20.52 1.54 15.28
CA VAL G 72 -21.70 2.30 15.82
C VAL G 72 -22.31 3.15 14.73
N VAL G 73 -23.65 3.21 14.69
CA VAL G 73 -24.43 4.17 13.88
C VAL G 73 -25.55 4.70 14.76
N GLU G 74 -25.68 6.02 14.89
CA GLU G 74 -26.78 6.73 15.59
C GLU G 74 -27.23 7.88 14.68
N GLU G 75 -28.50 7.90 14.31
CA GLU G 75 -29.11 9.10 13.70
C GLU G 75 -29.09 10.21 14.73
N ALA G 76 -28.65 11.42 14.36
CA ALA G 76 -28.79 12.66 15.17
C ALA G 76 -30.27 13.08 15.16
N LYS G 77 -30.83 13.48 16.29
CA LYS G 77 -32.15 14.20 16.34
C LYS G 77 -31.89 15.70 16.13
N ASP G 78 -32.89 16.44 15.67
CA ASP G 78 -32.67 17.78 15.03
C ASP G 78 -32.38 18.84 16.10
N MET H 1 5.43 24.17 -2.59
CA MET H 1 6.08 22.93 -3.14
C MET H 1 6.59 22.05 -1.98
N LYS H 2 7.25 22.58 -0.94
CA LYS H 2 7.57 21.74 0.25
C LYS H 2 6.40 21.81 1.22
N PRO H 3 6.05 20.73 1.95
CA PRO H 3 5.00 20.77 2.96
C PRO H 3 5.38 21.77 4.06
N GLN H 4 4.44 22.58 4.54
CA GLN H 4 4.70 23.55 5.65
C GLN H 4 3.89 23.09 6.86
N LYS H 5 4.46 23.18 8.05
CA LYS H 5 3.75 22.98 9.32
C LYS H 5 3.31 24.37 9.74
N ILE H 6 2.01 24.61 9.87
CA ILE H 6 1.45 25.93 10.26
C ILE H 6 0.81 25.72 11.61
N VAL H 7 1.15 26.52 12.61
CA VAL H 7 0.48 26.47 13.93
C VAL H 7 -0.35 27.75 14.06
N ILE H 8 -1.63 27.58 14.35
CA ILE H 8 -2.59 28.70 14.47
C ILE H 8 -3.05 28.72 15.92
N LYS H 9 -2.83 29.84 16.62
CA LYS H 9 -3.31 29.95 18.00
C LYS H 9 -4.80 30.30 17.93
N LEU H 10 -5.62 29.49 18.60
CA LEU H 10 -7.06 29.78 18.75
C LEU H 10 -7.23 30.50 20.07
N GLY H 11 -7.92 31.63 20.05
CA GLY H 11 -8.19 32.41 21.27
C GLY H 11 -9.36 31.80 22.00
N MET H 12 -9.11 31.20 23.16
CA MET H 12 -10.17 30.67 24.07
C MET H 12 -11.05 29.72 23.27
N PRO H 13 -10.47 28.61 22.79
CA PRO H 13 -11.26 27.58 22.12
C PRO H 13 -11.98 26.67 23.13
N SER H 14 -13.30 26.51 23.00
CA SER H 14 -14.07 25.38 23.58
C SER H 14 -13.58 24.10 22.92
N PRO H 15 -13.81 22.92 23.54
CA PRO H 15 -13.63 21.64 22.82
C PRO H 15 -14.34 21.65 21.43
N LYS H 16 -15.54 22.19 21.34
CA LYS H 16 -16.35 22.27 20.07
C LYS H 16 -15.54 23.07 19.02
N ASN H 17 -14.98 24.21 19.42
CA ASN H 17 -14.18 25.08 18.54
C ASN H 17 -12.94 24.29 18.07
N ARG H 18 -12.29 23.50 18.92
CA ARG H 18 -11.12 22.70 18.49
C ARG H 18 -11.57 21.76 17.38
N THR H 19 -12.64 21.01 17.58
CA THR H 19 -13.11 20.01 16.62
C THR H 19 -13.45 20.74 15.32
N LYS H 20 -14.18 21.84 15.41
CA LYS H 20 -14.68 22.55 14.20
C LYS H 20 -13.48 23.09 13.42
N ALA H 21 -12.49 23.59 14.13
CA ALA H 21 -11.24 24.09 13.52
C ALA H 21 -10.52 22.96 12.79
N MET H 22 -10.42 21.78 13.40
CA MET H 22 -9.71 20.66 12.74
C MET H 22 -10.44 20.28 11.47
N VAL H 23 -11.77 20.23 11.50
CA VAL H 23 -12.56 19.76 10.34
C VAL H 23 -12.37 20.74 9.18
N LEU H 24 -12.53 22.04 9.43
CA LEU H 24 -12.42 23.10 8.39
C LEU H 24 -10.99 23.06 7.83
N ALA H 25 -9.99 22.96 8.66
CA ALA H 25 -8.60 22.93 8.19
C ALA H 25 -8.43 21.70 7.29
N ALA H 26 -8.95 20.55 7.71
CA ALA H 26 -8.76 19.28 7.00
C ALA H 26 -9.39 19.37 5.60
N LYS H 27 -10.48 20.12 5.45
CA LYS H 27 -11.19 20.26 4.16
C LYS H 27 -10.45 21.24 3.24
N VAL H 28 -9.51 22.03 3.70
CA VAL H 28 -8.80 22.98 2.79
C VAL H 28 -7.91 22.12 1.86
N TYR H 29 -7.92 22.46 0.57
CA TYR H 29 -7.09 21.83 -0.48
C TYR H 29 -5.62 22.00 -0.10
N GLY H 30 -4.89 20.88 -0.11
CA GLY H 30 -3.45 20.87 0.20
C GLY H 30 -3.14 20.39 1.59
N VAL H 31 -4.12 20.44 2.48
CA VAL H 31 -3.93 20.05 3.91
C VAL H 31 -3.93 18.52 3.96
N SER H 32 -2.84 17.94 4.47
CA SER H 32 -2.65 16.48 4.59
C SER H 32 -2.82 16.06 6.05
N SER H 33 -2.75 16.97 7.01
CA SER H 33 -2.77 16.60 8.45
C SER H 33 -3.24 17.77 9.31
N VAL H 34 -3.99 17.49 10.36
CA VAL H 34 -4.45 18.50 11.35
C VAL H 34 -4.33 17.89 12.74
N ALA H 35 -4.04 18.73 13.73
CA ALA H 35 -3.96 18.32 15.13
C ALA H 35 -4.14 19.55 16.03
N ILE H 36 -4.51 19.27 17.27
CA ILE H 36 -4.53 20.27 18.37
C ILE H 36 -3.25 20.04 19.16
N THR H 37 -2.48 21.09 19.41
CA THR H 37 -1.17 21.03 20.11
C THR H 37 -1.04 22.20 21.08
N GLY H 38 0.07 22.22 21.80
CA GLY H 38 0.41 23.32 22.74
C GLY H 38 0.14 22.94 24.18
N ASP H 39 0.81 23.58 25.11
CA ASP H 39 0.61 23.34 26.55
C ASP H 39 -0.86 23.55 26.93
N ASP H 40 -1.58 24.43 26.26
CA ASP H 40 -2.97 24.80 26.63
C ASP H 40 -3.95 24.19 25.64
N LYS H 41 -3.51 23.28 24.78
CA LYS H 41 -4.36 22.64 23.75
C LYS H 41 -5.20 23.70 23.03
N ASP H 42 -4.58 24.80 22.61
CA ASP H 42 -5.23 25.98 22.00
C ASP H 42 -4.62 26.25 20.62
N GLN H 43 -3.88 25.28 20.07
CA GLN H 43 -3.22 25.46 18.77
C GLN H 43 -3.78 24.45 17.79
N LEU H 44 -4.19 24.95 16.64
CA LEU H 44 -4.53 24.14 15.44
C LEU H 44 -3.24 24.03 14.62
N GLU H 45 -2.73 22.83 14.47
CA GLU H 45 -1.50 22.62 13.70
C GLU H 45 -1.90 21.89 12.40
N VAL H 46 -1.48 22.45 11.29
CA VAL H 46 -1.88 22.07 9.92
C VAL H 46 -0.62 21.76 9.13
N VAL H 47 -0.58 20.63 8.47
CA VAL H 47 0.47 20.36 7.46
C VAL H 47 -0.20 20.36 6.09
N GLY H 48 0.42 21.04 5.15
CA GLY H 48 0.01 20.94 3.73
C GLY H 48 1.03 21.46 2.76
N VAL H 49 0.73 21.23 1.48
CA VAL H 49 1.51 21.73 0.34
C VAL H 49 0.69 22.84 -0.31
N ASP H 50 1.24 24.06 -0.41
CA ASP H 50 0.66 25.15 -1.24
C ASP H 50 -0.71 25.54 -0.65
N VAL H 51 -0.82 25.58 0.67
CA VAL H 51 -2.06 25.99 1.40
C VAL H 51 -2.17 27.50 1.38
N ASP H 52 -3.34 28.06 1.05
CA ASP H 52 -3.54 29.51 1.26
C ASP H 52 -3.79 29.70 2.75
N THR H 53 -2.76 30.05 3.51
CA THR H 53 -2.86 30.13 4.98
C THR H 53 -3.75 31.34 5.33
N ALA H 54 -3.68 32.42 4.58
CA ALA H 54 -4.49 33.64 4.83
C ALA H 54 -5.99 33.26 4.78
N CYS H 55 -6.35 32.34 3.87
CA CYS H 55 -7.73 31.87 3.63
C CYS H 55 -8.13 30.84 4.69
N LEU H 56 -7.20 29.99 5.14
CA LEU H 56 -7.47 29.10 6.28
C LEU H 56 -7.79 29.96 7.51
N VAL H 57 -6.98 30.97 7.79
CA VAL H 57 -7.14 31.80 9.02
C VAL H 57 -8.48 32.54 8.93
N SER H 58 -8.73 33.10 7.77
CA SER H 58 -9.95 33.90 7.47
C SER H 58 -11.18 33.02 7.69
N CYS H 59 -11.10 31.76 7.28
CA CYS H 59 -12.19 30.77 7.40
C CYS H 59 -12.40 30.47 8.89
N LEU H 60 -11.33 30.26 9.67
CA LEU H 60 -11.45 29.99 11.12
C LEU H 60 -12.10 31.19 11.79
N ARG H 61 -11.73 32.39 11.36
CA ARG H 61 -12.21 33.65 11.99
C ARG H 61 -13.70 33.84 11.74
N LYS H 62 -14.22 33.54 10.55
CA LYS H 62 -15.65 33.80 10.20
C LYS H 62 -16.52 32.67 10.76
N LYS H 63 -15.99 31.44 10.85
CA LYS H 63 -16.85 30.25 11.06
C LYS H 63 -16.63 29.64 12.45
N VAL H 64 -15.51 29.89 13.12
CA VAL H 64 -15.21 29.17 14.39
C VAL H 64 -15.10 30.17 15.55
N LEU H 65 -14.13 31.06 15.54
CA LEU H 65 -13.93 32.05 16.64
C LEU H 65 -13.14 33.27 16.15
N ARG H 66 -13.35 34.42 16.80
CA ARG H 66 -12.80 35.75 16.43
C ARG H 66 -11.26 35.64 16.32
N ARG H 67 -10.63 34.95 17.27
CA ARG H 67 -9.16 34.99 17.49
C ARG H 67 -8.56 33.72 16.91
N ALA H 68 -7.95 33.85 15.73
CA ALA H 68 -7.07 32.82 15.14
C ALA H 68 -5.89 33.54 14.51
N ASP H 69 -4.68 33.14 14.90
CA ASP H 69 -3.43 33.82 14.44
C ASP H 69 -2.35 32.79 14.20
N ILE H 70 -1.74 32.84 13.03
CA ILE H 70 -0.54 32.00 12.75
C ILE H 70 0.49 32.41 13.78
N MET H 71 1.10 31.43 14.44
N MET H 71 1.23 31.48 14.34
CA MET H 71 2.11 31.67 15.50
CA MET H 71 2.32 31.88 15.26
C MET H 71 3.40 30.88 15.22
C MET H 71 3.51 30.93 15.14
N VAL H 72 3.36 29.85 14.37
CA VAL H 72 4.55 29.02 14.00
C VAL H 72 4.46 28.58 12.55
N VAL H 73 5.58 28.63 11.86
CA VAL H 73 5.77 28.11 10.49
C VAL H 73 7.09 27.36 10.47
N GLU H 74 7.06 26.09 10.11
CA GLU H 74 8.24 25.24 9.87
C GLU H 74 8.04 24.51 8.55
N GLU H 75 8.92 24.71 7.60
CA GLU H 75 9.01 23.87 6.39
C GLU H 75 9.36 22.45 6.85
N ALA H 76 8.65 21.44 6.35
CA ALA H 76 9.02 20.00 6.50
C ALA H 76 10.29 19.73 5.68
N LYS H 77 11.25 18.97 6.23
CA LYS H 77 12.37 18.39 5.44
C LYS H 77 11.90 17.07 4.83
N ASP H 78 12.70 16.50 3.94
CA ASP H 78 12.48 15.17 3.31
C ASP H 78 12.75 14.06 4.35
N ASN I 5 48.31 17.60 -8.47
CA ASN I 5 47.99 16.38 -7.68
C ASN I 5 46.69 16.59 -6.90
N GLU I 6 45.82 15.57 -6.85
CA GLU I 6 44.44 15.67 -6.30
C GLU I 6 44.48 15.54 -4.77
N TYR I 7 45.44 14.84 -4.16
CA TYR I 7 45.56 14.75 -2.68
C TYR I 7 46.07 16.09 -2.10
N ILE I 8 46.97 16.78 -2.80
CA ILE I 8 47.52 18.05 -2.26
C ILE I 8 46.41 19.09 -2.23
N ASP I 9 45.63 19.19 -3.31
CA ASP I 9 44.47 20.12 -3.39
C ASP I 9 43.49 19.81 -2.25
N ALA I 10 43.20 18.54 -2.03
CA ALA I 10 42.32 18.07 -0.95
C ALA I 10 42.92 18.48 0.40
N LYS I 11 44.23 18.28 0.58
CA LYS I 11 44.94 18.63 1.84
C LYS I 11 44.79 20.14 2.07
N LYS I 12 44.86 20.96 1.02
CA LYS I 12 44.72 22.44 1.14
C LYS I 12 43.34 22.79 1.70
N HIS I 13 42.32 21.97 1.41
CA HIS I 13 40.91 22.26 1.78
C HIS I 13 40.52 21.50 3.05
N GLY I 14 41.49 21.00 3.82
CA GLY I 14 41.30 20.49 5.20
C GLY I 14 41.00 19.00 5.24
N ILE I 15 41.21 18.29 4.13
CA ILE I 15 40.96 16.83 4.02
C ILE I 15 42.25 16.09 4.37
N ASP I 16 42.13 15.12 5.29
CA ASP I 16 43.22 14.23 5.76
C ASP I 16 42.64 12.83 5.98
N LEU I 17 42.98 11.88 5.09
CA LEU I 17 42.42 10.52 5.08
C LEU I 17 42.76 9.81 6.40
N SER I 18 43.94 10.08 6.98
CA SER I 18 44.37 9.39 8.23
C SER I 18 43.46 9.79 9.40
N ARG I 19 42.67 10.85 9.24
CA ARG I 19 41.79 11.42 10.30
C ARG I 19 40.32 11.27 9.91
N GLU I 20 40.02 10.58 8.81
CA GLU I 20 38.63 10.30 8.35
C GLU I 20 38.08 9.14 9.20
N ARG I 21 36.86 9.27 9.70
CA ARG I 21 36.16 8.10 10.32
C ARG I 21 36.02 6.99 9.27
N ALA I 22 36.22 5.75 9.70
CA ALA I 22 36.24 4.56 8.84
C ALA I 22 34.93 4.48 8.07
N PRO I 23 34.92 3.92 6.86
CA PRO I 23 33.67 3.64 6.17
C PRO I 23 32.81 2.72 7.05
N ASN I 24 31.51 2.79 6.85
CA ASN I 24 30.56 1.85 7.45
C ASN I 24 30.31 0.71 6.46
N PHE I 25 30.98 -0.42 6.63
CA PHE I 25 31.01 -1.56 5.71
C PHE I 25 31.00 -2.84 6.55
N VAL I 26 30.72 -3.96 5.92
CA VAL I 26 30.90 -5.31 6.53
C VAL I 26 31.76 -6.14 5.60
N ASP I 27 32.49 -7.11 6.14
CA ASP I 27 33.04 -8.21 5.32
C ASP I 27 31.93 -9.25 5.15
N HIS I 28 31.53 -9.50 3.92
CA HIS I 28 30.49 -10.50 3.60
C HIS I 28 31.12 -11.88 3.66
N PRO I 29 30.40 -12.90 4.18
CA PRO I 29 30.83 -14.29 4.06
C PRO I 29 30.91 -14.73 2.59
N GLY I 30 31.92 -15.53 2.25
CA GLY I 30 32.00 -16.26 0.98
C GLY I 30 32.63 -15.44 -0.12
N ILE I 31 33.03 -14.20 0.14
CA ILE I 31 33.82 -13.38 -0.82
C ILE I 31 35.01 -12.78 -0.10
N PRO I 32 36.10 -12.43 -0.82
CA PRO I 32 37.30 -11.91 -0.19
C PRO I 32 36.99 -10.56 0.43
N PRO I 33 37.65 -10.17 1.53
CA PRO I 33 37.49 -8.83 2.05
C PRO I 33 38.08 -7.78 1.09
N SER I 34 37.45 -6.63 1.04
CA SER I 34 37.94 -5.44 0.31
C SER I 34 39.17 -4.90 1.06
N ASP I 35 40.21 -4.50 0.32
CA ASP I 35 41.51 -4.12 0.90
C ASP I 35 41.72 -2.60 0.74
N CYS I 36 40.75 -1.85 0.20
CA CYS I 36 40.85 -0.39 0.02
C CYS I 36 39.65 0.29 0.69
N PHE I 37 39.87 1.47 1.26
CA PHE I 37 38.83 2.44 1.62
C PHE I 37 38.78 3.52 0.51
N TRP I 38 37.59 4.03 0.23
CA TRP I 38 37.42 5.23 -0.60
C TRP I 38 36.54 6.20 0.17
N PHE I 39 36.81 7.48 -0.06
CA PHE I 39 36.14 8.63 0.57
C PHE I 39 35.73 9.57 -0.57
N LEU I 40 34.46 9.97 -0.54
CA LEU I 40 33.83 10.72 -1.63
C LEU I 40 33.40 12.09 -1.10
N TYR I 41 33.78 13.14 -1.83
CA TYR I 41 33.62 14.55 -1.39
C TYR I 41 32.96 15.34 -2.51
N LYS I 42 32.02 16.21 -2.13
CA LYS I 42 31.45 17.27 -2.98
C LYS I 42 31.86 18.63 -2.42
N ASN I 43 32.57 19.44 -3.21
CA ASN I 43 33.14 20.72 -2.75
C ASN I 43 33.85 20.46 -1.41
N TYR I 44 34.65 19.37 -1.37
CA TYR I 44 35.59 19.02 -0.28
C TYR I 44 34.85 18.62 1.00
N VAL I 45 33.55 18.35 0.95
CA VAL I 45 32.77 17.88 2.12
C VAL I 45 32.48 16.39 1.89
N ARG I 46 32.89 15.55 2.84
CA ARG I 46 32.65 14.09 2.76
C ARG I 46 31.14 13.83 2.63
N GLN I 47 30.75 13.10 1.59
CA GLN I 47 29.35 12.70 1.33
C GLN I 47 29.18 11.26 1.74
N ASN I 48 30.20 10.44 1.53
CA ASN I 48 30.12 9.00 1.86
C ASN I 48 31.51 8.40 1.79
N ALA I 49 31.62 7.14 2.20
CA ALA I 49 32.86 6.35 2.16
C ALA I 49 32.44 4.90 2.03
N GLY I 50 33.37 4.08 1.57
CA GLY I 50 33.10 2.68 1.28
C GLY I 50 34.40 1.93 1.12
N VAL I 51 34.30 0.68 0.68
CA VAL I 51 35.48 -0.20 0.51
C VAL I 51 35.44 -0.72 -0.91
N CYS I 52 36.58 -1.11 -1.45
CA CYS I 52 36.67 -1.64 -2.82
C CYS I 52 37.92 -2.53 -2.87
N GLN I 53 38.09 -3.21 -4.00
CA GLN I 53 39.19 -4.18 -4.17
C GLN I 53 40.32 -3.47 -4.91
N SER I 54 41.55 -3.67 -4.46
CA SER I 54 42.76 -3.16 -5.15
C SER I 54 42.83 -3.80 -6.54
N ASP I 55 43.52 -3.15 -7.49
CA ASP I 55 43.86 -3.71 -8.81
C ASP I 55 42.58 -4.17 -9.53
N TRP I 56 41.61 -3.28 -9.63
CA TRP I 56 40.24 -3.61 -10.04
C TRP I 56 39.46 -2.33 -10.37
N SER I 57 38.16 -2.43 -10.56
CA SER I 57 37.30 -1.25 -10.79
C SER I 57 35.94 -1.54 -10.22
N PHE I 58 35.19 -0.49 -10.01
CA PHE I 58 33.77 -0.60 -9.64
C PHE I 58 33.04 0.57 -10.29
N ASP I 59 31.74 0.41 -10.40
CA ASP I 59 30.85 1.44 -10.97
C ASP I 59 30.11 2.06 -9.80
N MET I 60 30.01 3.39 -9.76
CA MET I 60 29.20 4.03 -8.72
C MET I 60 28.58 5.33 -9.17
N LYS I 61 27.53 5.68 -8.44
CA LYS I 61 26.79 6.93 -8.64
C LYS I 61 27.55 8.03 -7.90
N ILE I 62 28.11 8.97 -8.65
CA ILE I 62 28.73 10.19 -8.07
C ILE I 62 27.86 11.34 -8.56
N GLY I 63 27.27 12.11 -7.68
CA GLY I 63 26.27 13.12 -8.01
C GLY I 63 25.16 12.50 -8.83
N GLN I 64 24.98 12.96 -10.07
CA GLN I 64 23.88 12.43 -10.93
C GLN I 64 24.42 11.38 -11.93
N TYR I 65 25.71 11.09 -11.90
CA TYR I 65 26.44 10.33 -12.95
C TYR I 65 26.86 8.93 -12.46
N TRP I 66 26.59 7.96 -13.31
CA TRP I 66 27.18 6.60 -13.22
C TRP I 66 28.58 6.66 -13.80
N VAL I 67 29.59 6.25 -13.04
CA VAL I 67 31.03 6.42 -13.38
C VAL I 67 31.80 5.16 -13.00
N THR I 68 32.83 4.80 -13.73
CA THR I 68 33.78 3.73 -13.36
C THR I 68 34.91 4.36 -12.56
N ILE I 69 35.14 3.83 -11.36
CA ILE I 69 36.35 4.11 -10.55
C ILE I 69 37.35 2.97 -10.73
N HIS I 70 38.55 3.29 -11.20
CA HIS I 70 39.68 2.34 -11.30
C HIS I 70 40.50 2.40 -9.99
N THR I 71 40.79 1.24 -9.44
CA THR I 71 41.57 1.08 -8.18
C THR I 71 42.87 0.36 -8.51
N ASP I 72 44.01 0.99 -8.35
CA ASP I 72 45.31 0.34 -8.67
C ASP I 72 45.73 -0.49 -7.46
N GLU I 73 46.91 -1.15 -7.50
CA GLU I 73 47.34 -2.16 -6.48
C GLU I 73 47.58 -1.46 -5.14
N GLY I 74 47.82 -0.14 -5.15
CA GLY I 74 48.01 0.68 -3.94
C GLY I 74 46.75 1.42 -3.50
N CYS I 75 45.59 1.07 -4.04
CA CYS I 75 44.28 1.69 -3.66
C CYS I 75 44.17 3.13 -4.16
N ARG I 76 44.99 3.53 -5.13
CA ARG I 76 44.86 4.87 -5.74
C ARG I 76 43.76 4.82 -6.80
N LEU I 77 42.86 5.79 -6.73
CA LEU I 77 41.62 5.84 -7.51
C LEU I 77 41.81 6.73 -8.73
N SER I 78 41.22 6.35 -9.85
CA SER I 78 41.23 7.15 -11.10
C SER I 78 39.93 6.90 -11.84
N GLY I 79 39.53 7.85 -12.69
CA GLY I 79 38.28 7.78 -13.46
C GLY I 79 37.72 9.16 -13.73
N ILE I 80 36.67 9.26 -14.53
CA ILE I 80 36.16 10.58 -14.95
C ILE I 80 35.06 10.95 -13.98
N ILE I 81 35.26 11.92 -13.10
CA ILE I 81 34.16 12.17 -12.12
C ILE I 81 33.64 13.58 -12.30
N PRO I 82 32.35 13.80 -11.98
CA PRO I 82 31.70 15.07 -12.22
C PRO I 82 32.37 16.21 -11.44
N ALA I 83 32.32 17.41 -12.03
CA ALA I 83 32.87 18.67 -11.47
C ALA I 83 32.39 18.82 -10.03
N GLY I 84 33.30 19.17 -9.13
CA GLY I 84 33.00 19.49 -7.73
C GLY I 84 33.13 18.26 -6.84
N TRP I 85 33.28 17.07 -7.46
CA TRP I 85 33.38 15.81 -6.69
C TRP I 85 34.84 15.37 -6.66
N LEU I 86 35.16 14.63 -5.62
CA LEU I 86 36.54 14.11 -5.42
C LEU I 86 36.39 12.77 -4.74
N ILE I 87 37.14 11.79 -5.21
CA ILE I 87 37.18 10.46 -4.56
C ILE I 87 38.64 10.08 -4.35
N LEU I 88 38.95 9.67 -3.12
CA LEU I 88 40.31 9.33 -2.65
C LEU I 88 40.28 7.96 -2.01
N GLY I 89 41.29 7.17 -2.35
CA GLY I 89 41.51 5.80 -1.90
C GLY I 89 42.71 5.71 -0.97
N MET I 90 42.71 4.69 -0.12
CA MET I 90 43.84 4.31 0.76
C MET I 90 43.67 2.82 1.07
N LYS I 91 44.78 2.19 1.41
CA LYS I 91 44.82 0.81 1.95
C LYS I 91 43.94 0.78 3.21
N ARG I 92 43.08 -0.21 3.30
CA ARG I 92 42.39 -0.55 4.56
C ARG I 92 43.47 -0.98 5.54
N PRO I 93 43.43 -0.47 6.79
CA PRO I 93 44.44 -0.82 7.79
C PRO I 93 44.58 -2.35 7.90
N GLY I 94 45.81 -2.84 7.90
CA GLY I 94 46.11 -4.27 7.97
C GLY I 94 46.37 -4.88 6.60
N PHE I 95 45.88 -4.27 5.51
CA PHE I 95 46.07 -4.83 4.15
C PHE I 95 47.24 -4.14 3.44
N ASN J 5 9.92 -1.13 46.65
CA ASN J 5 11.14 -1.23 47.50
C ASN J 5 12.08 -2.34 46.95
N GLU J 6 11.80 -2.85 45.74
CA GLU J 6 12.80 -3.56 44.88
C GLU J 6 13.72 -2.53 44.18
N TYR J 7 13.20 -1.34 43.85
CA TYR J 7 13.97 -0.22 43.24
C TYR J 7 14.85 0.42 44.32
N ILE J 8 14.38 0.49 45.57
CA ILE J 8 15.17 1.13 46.66
C ILE J 8 16.42 0.29 46.91
N ASP J 9 16.28 -1.04 47.01
CA ASP J 9 17.40 -2.00 47.20
C ASP J 9 18.40 -1.81 46.06
N ALA J 10 17.89 -1.74 44.83
CA ALA J 10 18.71 -1.57 43.63
C ALA J 10 19.44 -0.22 43.73
N LYS J 11 18.73 0.84 44.14
CA LYS J 11 19.31 2.20 44.26
C LYS J 11 20.45 2.15 45.28
N LYS J 12 20.30 1.39 46.39
CA LYS J 12 21.35 1.29 47.44
C LYS J 12 22.62 0.68 46.84
N HIS J 13 22.50 -0.17 45.82
CA HIS J 13 23.65 -0.90 45.23
C HIS J 13 24.15 -0.21 43.96
N GLY J 14 23.76 1.06 43.71
CA GLY J 14 24.34 1.93 42.68
C GLY J 14 23.61 1.84 41.35
N ILE J 15 22.43 1.22 41.33
CA ILE J 15 21.59 1.05 40.10
C ILE J 15 20.62 2.23 40.02
N ASP J 16 20.61 2.91 38.89
CA ASP J 16 19.73 4.06 38.54
C ASP J 16 19.36 3.92 37.07
N LEU J 17 18.13 3.56 36.77
CA LEU J 17 17.63 3.29 35.39
C LEU J 17 17.76 4.57 34.56
N SER J 18 17.58 5.75 35.16
CA SER J 18 17.64 7.03 34.41
C SER J 18 19.07 7.28 33.93
N ARG J 19 20.05 6.54 34.43
CA ARG J 19 21.49 6.69 34.08
C ARG J 19 22.00 5.47 33.31
N GLU J 20 21.13 4.50 33.01
CA GLU J 20 21.49 3.27 32.25
C GLU J 20 21.51 3.63 30.75
N ARG J 21 22.56 3.24 30.04
CA ARG J 21 22.63 3.17 28.55
C ARG J 21 21.37 2.46 28.03
N ALA J 22 20.70 3.00 27.02
CA ALA J 22 19.50 2.39 26.39
C ALA J 22 19.85 0.97 25.93
N PRO J 23 18.87 0.06 25.91
CA PRO J 23 19.08 -1.24 25.28
C PRO J 23 19.47 -1.00 23.81
N ASN J 24 20.16 -1.98 23.25
CA ASN J 24 20.44 -2.05 21.80
C ASN J 24 19.34 -2.92 21.17
N PHE J 25 18.33 -2.31 20.56
CA PHE J 25 17.12 -3.00 20.06
C PHE J 25 16.71 -2.41 18.74
N VAL J 26 15.85 -3.10 18.00
CA VAL J 26 15.20 -2.54 16.79
C VAL J 26 13.68 -2.63 16.96
N ASP J 27 12.96 -1.73 16.33
CA ASP J 27 11.52 -1.90 16.07
C ASP J 27 11.36 -2.73 14.81
N HIS J 28 10.77 -3.90 14.92
CA HIS J 28 10.56 -4.83 13.78
C HIS J 28 9.42 -4.33 12.90
N PRO J 29 9.53 -4.44 11.57
CA PRO J 29 8.41 -4.19 10.68
C PRO J 29 7.27 -5.17 10.92
N GLY J 30 6.03 -4.68 10.84
CA GLY J 30 4.81 -5.52 10.78
C GLY J 30 4.29 -5.89 12.15
N ILE J 31 4.96 -5.49 13.23
CA ILE J 31 4.48 -5.74 14.61
C ILE J 31 4.61 -4.44 15.40
N PRO J 32 3.85 -4.25 16.51
CA PRO J 32 3.88 -3.01 17.26
C PRO J 32 5.25 -2.82 17.88
N PRO J 33 5.70 -1.57 18.08
CA PRO J 33 6.94 -1.32 18.80
C PRO J 33 6.78 -1.73 20.28
N SER J 34 7.85 -2.23 20.87
CA SER J 34 7.93 -2.52 22.33
C SER J 34 7.94 -1.19 23.08
N ASP J 35 7.19 -1.08 24.18
CA ASP J 35 7.00 0.20 24.91
C ASP J 35 7.71 0.13 26.26
N CYS J 36 8.42 -0.94 26.57
CA CYS J 36 9.16 -1.08 27.87
C CYS J 36 10.63 -1.42 27.62
N PHE J 37 11.51 -0.89 28.44
CA PHE J 37 12.91 -1.35 28.57
C PHE J 37 13.01 -2.27 29.80
N TRP J 38 13.84 -3.29 29.73
CA TRP J 38 14.23 -4.07 30.90
C TRP J 38 15.75 -4.12 30.94
N PHE J 39 16.25 -4.15 32.17
CA PHE J 39 17.69 -4.17 32.52
C PHE J 39 17.88 -5.33 33.48
N LEU J 40 18.86 -6.18 33.16
CA LEU J 40 19.10 -7.47 33.84
C LEU J 40 20.46 -7.41 34.51
N TYR J 41 20.48 -7.73 35.80
CA TYR J 41 21.67 -7.60 36.68
C TYR J 41 21.92 -8.93 37.37
N LYS J 42 23.20 -9.28 37.49
CA LYS J 42 23.71 -10.36 38.37
C LYS J 42 24.57 -9.72 39.46
N ASN J 43 24.21 -9.91 40.72
CA ASN J 43 24.86 -9.25 41.88
C ASN J 43 24.97 -7.76 41.55
N TYR J 44 23.88 -7.18 41.06
CA TYR J 44 23.70 -5.71 40.83
C TYR J 44 24.59 -5.19 39.69
N VAL J 45 25.21 -6.05 38.88
CA VAL J 45 26.03 -5.65 37.70
C VAL J 45 25.21 -5.94 36.43
N ARG J 46 24.97 -4.92 35.61
CA ARG J 46 24.22 -5.06 34.34
C ARG J 46 24.87 -6.14 33.47
N GLN J 47 24.10 -7.15 33.07
CA GLN J 47 24.53 -8.24 32.17
C GLN J 47 23.97 -7.96 30.78
N ASN J 48 22.78 -7.39 30.71
CA ASN J 48 22.11 -7.14 29.41
C ASN J 48 20.91 -6.22 29.63
N ALA J 49 20.33 -5.76 28.53
CA ALA J 49 19.10 -4.96 28.52
C ALA J 49 18.36 -5.28 27.23
N GLY J 50 17.07 -4.99 27.20
CA GLY J 50 16.21 -5.33 26.07
C GLY J 50 14.92 -4.57 26.17
N VAL J 51 13.99 -4.89 25.29
CA VAL J 51 12.67 -4.23 25.20
C VAL J 51 11.61 -5.32 25.31
N CYS J 52 10.41 -4.95 25.74
CA CYS J 52 9.28 -5.89 25.87
C CYS J 52 8.00 -5.06 25.80
N GLN J 53 6.87 -5.73 25.73
CA GLN J 53 5.55 -5.11 25.55
C GLN J 53 4.91 -4.97 26.92
N SER J 54 4.34 -3.80 27.20
CA SER J 54 3.54 -3.56 28.43
C SER J 54 2.36 -4.52 28.45
N ASP J 55 1.85 -4.83 29.64
CA ASP J 55 0.61 -5.60 29.85
C ASP J 55 0.68 -6.93 29.09
N TRP J 56 1.73 -7.70 29.37
CA TRP J 56 2.10 -8.90 28.58
C TRP J 56 3.14 -9.72 29.34
N SER J 57 3.69 -10.74 28.70
CA SER J 57 4.78 -11.53 29.30
C SER J 57 5.73 -11.97 28.21
N PHE J 58 6.92 -12.33 28.62
CA PHE J 58 7.89 -12.99 27.72
C PHE J 58 8.66 -14.02 28.54
N ASP J 59 9.29 -14.94 27.82
CA ASP J 59 10.11 -15.98 28.45
C ASP J 59 11.57 -15.63 28.18
N MET J 60 12.44 -15.76 29.17
CA MET J 60 13.88 -15.49 29.01
C MET J 60 14.68 -16.51 29.83
N LYS J 61 15.78 -17.01 29.26
CA LYS J 61 16.74 -17.87 30.01
C LYS J 61 17.64 -16.92 30.82
N ILE J 62 17.55 -17.01 32.14
CA ILE J 62 18.41 -16.22 33.07
C ILE J 62 19.26 -17.23 33.80
N GLY J 63 20.58 -17.13 33.67
CA GLY J 63 21.51 -18.22 33.98
C GLY J 63 21.06 -19.52 33.34
N GLN J 64 20.72 -20.51 34.15
CA GLN J 64 20.39 -21.87 33.69
C GLN J 64 18.86 -22.06 33.64
N TYR J 65 18.06 -21.05 33.97
CA TYR J 65 16.60 -21.21 34.20
C TYR J 65 15.83 -20.40 33.15
N TRP J 66 14.89 -21.07 32.49
CA TRP J 66 13.80 -20.43 31.74
C TRP J 66 12.79 -19.86 32.73
N VAL J 67 12.46 -18.59 32.56
CA VAL J 67 11.63 -17.81 33.51
C VAL J 67 10.66 -16.99 32.69
N THR J 68 9.42 -16.88 33.16
CA THR J 68 8.43 -15.96 32.60
C THR J 68 8.58 -14.63 33.31
N ILE J 69 8.79 -13.56 32.54
CA ILE J 69 8.74 -12.18 33.03
C ILE J 69 7.38 -11.61 32.68
N HIS J 70 6.61 -11.18 33.70
CA HIS J 70 5.31 -10.50 33.54
C HIS J 70 5.57 -9.00 33.51
N THR J 71 5.01 -8.33 32.51
CA THR J 71 5.17 -6.86 32.31
C THR J 71 3.80 -6.24 32.49
N ASP J 72 3.61 -5.41 33.49
CA ASP J 72 2.29 -4.76 33.71
C ASP J 72 2.22 -3.52 32.81
N GLU J 73 1.12 -2.75 32.87
CA GLU J 73 0.83 -1.63 31.91
C GLU J 73 1.85 -0.51 32.13
N GLY J 74 2.49 -0.45 33.31
CA GLY J 74 3.52 0.54 33.67
C GLY J 74 4.93 0.02 33.45
N CYS J 75 5.11 -1.13 32.81
CA CYS J 75 6.46 -1.72 32.54
C CYS J 75 7.12 -2.17 33.86
N ARG J 76 6.34 -2.40 34.92
CA ARG J 76 6.85 -3.07 36.14
C ARG J 76 6.91 -4.58 35.87
N LEU J 77 8.07 -5.16 36.17
CA LEU J 77 8.39 -6.56 35.86
C LEU J 77 8.15 -7.38 37.11
N SER J 78 7.65 -8.59 36.93
CA SER J 78 7.46 -9.55 38.03
C SER J 78 7.71 -10.95 37.46
N GLY J 79 8.10 -11.85 38.34
CA GLY J 79 8.38 -13.26 37.99
C GLY J 79 9.43 -13.82 38.91
N ILE J 80 9.61 -15.13 38.88
CA ILE J 80 10.56 -15.77 39.81
C ILE J 80 11.87 -15.87 39.06
N ILE J 81 12.88 -15.14 39.50
CA ILE J 81 14.18 -15.24 38.80
C ILE J 81 15.22 -15.80 39.76
N PRO J 82 16.29 -16.41 39.22
CA PRO J 82 17.26 -17.10 40.06
C PRO J 82 17.97 -16.14 41.02
N ALA J 83 18.39 -16.65 42.16
CA ALA J 83 19.09 -15.91 43.23
C ALA J 83 20.28 -15.17 42.60
N GLY J 84 20.45 -13.90 42.98
CA GLY J 84 21.59 -13.06 42.57
C GLY J 84 21.26 -12.26 41.32
N TRP J 85 20.15 -12.57 40.67
CA TRP J 85 19.71 -11.85 39.46
C TRP J 85 18.61 -10.86 39.83
N LEU J 86 18.54 -9.78 39.06
CA LEU J 86 17.53 -8.73 39.27
C LEU J 86 17.15 -8.21 37.88
N ILE J 87 15.87 -8.01 37.65
CA ILE J 87 15.40 -7.45 36.37
C ILE J 87 14.45 -6.32 36.70
N LEU J 88 14.68 -5.16 36.07
CA LEU J 88 13.94 -3.93 36.30
C LEU J 88 13.46 -3.38 34.97
N GLY J 89 12.21 -2.94 34.97
CA GLY J 89 11.50 -2.36 33.82
C GLY J 89 11.29 -0.86 33.98
N MET J 90 11.13 -0.18 32.83
CA MET J 90 10.71 1.23 32.74
C MET J 90 10.06 1.42 31.39
N LYS J 91 9.19 2.43 31.31
CA LYS J 91 8.62 2.93 30.02
C LYS J 91 9.77 3.30 29.11
N ARG J 92 9.68 2.86 27.86
CA ARG J 92 10.57 3.38 26.79
C ARG J 92 10.24 4.86 26.63
N PRO J 93 11.25 5.75 26.57
CA PRO J 93 11.03 7.17 26.40
C PRO J 93 10.08 7.45 25.23
N GLY J 94 9.07 8.29 25.46
CA GLY J 94 8.04 8.62 24.46
C GLY J 94 6.79 7.76 24.56
N PHE J 95 6.84 6.60 25.23
CA PHE J 95 5.65 5.70 25.35
C PHE J 95 4.95 5.90 26.69
N ASN K 5 20.38 -61.74 -3.59
CA ASN K 5 21.47 -61.04 -4.35
C ASN K 5 21.47 -61.48 -5.84
N GLU K 6 21.05 -62.72 -6.14
CA GLU K 6 21.33 -63.36 -7.45
C GLU K 6 20.28 -62.94 -8.50
N TYR K 7 20.73 -62.63 -9.72
CA TYR K 7 19.82 -62.41 -10.88
C TYR K 7 19.17 -63.73 -11.33
N ILE K 8 19.86 -64.86 -11.21
CA ILE K 8 19.29 -66.15 -11.67
C ILE K 8 18.09 -66.49 -10.77
N ASP K 9 18.25 -66.38 -9.46
CA ASP K 9 17.16 -66.63 -8.47
C ASP K 9 15.98 -65.71 -8.78
N ALA K 10 16.27 -64.45 -9.04
CA ALA K 10 15.24 -63.44 -9.39
C ALA K 10 14.54 -63.87 -10.70
N LYS K 11 15.31 -64.29 -11.69
CA LYS K 11 14.77 -64.75 -13.01
C LYS K 11 13.85 -65.94 -12.76
N LYS K 12 14.18 -66.84 -11.84
CA LYS K 12 13.34 -68.04 -11.53
C LYS K 12 11.99 -67.59 -10.99
N HIS K 13 11.92 -66.45 -10.31
CA HIS K 13 10.67 -65.94 -9.65
C HIS K 13 9.96 -64.93 -10.55
N GLY K 14 10.30 -64.85 -11.84
CA GLY K 14 9.55 -64.11 -12.87
C GLY K 14 10.03 -62.67 -13.03
N ILE K 15 11.18 -62.32 -12.46
CA ILE K 15 11.76 -60.95 -12.55
C ILE K 15 12.66 -60.85 -13.78
N ASP K 16 12.41 -59.82 -14.62
CA ASP K 16 13.16 -59.51 -15.86
C ASP K 16 13.27 -57.98 -15.98
N LEU K 17 14.48 -57.46 -15.75
CA LEU K 17 14.74 -56.01 -15.70
C LEU K 17 14.41 -55.36 -17.05
N SER K 18 14.64 -56.06 -18.16
CA SER K 18 14.40 -55.50 -19.52
C SER K 18 12.89 -55.28 -19.73
N ARG K 19 12.03 -55.84 -18.87
CA ARG K 19 10.56 -55.75 -18.98
C ARG K 19 9.98 -54.96 -17.80
N GLU K 20 10.83 -54.39 -16.93
CA GLU K 20 10.39 -53.56 -15.79
C GLU K 20 10.04 -52.17 -16.34
N ARG K 21 8.88 -51.62 -15.93
CA ARG K 21 8.57 -50.22 -16.22
C ARG K 21 9.64 -49.33 -15.59
N ALA K 22 10.01 -48.28 -16.31
CA ALA K 22 11.10 -47.35 -15.94
C ALA K 22 10.80 -46.77 -14.58
N PRO K 23 11.83 -46.43 -13.78
CA PRO K 23 11.62 -45.67 -12.58
C PRO K 23 10.93 -44.34 -12.93
N ASN K 24 10.20 -43.80 -11.96
CA ASN K 24 9.63 -42.44 -12.06
C ASN K 24 10.62 -41.46 -11.42
N PHE K 25 11.43 -40.79 -12.23
CA PHE K 25 12.57 -39.94 -11.78
C PHE K 25 12.59 -38.72 -12.71
N VAL K 26 13.30 -37.68 -12.29
CA VAL K 26 13.62 -36.51 -13.17
C VAL K 26 15.13 -36.36 -13.17
N ASP K 27 15.66 -35.82 -14.24
CA ASP K 27 17.03 -35.24 -14.24
C ASP K 27 16.92 -33.82 -13.69
N HIS K 28 17.56 -33.56 -12.56
CA HIS K 28 17.59 -32.24 -11.91
C HIS K 28 18.51 -31.32 -12.68
N PRO K 29 18.16 -30.03 -12.82
CA PRO K 29 19.07 -29.04 -13.40
C PRO K 29 20.28 -28.84 -12.49
N GLY K 30 21.46 -28.68 -13.11
CA GLY K 30 22.69 -28.28 -12.44
C GLY K 30 23.45 -29.43 -11.82
N ILE K 31 22.97 -30.66 -11.94
CA ILE K 31 23.77 -31.85 -11.50
C ILE K 31 23.78 -32.87 -12.62
N PRO K 32 24.80 -33.77 -12.67
CA PRO K 32 24.89 -34.77 -13.73
C PRO K 32 23.73 -35.73 -13.62
N PRO K 33 23.21 -36.26 -14.75
CA PRO K 33 22.14 -37.24 -14.68
C PRO K 33 22.67 -38.56 -14.08
N SER K 34 21.82 -39.25 -13.37
CA SER K 34 22.05 -40.64 -12.89
C SER K 34 22.12 -41.59 -14.08
N ASP K 35 23.07 -42.53 -14.07
CA ASP K 35 23.35 -43.42 -15.22
C ASP K 35 22.89 -44.86 -14.91
N CYS K 36 22.31 -45.11 -13.73
CA CYS K 36 21.83 -46.47 -13.35
C CYS K 36 20.35 -46.40 -12.96
N PHE K 37 19.61 -47.45 -13.26
CA PHE K 37 18.29 -47.75 -12.62
C PHE K 37 18.50 -48.80 -11.52
N TRP K 38 17.73 -48.71 -10.45
CA TRP K 38 17.63 -49.79 -9.46
C TRP K 38 16.15 -50.10 -9.26
N PHE K 39 15.91 -51.37 -8.99
CA PHE K 39 14.58 -51.97 -8.78
C PHE K 39 14.64 -52.74 -7.48
N LEU K 40 13.66 -52.48 -6.61
CA LEU K 40 13.63 -52.99 -5.22
C LEU K 40 12.42 -53.89 -5.05
N TYR K 41 12.66 -55.08 -4.54
CA TYR K 41 11.66 -56.17 -4.42
C TYR K 41 11.61 -56.67 -2.99
N LYS K 42 10.40 -56.94 -2.50
CA LYS K 42 10.13 -57.70 -1.25
C LYS K 42 9.43 -59.00 -1.63
N ASN K 43 10.04 -60.13 -1.30
CA ASN K 43 9.54 -61.48 -1.72
C ASN K 43 9.24 -61.40 -3.21
N TYR K 44 10.18 -60.85 -3.99
CA TYR K 44 10.20 -60.84 -5.47
C TYR K 44 9.09 -59.97 -6.06
N VAL K 45 8.41 -59.14 -5.26
CA VAL K 45 7.39 -58.18 -5.77
C VAL K 45 8.02 -56.78 -5.75
N ARG K 46 8.04 -56.12 -6.89
CA ARG K 46 8.57 -54.74 -7.02
C ARG K 46 7.83 -53.82 -6.04
N GLN K 47 8.59 -53.14 -5.17
CA GLN K 47 8.06 -52.16 -4.20
C GLN K 47 8.34 -50.77 -4.72
N ASN K 48 9.46 -50.58 -5.40
CA ASN K 48 9.84 -49.25 -5.91
C ASN K 48 11.00 -49.39 -6.88
N ALA K 49 11.34 -48.30 -7.54
CA ALA K 49 12.50 -48.21 -8.45
C ALA K 49 12.99 -46.76 -8.40
N GLY K 50 14.21 -46.57 -8.82
CA GLY K 50 14.86 -45.25 -8.75
C GLY K 50 16.09 -45.25 -9.60
N VAL K 51 16.86 -44.18 -9.51
CA VAL K 51 18.09 -43.99 -10.33
C VAL K 51 19.23 -43.72 -9.36
N CYS K 52 20.44 -44.01 -9.77
CA CYS K 52 21.63 -43.77 -8.92
C CYS K 52 22.82 -43.61 -9.85
N GLN K 53 23.96 -43.25 -9.27
CA GLN K 53 25.19 -42.96 -10.02
C GLN K 53 26.05 -44.21 -9.98
N SER K 54 26.59 -44.58 -11.13
CA SER K 54 27.57 -45.69 -11.24
C SER K 54 28.80 -45.35 -10.39
N ASP K 55 29.54 -46.38 -9.98
CA ASP K 55 30.87 -46.24 -9.32
C ASP K 55 30.74 -45.33 -8.09
N TRP K 56 29.80 -45.66 -7.20
CA TRP K 56 29.36 -44.78 -6.12
C TRP K 56 28.50 -45.54 -5.12
N SER K 57 27.94 -44.85 -4.15
CA SER K 57 27.01 -45.44 -3.18
C SER K 57 25.92 -44.45 -2.88
N PHE K 58 24.83 -44.97 -2.35
CA PHE K 58 23.77 -44.13 -1.78
C PHE K 58 23.19 -44.88 -0.59
N ASP K 59 22.50 -44.13 0.25
CA ASP K 59 21.86 -44.70 1.45
C ASP K 59 20.36 -44.73 1.17
N MET K 60 19.65 -45.77 1.60
CA MET K 60 18.21 -45.93 1.32
C MET K 60 17.53 -46.69 2.46
N LYS K 61 16.27 -46.38 2.75
CA LYS K 61 15.40 -47.17 3.63
C LYS K 61 14.88 -48.38 2.85
N ILE K 62 15.29 -49.57 3.26
CA ILE K 62 14.75 -50.84 2.68
C ILE K 62 14.04 -51.52 3.86
N GLY K 63 12.76 -51.80 3.74
CA GLY K 63 11.90 -52.24 4.86
C GLY K 63 12.02 -51.27 6.00
N GLN K 64 12.55 -51.72 7.13
CA GLN K 64 12.64 -50.89 8.37
C GLN K 64 14.07 -50.35 8.52
N TYR K 65 15.00 -50.70 7.62
CA TYR K 65 16.47 -50.53 7.79
C TYR K 65 17.01 -49.48 6.85
N TRP K 66 17.85 -48.61 7.40
CA TRP K 66 18.76 -47.73 6.61
C TRP K 66 19.94 -48.58 6.16
N VAL K 67 20.24 -48.58 4.87
CA VAL K 67 21.24 -49.48 4.24
C VAL K 67 22.05 -48.68 3.22
N THR K 68 23.33 -48.95 3.06
CA THR K 68 24.18 -48.40 1.99
C THR K 68 24.11 -49.38 0.83
N ILE K 69 23.74 -48.88 -0.34
CA ILE K 69 23.84 -49.59 -1.63
C ILE K 69 25.09 -49.11 -2.35
N HIS K 70 25.98 -50.04 -2.67
CA HIS K 70 27.21 -49.78 -3.47
C HIS K 70 26.89 -50.07 -4.94
N THR K 71 27.22 -49.16 -5.82
CA THR K 71 26.94 -49.22 -7.27
C THR K 71 28.28 -49.25 -8.00
N ASP K 72 28.59 -50.33 -8.70
CA ASP K 72 29.89 -50.43 -9.43
C ASP K 72 29.72 -49.73 -10.80
N GLU K 73 30.75 -49.73 -11.64
CA GLU K 73 30.80 -48.93 -12.89
C GLU K 73 29.77 -49.48 -13.90
N GLY K 74 29.35 -50.74 -13.74
CA GLY K 74 28.32 -51.38 -14.57
C GLY K 74 26.94 -51.35 -13.94
N CYS K 75 26.73 -50.55 -12.91
CA CYS K 75 25.39 -50.41 -12.24
C CYS K 75 25.02 -51.66 -11.45
N ARG K 76 25.96 -52.55 -11.16
CA ARG K 76 25.68 -53.75 -10.32
C ARG K 76 25.72 -53.31 -8.85
N LEU K 77 24.70 -53.71 -8.12
CA LEU K 77 24.42 -53.27 -6.74
C LEU K 77 24.96 -54.29 -5.76
N SER K 78 25.47 -53.83 -4.63
CA SER K 78 25.89 -54.67 -3.48
C SER K 78 25.63 -53.90 -2.19
N GLY K 79 25.48 -54.62 -1.09
CA GLY K 79 25.36 -54.10 0.28
C GLY K 79 24.56 -55.05 1.15
N ILE K 80 24.37 -54.73 2.41
CA ILE K 80 23.69 -55.68 3.32
C ILE K 80 22.21 -55.33 3.31
N ILE K 81 21.35 -56.17 2.72
CA ILE K 81 19.93 -55.75 2.72
C ILE K 81 19.11 -56.73 3.50
N PRO K 82 17.99 -56.27 4.10
CA PRO K 82 17.19 -57.10 4.98
C PRO K 82 16.61 -58.32 4.26
N ALA K 83 16.43 -59.40 5.02
CA ALA K 83 15.87 -60.68 4.54
C ALA K 83 14.55 -60.40 3.81
N GLY K 84 14.38 -61.02 2.64
CA GLY K 84 13.15 -60.97 1.84
C GLY K 84 13.20 -59.85 0.82
N TRP K 85 14.21 -58.97 0.91
CA TRP K 85 14.36 -57.83 -0.02
C TRP K 85 15.43 -58.16 -1.05
N LEU K 86 15.28 -57.58 -2.22
CA LEU K 86 16.24 -57.74 -3.33
C LEU K 86 16.32 -56.42 -4.06
N ILE K 87 17.54 -55.99 -4.39
CA ILE K 87 17.71 -54.78 -5.21
C ILE K 87 18.64 -55.11 -6.37
N LEU K 88 18.21 -54.71 -7.57
CA LEU K 88 18.88 -55.02 -8.85
C LEU K 88 19.08 -53.74 -9.63
N GLY K 89 20.28 -53.59 -10.18
CA GLY K 89 20.73 -52.43 -10.95
C GLY K 89 20.90 -52.76 -12.42
N MET K 90 20.80 -51.75 -13.28
CA MET K 90 21.09 -51.83 -14.72
C MET K 90 21.48 -50.44 -15.18
N LYS K 91 22.26 -50.38 -16.26
CA LYS K 91 22.55 -49.11 -16.99
C LYS K 91 21.21 -48.51 -17.42
N ARG K 92 21.05 -47.22 -17.18
CA ARG K 92 19.96 -46.45 -17.77
C ARG K 92 20.20 -46.43 -19.28
N PRO K 93 19.15 -46.67 -20.10
CA PRO K 93 19.28 -46.65 -21.56
C PRO K 93 20.02 -45.39 -22.03
N GLY K 94 21.01 -45.55 -22.90
CA GLY K 94 21.82 -44.44 -23.43
C GLY K 94 23.11 -44.23 -22.66
N PHE K 95 23.25 -44.74 -21.43
CA PHE K 95 24.50 -44.56 -20.64
C PHE K 95 25.32 -45.85 -20.69
N GLU L 6 -20.97 -22.47 -30.31
CA GLU L 6 -22.20 -23.18 -29.86
C GLU L 6 -21.95 -24.71 -30.05
N TYR L 7 -22.59 -25.52 -29.20
CA TYR L 7 -22.24 -26.97 -29.03
C TYR L 7 -22.72 -27.76 -30.25
N ILE L 8 -23.85 -27.38 -30.88
CA ILE L 8 -24.34 -28.17 -32.05
C ILE L 8 -23.35 -28.02 -33.20
N ASP L 9 -22.92 -26.80 -33.49
CA ASP L 9 -21.93 -26.52 -34.57
C ASP L 9 -20.65 -27.32 -34.28
N ALA L 10 -20.20 -27.29 -33.02
CA ALA L 10 -19.00 -28.02 -32.58
C ALA L 10 -19.23 -29.53 -32.80
N LYS L 11 -20.41 -30.04 -32.43
CA LYS L 11 -20.75 -31.48 -32.58
C LYS L 11 -20.68 -31.83 -34.07
N LYS L 12 -21.13 -30.94 -34.97
CA LYS L 12 -21.12 -31.22 -36.44
C LYS L 12 -19.67 -31.41 -36.91
N HIS L 13 -18.69 -30.76 -36.26
CA HIS L 13 -17.28 -30.77 -36.70
C HIS L 13 -16.47 -31.79 -35.89
N GLY L 14 -17.12 -32.71 -35.17
CA GLY L 14 -16.49 -33.90 -34.55
C GLY L 14 -16.04 -33.66 -33.11
N ILE L 15 -16.48 -32.56 -32.50
CA ILE L 15 -16.16 -32.21 -31.09
C ILE L 15 -17.23 -32.80 -30.16
N ASP L 16 -16.78 -33.55 -29.15
CA ASP L 16 -17.61 -34.18 -28.10
C ASP L 16 -16.87 -34.07 -26.77
N LEU L 17 -17.35 -33.20 -25.86
CA LEU L 17 -16.67 -32.93 -24.57
C LEU L 17 -16.61 -34.20 -23.74
N SER L 18 -17.63 -35.07 -23.82
CA SER L 18 -17.68 -36.32 -23.01
C SER L 18 -16.58 -37.28 -23.47
N ARG L 19 -15.92 -37.03 -24.59
CA ARG L 19 -14.83 -37.88 -25.14
C ARG L 19 -13.48 -37.15 -25.09
N GLU L 20 -13.43 -35.92 -24.57
CA GLU L 20 -12.18 -35.13 -24.49
C GLU L 20 -11.34 -35.64 -23.31
N ARG L 21 -10.04 -35.87 -23.53
CA ARG L 21 -9.11 -36.15 -22.41
C ARG L 21 -9.14 -34.95 -21.45
N ALA L 22 -9.08 -35.25 -20.15
CA ALA L 22 -9.13 -34.27 -19.06
C ALA L 22 -8.01 -33.25 -19.26
N PRO L 23 -8.21 -32.00 -18.83
CA PRO L 23 -7.12 -31.05 -18.81
C PRO L 23 -6.02 -31.60 -17.88
N ASN L 24 -4.79 -31.16 -18.11
CA ASN L 24 -3.65 -31.44 -17.20
C ASN L 24 -3.54 -30.26 -16.23
N PHE L 25 -4.05 -30.43 -15.00
CA PHE L 25 -4.18 -29.35 -14.01
C PHE L 25 -3.80 -29.87 -12.64
N VAL L 26 -3.58 -28.96 -11.69
CA VAL L 26 -3.41 -29.32 -10.27
C VAL L 26 -4.43 -28.53 -9.47
N ASP L 27 -4.86 -29.08 -8.36
CA ASP L 27 -5.53 -28.32 -7.29
C ASP L 27 -4.43 -27.70 -6.42
N HIS L 28 -4.36 -26.38 -6.37
CA HIS L 28 -3.34 -25.66 -5.58
C HIS L 28 -3.72 -25.69 -4.11
N PRO L 29 -2.76 -25.86 -3.17
CA PRO L 29 -3.01 -25.69 -1.75
C PRO L 29 -3.42 -24.24 -1.43
N GLY L 30 -4.36 -24.08 -0.51
CA GLY L 30 -4.70 -22.79 0.13
C GLY L 30 -5.71 -22.00 -0.67
N ILE L 31 -6.19 -22.52 -1.79
CA ILE L 31 -7.32 -21.90 -2.56
C ILE L 31 -8.32 -23.00 -2.92
N PRO L 32 -9.58 -22.66 -3.22
CA PRO L 32 -10.59 -23.67 -3.55
C PRO L 32 -10.22 -24.37 -4.85
N PRO L 33 -10.56 -25.65 -5.02
CA PRO L 33 -10.38 -26.30 -6.31
C PRO L 33 -11.32 -25.70 -7.36
N SER L 34 -10.86 -25.65 -8.60
CA SER L 34 -11.65 -25.24 -9.78
C SER L 34 -12.68 -26.33 -10.08
N ASP L 35 -13.92 -25.95 -10.39
CA ASP L 35 -15.06 -26.89 -10.52
C ASP L 35 -15.48 -27.02 -12.00
N CYS L 36 -14.79 -26.35 -12.92
CA CYS L 36 -15.13 -26.39 -14.38
C CYS L 36 -13.88 -26.80 -15.18
N PHE L 37 -14.09 -27.56 -16.25
CA PHE L 37 -13.10 -27.75 -17.34
C PHE L 37 -13.45 -26.81 -18.50
N TRP L 38 -12.45 -26.29 -19.19
CA TRP L 38 -12.63 -25.61 -20.48
C TRP L 38 -11.69 -26.24 -21.50
N PHE L 39 -12.17 -26.24 -22.74
CA PHE L 39 -11.50 -26.83 -23.92
C PHE L 39 -11.51 -25.75 -25.00
N LEU L 40 -10.33 -25.49 -25.56
CA LEU L 40 -10.10 -24.38 -26.51
C LEU L 40 -9.71 -24.97 -27.87
N TYR L 41 -10.41 -24.52 -28.90
CA TYR L 41 -10.27 -25.05 -30.27
C TYR L 41 -10.00 -23.89 -31.23
N LYS L 42 -9.10 -24.15 -32.19
CA LYS L 42 -8.88 -23.30 -33.39
C LYS L 42 -9.30 -24.10 -34.61
N ASN L 43 -10.25 -23.59 -35.39
CA ASN L 43 -10.83 -24.31 -36.56
C ASN L 43 -11.17 -25.73 -36.09
N TYR L 44 -11.83 -25.84 -34.92
CA TYR L 44 -12.40 -27.08 -34.35
C TYR L 44 -11.33 -28.09 -33.92
N VAL L 45 -10.05 -27.72 -33.86
CA VAL L 45 -8.96 -28.63 -33.39
C VAL L 45 -8.57 -28.17 -31.97
N ARG L 46 -8.63 -29.08 -31.01
CA ARG L 46 -8.24 -28.77 -29.61
C ARG L 46 -6.79 -28.25 -29.58
N GLN L 47 -6.60 -27.05 -29.03
CA GLN L 47 -5.26 -26.44 -28.85
C GLN L 47 -4.84 -26.63 -27.42
N ASN L 48 -5.78 -26.58 -26.48
CA ASN L 48 -5.47 -26.68 -25.05
C ASN L 48 -6.75 -26.87 -24.26
N ALA L 49 -6.60 -27.14 -22.97
CA ALA L 49 -7.69 -27.29 -22.00
C ALA L 49 -7.14 -26.88 -20.65
N GLY L 50 -8.04 -26.56 -19.74
CA GLY L 50 -7.68 -26.05 -18.41
C GLY L 50 -8.90 -26.14 -17.50
N VAL L 51 -8.78 -25.55 -16.32
CA VAL L 51 -9.84 -25.57 -15.30
C VAL L 51 -10.11 -24.12 -14.91
N CYS L 52 -11.30 -23.83 -14.42
CA CYS L 52 -11.69 -22.47 -14.01
C CYS L 52 -12.79 -22.62 -12.97
N GLN L 53 -13.19 -21.50 -12.36
CA GLN L 53 -14.16 -21.49 -11.26
C GLN L 53 -15.52 -21.14 -11.86
N SER L 54 -16.56 -21.87 -11.46
CA SER L 54 -17.96 -21.55 -11.82
C SER L 54 -18.31 -20.16 -11.28
N ASP L 55 -19.28 -19.51 -11.90
CA ASP L 55 -19.86 -18.22 -11.43
C ASP L 55 -18.73 -17.21 -11.20
N TRP L 56 -17.94 -16.97 -12.25
CA TRP L 56 -16.70 -16.16 -12.12
C TRP L 56 -16.21 -15.77 -13.53
N SER L 57 -14.99 -15.26 -13.63
CA SER L 57 -14.37 -15.03 -14.95
C SER L 57 -12.88 -15.28 -14.84
N PHE L 58 -12.24 -15.43 -15.99
CA PHE L 58 -10.77 -15.38 -16.06
C PHE L 58 -10.39 -14.73 -17.39
N ASP L 59 -9.16 -14.28 -17.46
CA ASP L 59 -8.60 -13.62 -18.65
C ASP L 59 -7.65 -14.61 -19.32
N MET L 60 -7.70 -14.71 -20.63
CA MET L 60 -6.82 -15.63 -21.39
C MET L 60 -6.39 -14.95 -22.70
N LYS L 61 -5.13 -15.10 -23.06
CA LYS L 61 -4.62 -14.64 -24.38
C LYS L 61 -4.96 -15.74 -25.38
N ILE L 62 -5.84 -15.45 -26.33
CA ILE L 62 -6.27 -16.40 -27.37
C ILE L 62 -5.78 -15.79 -28.68
N GLY L 63 -4.94 -16.52 -29.41
CA GLY L 63 -4.11 -15.95 -30.47
C GLY L 63 -3.34 -14.77 -29.93
N GLN L 64 -3.59 -13.58 -30.46
CA GLN L 64 -2.79 -12.37 -30.12
C GLN L 64 -3.55 -11.51 -29.08
N TYR L 65 -4.78 -11.90 -28.70
CA TYR L 65 -5.70 -11.00 -27.97
C TYR L 65 -6.02 -11.55 -26.58
N TRP L 66 -5.91 -10.69 -25.60
CA TRP L 66 -6.45 -10.85 -24.24
C TRP L 66 -7.97 -10.71 -24.26
N VAL L 67 -8.65 -11.69 -23.70
CA VAL L 67 -10.14 -11.70 -23.65
C VAL L 67 -10.57 -12.27 -22.32
N THR L 68 -11.73 -11.81 -21.85
CA THR L 68 -12.36 -12.29 -20.62
C THR L 68 -13.30 -13.43 -20.99
N ILE L 69 -13.12 -14.56 -20.34
CA ILE L 69 -14.07 -15.72 -20.38
C ILE L 69 -14.93 -15.65 -19.13
N HIS L 70 -16.24 -15.53 -19.30
CA HIS L 70 -17.24 -15.58 -18.20
C HIS L 70 -17.70 -17.02 -18.02
N THR L 71 -17.69 -17.48 -16.78
CA THR L 71 -18.07 -18.86 -16.41
C THR L 71 -19.32 -18.77 -15.54
N ASP L 72 -20.45 -19.30 -16.00
CA ASP L 72 -21.70 -19.23 -15.20
C ASP L 72 -21.70 -20.41 -14.20
N GLU L 73 -22.77 -20.57 -13.40
CA GLU L 73 -22.80 -21.54 -12.27
C GLU L 73 -22.74 -22.99 -12.81
N GLY L 74 -23.14 -23.18 -14.06
CA GLY L 74 -23.12 -24.50 -14.75
C GLY L 74 -21.88 -24.69 -15.61
N CYS L 75 -20.86 -23.85 -15.47
CA CYS L 75 -19.58 -23.96 -16.24
C CYS L 75 -19.79 -23.67 -17.72
N ARG L 76 -20.87 -22.97 -18.08
CA ARG L 76 -21.05 -22.51 -19.48
C ARG L 76 -20.25 -21.23 -19.66
N LEU L 77 -19.48 -21.19 -20.75
CA LEU L 77 -18.51 -20.11 -21.03
C LEU L 77 -19.15 -19.11 -21.99
N SER L 78 -18.85 -17.84 -21.79
CA SER L 78 -19.27 -16.75 -22.69
C SER L 78 -18.16 -15.71 -22.73
N GLY L 79 -18.11 -14.95 -23.82
CA GLY L 79 -17.09 -13.92 -24.07
C GLY L 79 -16.83 -13.74 -25.54
N ILE L 80 -16.19 -12.66 -25.93
CA ILE L 80 -15.90 -12.38 -27.35
C ILE L 80 -14.52 -12.96 -27.61
N ILE L 81 -14.41 -14.00 -28.40
CA ILE L 81 -13.08 -14.58 -28.71
C ILE L 81 -12.84 -14.46 -30.20
N PRO L 82 -11.57 -14.51 -30.64
CA PRO L 82 -11.23 -14.24 -32.03
C PRO L 82 -11.85 -15.27 -32.98
N ALA L 83 -12.14 -14.84 -34.20
CA ALA L 83 -12.67 -15.66 -35.31
C ALA L 83 -11.82 -16.93 -35.43
N GLY L 84 -12.48 -18.08 -35.55
CA GLY L 84 -11.84 -19.40 -35.77
C GLY L 84 -11.60 -20.11 -34.47
N TRP L 85 -11.77 -19.42 -33.34
CA TRP L 85 -11.54 -20.01 -32.01
C TRP L 85 -12.88 -20.36 -31.37
N LEU L 86 -12.87 -21.35 -30.51
CA LEU L 86 -14.07 -21.81 -29.79
C LEU L 86 -13.62 -22.29 -28.43
N ILE L 87 -14.35 -21.93 -27.38
CA ILE L 87 -14.03 -22.40 -26.02
C ILE L 87 -15.32 -22.92 -25.41
N LEU L 88 -15.26 -24.12 -24.84
CA LEU L 88 -16.42 -24.87 -24.31
C LEU L 88 -16.09 -25.32 -22.90
N GLY L 89 -17.06 -25.14 -21.99
CA GLY L 89 -16.97 -25.47 -20.57
C GLY L 89 -17.87 -26.63 -20.21
N MET L 90 -17.51 -27.32 -19.12
CA MET L 90 -18.32 -28.39 -18.50
C MET L 90 -17.90 -28.47 -17.03
N LYS L 91 -18.79 -28.99 -16.20
CA LYS L 91 -18.52 -29.37 -14.79
C LYS L 91 -17.36 -30.35 -14.79
N ARG L 92 -16.39 -30.12 -13.92
CA ARG L 92 -15.39 -31.13 -13.58
C ARG L 92 -16.10 -32.33 -12.94
N PRO L 93 -15.79 -33.57 -13.37
CA PRO L 93 -16.42 -34.77 -12.83
C PRO L 93 -16.30 -34.79 -11.31
N GLY L 94 -17.41 -35.06 -10.61
CA GLY L 94 -17.47 -35.06 -9.14
C GLY L 94 -17.91 -33.73 -8.56
N PHE L 95 -18.01 -32.70 -9.40
CA PHE L 95 -18.54 -31.36 -9.05
C PHE L 95 -19.87 -31.15 -9.78
N ASN M 5 -38.40 56.30 -19.71
CA ASN M 5 -38.56 54.82 -19.71
C ASN M 5 -37.36 54.19 -20.43
N GLU M 6 -36.78 53.14 -19.82
CA GLU M 6 -35.48 52.56 -20.25
C GLU M 6 -35.68 51.56 -21.38
N TYR M 7 -36.83 50.89 -21.50
CA TYR M 7 -37.13 49.97 -22.63
C TYR M 7 -37.32 50.79 -23.95
N ILE M 8 -37.98 51.95 -23.85
CA ILE M 8 -38.30 52.69 -25.11
C ILE M 8 -37.01 53.29 -25.64
N ASP M 9 -36.12 53.83 -24.78
CA ASP M 9 -34.78 54.33 -25.18
C ASP M 9 -34.01 53.19 -25.89
N ALA M 10 -34.02 52.02 -25.29
CA ALA M 10 -33.35 50.83 -25.85
C ALA M 10 -33.99 50.47 -27.21
N LYS M 11 -35.32 50.51 -27.30
CA LYS M 11 -36.05 50.21 -28.57
C LYS M 11 -35.62 51.23 -29.63
N LYS M 12 -35.40 52.50 -29.27
CA LYS M 12 -34.97 53.55 -30.24
C LYS M 12 -33.60 53.18 -30.81
N HIS M 13 -32.75 52.46 -30.06
CA HIS M 13 -31.36 52.14 -30.45
C HIS M 13 -31.27 50.72 -31.03
N GLY M 14 -32.40 50.10 -31.40
CA GLY M 14 -32.46 48.84 -32.17
C GLY M 14 -32.44 47.59 -31.30
N ILE M 15 -32.70 47.74 -29.98
CA ILE M 15 -32.78 46.62 -29.02
C ILE M 15 -34.22 46.11 -28.94
N ASP M 16 -34.39 44.79 -29.10
CA ASP M 16 -35.69 44.07 -29.03
C ASP M 16 -35.48 42.74 -28.30
N LEU M 17 -36.02 42.64 -27.08
CA LEU M 17 -35.82 41.49 -26.18
C LEU M 17 -36.38 40.21 -26.82
N SER M 18 -37.46 40.31 -27.59
CA SER M 18 -38.10 39.12 -28.21
C SER M 18 -37.16 38.51 -29.27
N ARG M 19 -36.11 39.24 -29.66
CA ARG M 19 -35.14 38.79 -30.69
C ARG M 19 -33.76 38.53 -30.08
N GLU M 20 -33.65 38.60 -28.75
CA GLU M 20 -32.40 38.30 -28.03
C GLU M 20 -32.28 36.78 -27.88
N ARG M 21 -31.12 36.22 -28.19
CA ARG M 21 -30.75 34.84 -27.81
C ARG M 21 -30.94 34.70 -26.28
N ALA M 22 -31.46 33.58 -25.83
CA ALA M 22 -31.62 33.22 -24.42
C ALA M 22 -30.25 33.31 -23.74
N PRO M 23 -30.22 33.66 -22.44
CA PRO M 23 -28.99 33.55 -21.67
C PRO M 23 -28.48 32.12 -21.71
N ASN M 24 -27.18 31.97 -21.54
CA ASN M 24 -26.54 30.65 -21.33
C ASN M 24 -26.47 30.40 -19.81
N PHE M 25 -27.38 29.60 -19.28
CA PHE M 25 -27.57 29.42 -17.81
C PHE M 25 -27.90 27.96 -17.55
N VAL M 26 -27.82 27.50 -16.31
CA VAL M 26 -28.31 26.16 -15.91
C VAL M 26 -29.31 26.34 -14.78
N ASP M 27 -30.25 25.41 -14.65
CA ASP M 27 -30.99 25.22 -13.38
C ASP M 27 -30.12 24.36 -12.46
N HIS M 28 -29.68 24.90 -11.34
CA HIS M 28 -28.84 24.20 -10.35
C HIS M 28 -29.70 23.23 -9.56
N PRO M 29 -29.18 22.03 -9.23
CA PRO M 29 -29.83 21.13 -8.31
C PRO M 29 -29.94 21.75 -6.92
N GLY M 30 -31.09 21.52 -6.25
CA GLY M 30 -31.30 21.80 -4.82
C GLY M 30 -31.70 23.23 -4.55
N ILE M 31 -31.84 24.08 -5.57
CA ILE M 31 -32.38 25.46 -5.39
C ILE M 31 -33.47 25.70 -6.44
N PRO M 32 -34.37 26.67 -6.23
CA PRO M 32 -35.44 26.95 -7.18
C PRO M 32 -34.86 27.45 -8.49
N PRO M 33 -35.52 27.20 -9.63
CA PRO M 33 -35.10 27.80 -10.89
C PRO M 33 -35.34 29.31 -10.87
N SER M 34 -34.45 30.06 -11.53
CA SER M 34 -34.62 31.52 -11.77
C SER M 34 -35.77 31.72 -12.76
N ASP M 35 -36.63 32.72 -12.52
CA ASP M 35 -37.86 32.93 -13.32
C ASP M 35 -37.71 34.20 -14.19
N CYS M 36 -36.56 34.88 -14.17
CA CYS M 36 -36.33 36.11 -14.98
C CYS M 36 -35.06 35.94 -15.83
N PHE M 37 -35.07 36.49 -17.04
CA PHE M 37 -33.86 36.76 -17.85
C PHE M 37 -33.46 38.23 -17.69
N TRP M 38 -32.18 38.52 -17.71
CA TRP M 38 -31.69 39.90 -17.85
C TRP M 38 -30.66 39.95 -18.99
N PHE M 39 -30.63 41.10 -19.65
CA PHE M 39 -29.77 41.40 -20.80
C PHE M 39 -29.07 42.71 -20.50
N LEU M 40 -27.75 42.72 -20.62
CA LEU M 40 -26.86 43.82 -20.21
C LEU M 40 -26.17 44.38 -21.45
N TYR M 41 -26.22 45.69 -21.61
CA TYR M 41 -25.75 46.42 -22.80
C TYR M 41 -24.80 47.56 -22.37
N LYS M 42 -23.71 47.73 -23.12
CA LYS M 42 -22.81 48.91 -23.06
C LYS M 42 -22.95 49.68 -24.37
N ASN M 43 -23.37 50.95 -24.29
CA ASN M 43 -23.65 51.75 -25.50
C ASN M 43 -24.53 50.92 -26.44
N TYR M 44 -25.55 50.26 -25.87
CA TYR M 44 -26.65 49.55 -26.58
C TYR M 44 -26.16 48.28 -27.27
N VAL M 45 -24.96 47.81 -26.99
CA VAL M 45 -24.43 46.53 -27.54
C VAL M 45 -24.49 45.49 -26.40
N ARG M 46 -25.16 44.37 -26.63
CA ARG M 46 -25.27 43.26 -25.64
C ARG M 46 -23.86 42.81 -25.23
N GLN M 47 -23.57 42.85 -23.94
CA GLN M 47 -22.29 42.37 -23.37
C GLN M 47 -22.50 41.00 -22.76
N ASN M 48 -23.67 40.80 -22.15
CA ASN M 48 -23.97 39.51 -21.50
C ASN M 48 -25.46 39.41 -21.21
N ALA M 49 -25.87 38.24 -20.73
CA ALA M 49 -27.24 37.95 -20.30
C ALA M 49 -27.16 36.87 -19.21
N GLY M 50 -28.19 36.77 -18.42
CA GLY M 50 -28.21 35.86 -17.27
C GLY M 50 -29.63 35.71 -16.77
N VAL M 51 -29.78 35.05 -15.63
CA VAL M 51 -31.11 34.76 -15.04
C VAL M 51 -31.07 35.27 -13.62
N CYS M 52 -32.22 35.56 -13.05
CA CYS M 52 -32.34 36.05 -11.67
C CYS M 52 -33.75 35.71 -11.17
N GLN M 53 -34.00 35.95 -9.90
CA GLN M 53 -35.27 35.60 -9.25
C GLN M 53 -36.15 36.84 -9.22
N SER M 54 -37.42 36.68 -9.59
CA SER M 54 -38.44 37.75 -9.47
C SER M 54 -38.57 38.16 -8.01
N ASP M 55 -39.02 39.39 -7.76
CA ASP M 55 -39.38 39.88 -6.40
C ASP M 55 -38.18 39.67 -5.45
N TRP M 56 -37.03 40.20 -5.82
CA TRP M 56 -35.75 39.89 -5.14
C TRP M 56 -34.67 40.89 -5.61
N SER M 57 -33.42 40.64 -5.30
CA SER M 57 -32.30 41.44 -5.84
C SER M 57 -31.10 40.53 -6.07
N PHE M 58 -30.15 41.01 -6.82
CA PHE M 58 -28.81 40.42 -6.90
C PHE M 58 -27.80 41.53 -7.04
N ASP M 59 -26.54 41.20 -6.78
CA ASP M 59 -25.43 42.15 -6.94
C ASP M 59 -24.69 41.74 -8.21
N MET M 60 -24.28 42.71 -9.03
CA MET M 60 -23.48 42.40 -10.25
C MET M 60 -22.42 43.49 -10.47
N LYS M 61 -21.20 43.15 -10.91
CA LYS M 61 -20.22 44.11 -11.46
C LYS M 61 -20.65 44.51 -12.87
N ILE M 62 -21.01 45.78 -13.07
CA ILE M 62 -21.34 46.35 -14.39
C ILE M 62 -20.27 47.40 -14.65
N GLY M 63 -19.54 47.25 -15.76
CA GLY M 63 -18.33 48.06 -16.01
C GLY M 63 -17.39 47.93 -14.85
N GLN M 64 -17.05 49.04 -14.22
CA GLN M 64 -16.06 49.08 -13.10
C GLN M 64 -16.73 49.04 -11.72
N TYR M 65 -18.05 48.97 -11.65
CA TYR M 65 -18.82 49.17 -10.40
C TYR M 65 -19.63 47.94 -10.06
N TRP M 66 -19.63 47.55 -8.81
CA TRP M 66 -20.67 46.64 -8.21
C TRP M 66 -21.95 47.45 -7.98
N VAL M 67 -23.07 46.91 -8.39
CA VAL M 67 -24.40 47.51 -8.15
C VAL M 67 -25.39 46.46 -7.70
N THR M 68 -26.41 46.89 -6.94
CA THR M 68 -27.56 46.03 -6.61
C THR M 68 -28.62 46.24 -7.68
N ILE M 69 -29.04 45.16 -8.30
CA ILE M 69 -30.18 45.16 -9.26
C ILE M 69 -31.39 44.60 -8.50
N HIS M 70 -32.46 45.40 -8.43
CA HIS M 70 -33.76 44.98 -7.84
C HIS M 70 -34.64 44.40 -8.95
N THR M 71 -35.22 43.25 -8.69
CA THR M 71 -36.10 42.53 -9.65
C THR M 71 -37.51 42.51 -9.04
N ASP M 72 -38.48 43.14 -9.69
CA ASP M 72 -39.86 43.15 -9.16
C ASP M 72 -40.55 41.85 -9.63
N GLU M 73 -41.84 41.67 -9.29
CA GLU M 73 -42.56 40.38 -9.48
C GLU M 73 -42.75 40.12 -10.99
N GLY M 74 -42.68 41.16 -11.82
CA GLY M 74 -42.75 41.05 -13.30
C GLY M 74 -41.37 41.01 -13.97
N CYS M 75 -40.30 40.83 -13.24
CA CYS M 75 -38.90 40.75 -13.79
C CYS M 75 -38.43 42.11 -14.31
N ARG M 76 -39.07 43.21 -13.89
CA ARG M 76 -38.58 44.56 -14.24
C ARG M 76 -37.44 44.92 -13.29
N LEU M 77 -36.34 45.40 -13.86
CA LEU M 77 -35.09 45.64 -13.15
C LEU M 77 -34.99 47.11 -12.78
N SER M 78 -34.47 47.40 -11.61
CA SER M 78 -34.29 48.79 -11.11
C SER M 78 -33.03 48.80 -10.23
N GLY M 79 -32.40 49.97 -10.14
CA GLY M 79 -31.09 50.18 -9.49
C GLY M 79 -30.32 51.21 -10.29
N ILE M 80 -29.31 51.79 -9.68
CA ILE M 80 -28.47 52.80 -10.33
C ILE M 80 -27.36 52.04 -11.04
N ILE M 81 -27.28 52.13 -12.35
CA ILE M 81 -26.16 51.46 -13.03
C ILE M 81 -25.26 52.48 -13.70
N PRO M 82 -23.98 52.12 -13.90
CA PRO M 82 -22.97 53.02 -14.44
C PRO M 82 -23.33 53.56 -15.81
N ALA M 83 -22.89 54.78 -16.07
CA ALA M 83 -23.14 55.54 -17.32
C ALA M 83 -22.74 54.66 -18.50
N GLY M 84 -23.57 54.59 -19.53
CA GLY M 84 -23.31 53.90 -20.81
C GLY M 84 -23.85 52.48 -20.77
N TRP M 85 -24.27 52.01 -19.59
CA TRP M 85 -24.75 50.61 -19.42
C TRP M 85 -26.27 50.61 -19.33
N LEU M 86 -26.88 49.52 -19.72
CA LEU M 86 -28.32 49.32 -19.67
C LEU M 86 -28.58 47.86 -19.34
N ILE M 87 -29.52 47.59 -18.44
CA ILE M 87 -29.91 46.20 -18.11
C ILE M 87 -31.43 46.15 -18.15
N LEU M 88 -31.95 45.14 -18.84
CA LEU M 88 -33.39 44.92 -19.07
C LEU M 88 -33.72 43.49 -18.69
N GLY M 89 -34.86 43.32 -18.02
CA GLY M 89 -35.39 42.04 -17.53
C GLY M 89 -36.63 41.63 -18.29
N MET M 90 -36.94 40.34 -18.28
CA MET M 90 -38.20 39.75 -18.79
C MET M 90 -38.41 38.42 -18.06
N LYS M 91 -39.66 37.99 -18.00
CA LYS M 91 -40.05 36.63 -17.54
C LYS M 91 -39.33 35.61 -18.40
N ARG M 92 -38.74 34.62 -17.76
CA ARG M 92 -38.27 33.40 -18.46
C ARG M 92 -39.51 32.71 -19.02
N PRO M 93 -39.49 32.29 -20.30
CA PRO M 93 -40.65 31.64 -20.91
C PRO M 93 -41.11 30.46 -20.05
N GLY M 94 -42.41 30.37 -19.78
CA GLY M 94 -42.96 29.31 -18.94
C GLY M 94 -43.19 29.75 -17.51
N PHE M 95 -42.55 30.83 -17.05
CA PHE M 95 -42.70 31.31 -15.66
C PHE M 95 -43.67 32.50 -15.60
N ASN N 5 -11.06 -5.35 -46.17
CA ASN N 5 -10.79 -4.00 -45.58
C ASN N 5 -12.08 -3.51 -44.91
N GLU N 6 -11.94 -2.94 -43.70
CA GLU N 6 -13.12 -2.62 -42.84
C GLU N 6 -13.70 -1.24 -43.23
N TYR N 7 -12.89 -0.30 -43.75
CA TYR N 7 -13.39 1.03 -44.20
C TYR N 7 -14.16 0.87 -45.52
N ILE N 8 -13.74 -0.03 -46.41
CA ILE N 8 -14.42 -0.19 -47.73
C ILE N 8 -15.83 -0.73 -47.46
N ASP N 9 -15.93 -1.78 -46.62
CA ASP N 9 -17.22 -2.40 -46.23
C ASP N 9 -18.13 -1.31 -45.63
N ALA N 10 -17.57 -0.50 -44.73
CA ALA N 10 -18.31 0.59 -44.07
C ALA N 10 -18.76 1.60 -45.13
N LYS N 11 -17.88 1.95 -46.06
CA LYS N 11 -18.19 2.92 -47.15
C LYS N 11 -19.36 2.36 -47.97
N LYS N 12 -19.40 1.04 -48.22
CA LYS N 12 -20.50 0.41 -49.01
C LYS N 12 -21.84 0.62 -48.28
N HIS N 13 -21.84 0.69 -46.95
CA HIS N 13 -23.08 0.76 -46.12
C HIS N 13 -23.36 2.21 -45.71
N GLY N 14 -22.76 3.21 -46.38
CA GLY N 14 -23.12 4.63 -46.29
C GLY N 14 -22.32 5.40 -45.23
N ILE N 15 -21.28 4.79 -44.67
CA ILE N 15 -20.43 5.39 -43.61
C ILE N 15 -19.24 6.12 -44.26
N ASP N 16 -19.05 7.39 -43.90
CA ASP N 16 -17.92 8.26 -44.35
C ASP N 16 -17.41 9.07 -43.16
N LEU N 17 -16.24 8.70 -42.63
CA LEU N 17 -15.68 9.35 -41.41
C LEU N 17 -15.44 10.83 -41.64
N SER N 18 -15.08 11.23 -42.86
CA SER N 18 -14.76 12.66 -43.17
C SER N 18 -16.04 13.49 -43.08
N ARG N 19 -17.22 12.86 -43.01
CA ARG N 19 -18.53 13.56 -42.95
C ARG N 19 -19.21 13.31 -41.60
N GLU N 20 -18.57 12.57 -40.67
CA GLU N 20 -19.14 12.26 -39.33
C GLU N 20 -18.98 13.51 -38.45
N ARG N 21 -20.04 13.93 -37.77
CA ARG N 21 -19.97 15.02 -36.78
C ARG N 21 -18.99 14.57 -35.68
N ALA N 22 -18.21 15.52 -35.19
CA ALA N 22 -17.12 15.26 -34.22
C ALA N 22 -17.73 14.64 -32.97
N PRO N 23 -16.98 13.80 -32.25
CA PRO N 23 -17.41 13.35 -30.93
C PRO N 23 -17.62 14.58 -30.03
N ASN N 24 -18.47 14.42 -29.05
CA ASN N 24 -18.65 15.42 -27.97
C ASN N 24 -17.72 15.03 -26.80
N PHE N 25 -16.58 15.69 -26.69
CA PHE N 25 -15.49 15.31 -25.75
C PHE N 25 -14.89 16.57 -25.15
N VAL N 26 -14.11 16.44 -24.08
CA VAL N 26 -13.30 17.53 -23.53
C VAL N 26 -11.85 17.08 -23.48
N ASP N 27 -10.93 18.04 -23.59
CA ASP N 27 -9.53 17.81 -23.17
C ASP N 27 -9.45 18.03 -21.67
N HIS N 28 -9.10 17.02 -20.91
CA HIS N 28 -8.99 17.12 -19.42
C HIS N 28 -7.70 17.83 -19.07
N PRO N 29 -7.71 18.70 -18.02
CA PRO N 29 -6.48 19.24 -17.46
C PRO N 29 -5.60 18.15 -16.88
N GLY N 30 -4.29 18.26 -17.05
CA GLY N 30 -3.27 17.48 -16.32
C GLY N 30 -2.96 16.16 -16.99
N ILE N 31 -3.61 15.85 -18.11
CA ILE N 31 -3.27 14.66 -18.95
C ILE N 31 -3.19 15.10 -20.40
N PRO N 32 -2.48 14.35 -21.27
CA PRO N 32 -2.31 14.75 -22.66
C PRO N 32 -3.65 14.69 -23.37
N PRO N 33 -3.90 15.55 -24.38
CA PRO N 33 -5.11 15.44 -25.17
C PRO N 33 -5.12 14.13 -25.99
N SER N 34 -6.29 13.56 -26.17
CA SER N 34 -6.53 12.39 -27.03
C SER N 34 -6.33 12.83 -28.49
N ASP N 35 -5.65 12.02 -29.30
CA ASP N 35 -5.24 12.41 -30.67
C ASP N 35 -6.05 11.58 -31.68
N CYS N 36 -6.97 10.73 -31.25
CA CYS N 36 -7.82 9.91 -32.16
C CYS N 36 -9.30 10.16 -31.83
N PHE N 37 -10.14 10.14 -32.85
CA PHE N 37 -11.60 9.96 -32.75
C PHE N 37 -11.95 8.50 -33.03
N TRP N 38 -12.98 7.98 -32.37
CA TRP N 38 -13.57 6.68 -32.71
C TRP N 38 -15.06 6.88 -32.83
N PHE N 39 -15.62 6.09 -33.75
CA PHE N 39 -17.05 6.10 -34.12
C PHE N 39 -17.49 4.64 -34.04
N LEU N 40 -18.59 4.42 -33.30
CA LEU N 40 -19.09 3.09 -32.96
C LEU N 40 -20.43 2.89 -33.63
N TYR N 41 -20.55 1.78 -34.33
CA TYR N 41 -21.74 1.45 -35.16
C TYR N 41 -22.26 0.07 -34.74
N LYS N 42 -23.58 -0.03 -34.72
CA LYS N 42 -24.32 -1.32 -34.64
C LYS N 42 -25.10 -1.47 -35.94
N ASN N 43 -24.84 -2.53 -36.69
CA ASN N 43 -25.43 -2.74 -38.05
C ASN N 43 -25.29 -1.44 -38.82
N TYR N 44 -24.08 -0.85 -38.79
CA TYR N 44 -23.65 0.32 -39.61
C TYR N 44 -24.38 1.60 -39.21
N VAL N 45 -25.08 1.65 -38.07
CA VAL N 45 -25.74 2.89 -37.57
C VAL N 45 -24.90 3.42 -36.40
N ARG N 46 -24.47 4.67 -36.48
CA ARG N 46 -23.67 5.32 -35.40
C ARG N 46 -24.46 5.24 -34.10
N GLN N 47 -23.86 4.67 -33.06
CA GLN N 47 -24.45 4.58 -31.70
C GLN N 47 -23.81 5.64 -30.82
N ASN N 48 -22.54 5.92 -31.03
CA ASN N 48 -21.78 6.87 -30.22
C ASN N 48 -20.41 7.12 -30.86
N ALA N 49 -19.68 8.07 -30.30
CA ALA N 49 -18.33 8.46 -30.76
C ALA N 49 -17.59 8.99 -29.54
N GLY N 50 -16.29 8.99 -29.60
CA GLY N 50 -15.44 9.37 -28.46
C GLY N 50 -14.03 9.61 -28.96
N VAL N 51 -13.10 9.81 -28.02
CA VAL N 51 -11.69 10.11 -28.34
C VAL N 51 -10.84 9.08 -27.62
N CYS N 52 -9.64 8.82 -28.10
CA CYS N 52 -8.71 7.86 -27.47
C CYS N 52 -7.30 8.25 -27.87
N GLN N 53 -6.33 7.58 -27.29
CA GLN N 53 -4.89 7.89 -27.47
C GLN N 53 -4.32 6.96 -28.51
N SER N 54 -3.58 7.49 -29.47
CA SER N 54 -2.84 6.69 -30.47
C SER N 54 -1.86 5.77 -29.73
N ASP N 55 -1.50 4.65 -30.35
CA ASP N 55 -0.41 3.73 -29.88
C ASP N 55 -0.71 3.31 -28.44
N TRP N 56 -1.90 2.77 -28.21
CA TRP N 56 -2.41 2.53 -26.85
C TRP N 56 -3.62 1.59 -26.91
N SER N 57 -4.30 1.41 -25.79
CA SER N 57 -5.59 0.68 -25.80
C SER N 57 -6.52 1.32 -24.80
N PHE N 58 -7.80 1.02 -24.93
CA PHE N 58 -8.78 1.35 -23.91
C PHE N 58 -9.79 0.20 -23.85
N ASP N 59 -10.52 0.13 -22.75
CA ASP N 59 -11.51 -0.91 -22.51
C ASP N 59 -12.89 -0.28 -22.65
N MET N 60 -13.81 -0.96 -23.32
CA MET N 60 -15.17 -0.42 -23.54
C MET N 60 -16.17 -1.58 -23.43
N LYS N 61 -17.29 -1.33 -22.74
CA LYS N 61 -18.42 -2.27 -22.72
C LYS N 61 -19.23 -2.04 -23.99
N ILE N 62 -19.25 -3.00 -24.89
CA ILE N 62 -19.99 -2.95 -26.18
C ILE N 62 -21.04 -4.05 -26.08
N GLY N 63 -22.31 -3.64 -26.21
CA GLY N 63 -23.45 -4.44 -25.71
C GLY N 63 -23.21 -4.83 -24.27
N GLN N 64 -23.12 -6.11 -23.98
CA GLN N 64 -22.98 -6.62 -22.60
C GLN N 64 -21.52 -6.99 -22.28
N TYR N 65 -20.60 -6.83 -23.24
CA TYR N 65 -19.23 -7.39 -23.11
C TYR N 65 -18.17 -6.31 -23.05
N TRP N 66 -17.31 -6.43 -22.05
CA TRP N 66 -16.03 -5.71 -21.93
C TRP N 66 -15.04 -6.23 -22.95
N VAL N 67 -14.46 -5.31 -23.71
CA VAL N 67 -13.55 -5.59 -24.84
C VAL N 67 -12.43 -4.56 -24.79
N THR N 68 -11.22 -4.93 -25.17
CA THR N 68 -10.10 -4.01 -25.36
C THR N 68 -10.10 -3.57 -26.81
N ILE N 69 -10.10 -2.25 -27.03
CA ILE N 69 -9.84 -1.62 -28.35
C ILE N 69 -8.37 -1.19 -28.39
N HIS N 70 -7.62 -1.72 -29.35
CA HIS N 70 -6.20 -1.35 -29.61
C HIS N 70 -6.19 -0.22 -30.63
N THR N 71 -5.44 0.82 -30.33
CA THR N 71 -5.31 2.02 -31.19
C THR N 71 -3.85 2.07 -31.64
N ASP N 72 -3.59 1.95 -32.93
CA ASP N 72 -2.20 2.00 -33.42
C ASP N 72 -1.83 3.49 -33.59
N GLU N 73 -0.60 3.77 -34.06
CA GLU N 73 -0.01 5.15 -34.09
C GLU N 73 -0.79 6.01 -35.10
N GLY N 74 -1.50 5.40 -36.06
CA GLY N 74 -2.35 6.07 -37.05
C GLY N 74 -3.81 6.12 -36.65
N CYS N 75 -4.16 5.79 -35.41
CA CYS N 75 -5.59 5.80 -34.91
C CYS N 75 -6.43 4.71 -35.59
N ARG N 76 -5.79 3.68 -36.16
CA ARG N 76 -6.54 2.50 -36.66
C ARG N 76 -6.85 1.59 -35.47
N LEU N 77 -8.12 1.17 -35.39
CA LEU N 77 -8.67 0.43 -34.23
C LEU N 77 -8.69 -1.04 -34.55
N SER N 78 -8.38 -1.87 -33.57
CA SER N 78 -8.41 -3.35 -33.70
C SER N 78 -8.82 -3.93 -32.35
N GLY N 79 -9.42 -5.11 -32.37
CA GLY N 79 -9.90 -5.79 -31.16
C GLY N 79 -11.06 -6.69 -31.47
N ILE N 80 -11.42 -7.58 -30.56
CA ILE N 80 -12.53 -8.53 -30.81
C ILE N 80 -13.78 -7.87 -30.28
N ILE N 81 -14.70 -7.46 -31.15
CA ILE N 81 -15.94 -6.81 -30.69
C ILE N 81 -17.10 -7.70 -31.11
N PRO N 82 -18.25 -7.59 -30.40
CA PRO N 82 -19.38 -8.45 -30.66
C PRO N 82 -19.92 -8.27 -32.09
N ALA N 83 -20.49 -9.35 -32.62
CA ALA N 83 -21.11 -9.41 -33.96
C ALA N 83 -22.09 -8.24 -34.10
N GLY N 84 -22.04 -7.56 -35.24
CA GLY N 84 -22.98 -6.48 -35.60
C GLY N 84 -22.42 -5.12 -35.21
N TRP N 85 -21.33 -5.10 -34.45
CA TRP N 85 -20.71 -3.83 -34.02
C TRP N 85 -19.48 -3.55 -34.86
N LEU N 86 -19.17 -2.28 -35.03
CA LEU N 86 -18.01 -1.84 -35.83
C LEU N 86 -17.49 -0.58 -35.17
N ILE N 87 -16.18 -0.51 -35.04
CA ILE N 87 -15.56 0.73 -34.50
C ILE N 87 -14.45 1.17 -35.45
N LEU N 88 -14.48 2.45 -35.80
CA LEU N 88 -13.56 3.07 -36.76
C LEU N 88 -12.91 4.29 -36.15
N GLY N 89 -11.60 4.38 -36.35
CA GLY N 89 -10.73 5.42 -35.80
C GLY N 89 -10.21 6.35 -36.89
N MET N 90 -9.88 7.58 -36.51
CA MET N 90 -9.21 8.57 -37.37
C MET N 90 -8.45 9.51 -36.44
N LYS N 91 -7.40 10.13 -36.98
CA LYS N 91 -6.67 11.24 -36.35
C LYS N 91 -7.66 12.34 -36.04
N ARG N 92 -7.60 12.86 -34.82
CA ARG N 92 -8.31 14.10 -34.48
C ARG N 92 -7.68 15.22 -35.32
N PRO N 93 -8.49 16.09 -35.95
CA PRO N 93 -7.95 17.18 -36.78
C PRO N 93 -6.92 18.00 -35.99
N GLY N 94 -5.78 18.28 -36.58
CA GLY N 94 -4.67 19.02 -35.93
C GLY N 94 -3.63 18.09 -35.33
N PHE N 95 -3.92 16.81 -35.12
CA PHE N 95 -2.96 15.85 -34.50
C PHE N 95 -2.33 14.97 -35.58
N ASN O 5 -33.18 -5.52 38.30
CA ASN O 5 -33.05 -5.74 36.81
C ASN O 5 -31.58 -6.13 36.54
N GLU O 6 -30.96 -5.56 35.50
CA GLU O 6 -29.58 -5.88 35.07
C GLU O 6 -28.56 -5.10 35.91
N TYR O 7 -28.91 -3.95 36.49
CA TYR O 7 -28.07 -3.11 37.37
C TYR O 7 -27.72 -3.85 38.68
N ILE O 8 -28.66 -4.60 39.25
CA ILE O 8 -28.43 -5.27 40.56
C ILE O 8 -27.35 -6.35 40.38
N ASP O 9 -27.49 -7.17 39.33
CA ASP O 9 -26.54 -8.24 38.98
C ASP O 9 -25.15 -7.60 38.75
N ALA O 10 -25.13 -6.50 38.02
CA ALA O 10 -23.88 -5.76 37.74
C ALA O 10 -23.28 -5.26 39.04
N LYS O 11 -24.11 -4.71 39.95
CA LYS O 11 -23.65 -4.19 41.26
C LYS O 11 -23.02 -5.35 42.03
N LYS O 12 -23.58 -6.55 41.96
CA LYS O 12 -23.05 -7.74 42.68
C LYS O 12 -21.63 -8.06 42.19
N HIS O 13 -21.32 -7.76 40.93
CA HIS O 13 -20.02 -8.11 40.28
C HIS O 13 -19.06 -6.91 40.30
N GLY O 14 -19.33 -5.88 41.11
CA GLY O 14 -18.39 -4.78 41.43
C GLY O 14 -18.52 -3.60 40.46
N ILE O 15 -19.59 -3.56 39.67
CA ILE O 15 -19.85 -2.48 38.68
C ILE O 15 -20.69 -1.39 39.37
N ASP O 16 -20.21 -0.14 39.30
CA ASP O 16 -20.85 1.07 39.86
C ASP O 16 -20.63 2.21 38.86
N LEU O 17 -21.69 2.61 38.18
CA LEU O 17 -21.65 3.60 37.08
C LEU O 17 -21.16 4.94 37.62
N SER O 18 -21.50 5.28 38.87
CA SER O 18 -21.14 6.59 39.47
C SER O 18 -19.61 6.66 39.65
N ARG O 19 -18.91 5.54 39.54
CA ARG O 19 -17.44 5.47 39.75
C ARG O 19 -16.74 5.10 38.43
N GLU O 20 -17.47 5.00 37.31
CA GLU O 20 -16.90 4.67 35.98
C GLU O 20 -16.28 5.95 35.41
N ARG O 21 -15.05 5.84 34.89
CA ARG O 21 -14.45 6.96 34.14
C ARG O 21 -15.35 7.30 32.96
N ALA O 22 -15.49 8.58 32.68
CA ALA O 22 -16.38 9.13 31.65
C ALA O 22 -15.99 8.51 30.32
N PRO O 23 -16.95 8.33 29.40
CA PRO O 23 -16.60 7.93 28.04
C PRO O 23 -15.67 8.98 27.44
N ASN O 24 -14.86 8.57 26.48
CA ASN O 24 -14.03 9.47 25.66
C ASN O 24 -14.82 9.85 24.41
N PHE O 25 -15.43 11.03 24.41
CA PHE O 25 -16.38 11.48 23.37
C PHE O 25 -16.14 12.96 23.13
N VAL O 26 -16.65 13.50 22.05
CA VAL O 26 -16.70 14.97 21.80
C VAL O 26 -18.15 15.36 21.54
N ASP O 27 -18.52 16.58 21.87
CA ASP O 27 -19.73 17.21 21.30
C ASP O 27 -19.39 17.76 19.92
N HIS O 28 -20.04 17.22 18.89
CA HIS O 28 -19.83 17.62 17.50
C HIS O 28 -20.51 18.95 17.24
N PRO O 29 -19.88 19.85 16.45
CA PRO O 29 -20.53 21.07 16.01
C PRO O 29 -21.74 20.76 15.12
N GLY O 30 -22.82 21.53 15.31
CA GLY O 30 -24.00 21.52 14.43
C GLY O 30 -24.99 20.43 14.73
N ILE O 31 -24.76 19.59 15.75
CA ILE O 31 -25.79 18.59 16.18
C ILE O 31 -25.95 18.70 17.68
N PRO O 32 -27.13 18.31 18.24
CA PRO O 32 -27.39 18.42 19.67
C PRO O 32 -26.45 17.50 20.42
N PRO O 33 -26.02 17.88 21.64
CA PRO O 33 -25.15 16.99 22.43
C PRO O 33 -25.94 15.76 22.88
N SER O 34 -25.25 14.63 22.97
CA SER O 34 -25.77 13.38 23.54
C SER O 34 -25.98 13.56 25.04
N ASP O 35 -27.08 13.05 25.58
CA ASP O 35 -27.50 13.30 26.99
C ASP O 35 -27.35 12.01 27.81
N CYS O 36 -26.88 10.92 27.24
CA CYS O 36 -26.71 9.63 27.95
C CYS O 36 -25.27 9.14 27.78
N PHE O 37 -24.74 8.52 28.82
CA PHE O 37 -23.53 7.65 28.75
C PHE O 37 -23.99 6.19 28.69
N TRP O 38 -23.26 5.37 27.97
CA TRP O 38 -23.42 3.91 28.02
C TRP O 38 -22.06 3.30 28.27
N PHE O 39 -22.08 2.19 28.99
CA PHE O 39 -20.90 1.42 29.44
C PHE O 39 -21.17 -0.03 29.06
N LEU O 40 -20.21 -0.62 28.36
CA LEU O 40 -20.32 -1.96 27.76
C LEU O 40 -19.32 -2.89 28.42
N TYR O 41 -19.80 -4.05 28.85
CA TYR O 41 -19.04 -5.02 29.66
C TYR O 41 -19.14 -6.39 29.00
N LYS O 42 -18.03 -7.13 28.99
CA LYS O 42 -17.96 -8.57 28.68
C LYS O 42 -17.53 -9.30 29.93
N ASN O 43 -18.35 -10.23 30.42
CA ASN O 43 -18.13 -10.93 31.71
C ASN O 43 -17.77 -9.87 32.75
N TYR O 44 -18.55 -8.79 32.80
CA TYR O 44 -18.51 -7.74 33.85
C TYR O 44 -17.24 -6.88 33.77
N VAL O 45 -16.44 -6.98 32.70
CA VAL O 45 -15.23 -6.14 32.52
C VAL O 45 -15.55 -5.09 31.47
N ARG O 46 -15.39 -3.81 31.80
CA ARG O 46 -15.65 -2.71 30.86
C ARG O 46 -14.78 -2.88 29.60
N GLN O 47 -15.41 -2.93 28.44
CA GLN O 47 -14.74 -3.06 27.12
C GLN O 47 -14.71 -1.70 26.46
N ASN O 48 -15.75 -0.91 26.65
CA ASN O 48 -15.87 0.41 26.02
C ASN O 48 -16.97 1.21 26.69
N ALA O 49 -17.08 2.47 26.32
CA ALA O 49 -18.13 3.40 26.79
C ALA O 49 -18.30 4.43 25.70
N GLY O 50 -19.45 5.08 25.71
CA GLY O 50 -19.81 6.05 24.68
C GLY O 50 -20.99 6.87 25.15
N VAL O 51 -21.53 7.68 24.25
CA VAL O 51 -22.66 8.59 24.52
C VAL O 51 -23.75 8.27 23.49
N CYS O 52 -25.00 8.55 23.81
CA CYS O 52 -26.13 8.33 22.92
C CYS O 52 -27.25 9.30 23.35
N GLN O 53 -28.32 9.34 22.58
CA GLN O 53 -29.43 10.29 22.78
C GLN O 53 -30.53 9.54 23.54
N SER O 54 -31.08 10.17 24.56
CA SER O 54 -32.25 9.67 25.31
C SER O 54 -33.43 9.53 24.34
N ASP O 55 -34.37 8.65 24.65
CA ASP O 55 -35.67 8.51 23.93
C ASP O 55 -35.41 8.29 22.44
N TRP O 56 -34.62 7.27 22.14
CA TRP O 56 -34.04 7.05 20.80
C TRP O 56 -33.38 5.68 20.74
N SER O 57 -32.66 5.40 19.67
CA SER O 57 -31.94 4.13 19.53
C SER O 57 -30.65 4.40 18.78
N PHE O 58 -29.75 3.46 18.90
CA PHE O 58 -28.55 3.41 18.04
C PHE O 58 -28.21 1.94 17.78
N ASP O 59 -27.40 1.72 16.77
CA ASP O 59 -26.96 0.37 16.41
C ASP O 59 -25.49 0.26 16.82
N MET O 60 -25.10 -0.87 17.40
CA MET O 60 -23.69 -1.11 17.77
C MET O 60 -23.33 -2.58 17.52
N LYS O 61 -22.12 -2.87 17.04
CA LYS O 61 -21.55 -4.23 17.04
C LYS O 61 -21.12 -4.60 18.46
N ILE O 62 -21.78 -5.60 19.06
CA ILE O 62 -21.41 -6.13 20.40
C ILE O 62 -20.99 -7.57 20.14
N GLY O 63 -19.75 -7.90 20.51
CA GLY O 63 -19.13 -9.18 20.12
C GLY O 63 -19.22 -9.34 18.62
N GLN O 64 -19.92 -10.38 18.15
CA GLN O 64 -19.97 -10.71 16.71
C GLN O 64 -21.28 -10.21 16.07
N TYR O 65 -22.14 -9.54 16.82
CA TYR O 65 -23.51 -9.21 16.37
C TYR O 65 -23.70 -7.69 16.35
N TRP O 66 -24.28 -7.17 15.29
CA TRP O 66 -24.93 -5.83 15.25
C TRP O 66 -26.27 -5.96 15.98
N VAL O 67 -26.51 -5.03 16.87
CA VAL O 67 -27.68 -5.00 17.77
C VAL O 67 -28.20 -3.58 17.82
N THR O 68 -29.51 -3.43 17.94
CA THR O 68 -30.15 -2.13 18.24
C THR O 68 -30.24 -1.98 19.74
N ILE O 69 -29.69 -0.89 20.25
CA ILE O 69 -29.85 -0.46 21.66
C ILE O 69 -30.94 0.61 21.68
N HIS O 70 -32.01 0.36 22.44
CA HIS O 70 -33.10 1.33 22.70
C HIS O 70 -32.75 2.10 23.97
N THR O 71 -32.83 3.42 23.90
CA THR O 71 -32.51 4.35 25.00
C THR O 71 -33.81 5.07 25.38
N ASP O 72 -34.31 4.87 26.58
CA ASP O 72 -35.57 5.51 27.01
C ASP O 72 -35.21 6.92 27.52
N GLU O 73 -36.19 7.69 28.00
CA GLU O 73 -36.04 9.14 28.33
C GLU O 73 -35.10 9.28 29.53
N GLY O 74 -34.95 8.23 30.34
CA GLY O 74 -34.05 8.20 31.50
C GLY O 74 -32.70 7.54 31.20
N CYS O 75 -32.36 7.33 29.93
CA CYS O 75 -31.06 6.74 29.50
C CYS O 75 -30.98 5.25 29.87
N ARG O 76 -32.10 4.60 30.16
CA ARG O 76 -32.11 3.13 30.43
C ARG O 76 -32.11 2.39 29.09
N LEU O 77 -31.20 1.43 28.97
CA LEU O 77 -30.89 0.74 27.70
C LEU O 77 -31.62 -0.58 27.66
N SER O 78 -32.10 -0.96 26.50
CA SER O 78 -32.77 -2.25 26.26
C SER O 78 -32.44 -2.69 24.84
N GLY O 79 -32.48 -3.98 24.61
CA GLY O 79 -32.31 -4.65 23.31
C GLY O 79 -31.81 -6.07 23.53
N ILE O 80 -31.56 -6.79 22.45
CA ILE O 80 -31.05 -8.17 22.56
C ILE O 80 -29.54 -8.09 22.52
N ILE O 81 -28.85 -8.37 23.59
CA ILE O 81 -27.37 -8.35 23.49
C ILE O 81 -26.83 -9.74 23.74
N PRO O 82 -25.68 -10.05 23.12
CA PRO O 82 -25.14 -11.40 23.14
C PRO O 82 -24.76 -11.81 24.56
N ALA O 83 -24.82 -13.12 24.80
CA ALA O 83 -24.47 -13.76 26.09
C ALA O 83 -23.08 -13.26 26.52
N GLY O 84 -22.96 -12.89 27.80
CA GLY O 84 -21.70 -12.51 28.45
C GLY O 84 -21.47 -11.01 28.35
N TRP O 85 -22.29 -10.31 27.57
CA TRP O 85 -22.19 -8.84 27.41
C TRP O 85 -23.26 -8.17 28.28
N LEU O 86 -22.97 -6.96 28.67
CA LEU O 86 -23.87 -6.11 29.47
C LEU O 86 -23.66 -4.68 29.04
N ILE O 87 -24.73 -3.94 28.84
CA ILE O 87 -24.63 -2.49 28.50
C ILE O 87 -25.59 -1.77 29.43
N LEU O 88 -25.08 -0.72 30.06
CA LEU O 88 -25.77 0.08 31.09
C LEU O 88 -25.66 1.55 30.71
N GLY O 89 -26.77 2.25 30.84
CA GLY O 89 -26.95 3.67 30.51
C GLY O 89 -27.19 4.49 31.76
N MET O 90 -26.82 5.77 31.69
CA MET O 90 -27.08 6.79 32.72
C MET O 90 -27.13 8.15 32.01
N LYS O 91 -27.82 9.10 32.64
CA LYS O 91 -27.80 10.53 32.26
C LYS O 91 -26.35 11.01 32.29
N ARG O 92 -25.96 11.71 31.24
CA ARG O 92 -24.70 12.50 31.26
C ARG O 92 -24.91 13.61 32.28
N PRO O 93 -23.92 13.85 33.18
CA PRO O 93 -24.04 14.88 34.19
C PRO O 93 -24.43 16.22 33.56
N GLY O 94 -25.41 16.90 34.13
CA GLY O 94 -25.94 18.18 33.64
C GLY O 94 -27.17 18.01 32.78
N PHE O 95 -27.44 16.81 32.24
CA PHE O 95 -28.63 16.61 31.37
C PHE O 95 -29.77 15.96 32.13
N ASN P 5 26.70 31.47 29.74
CA ASN P 5 26.09 30.25 29.14
C ASN P 5 24.59 30.17 29.50
N GLU P 6 23.74 29.77 28.56
CA GLU P 6 22.27 30.00 28.62
C GLU P 6 21.61 28.88 29.42
N TYR P 7 22.12 27.64 29.42
CA TYR P 7 21.52 26.54 30.25
C TYR P 7 21.88 26.74 31.74
N ILE P 8 23.08 27.25 32.02
CA ILE P 8 23.50 27.45 33.44
C ILE P 8 22.62 28.53 34.07
N ASP P 9 22.40 29.65 33.37
CA ASP P 9 21.53 30.76 33.81
C ASP P 9 20.12 30.21 34.07
N ALA P 10 19.63 29.40 33.15
CA ALA P 10 18.30 28.78 33.26
C ALA P 10 18.27 27.89 34.49
N LYS P 11 19.32 27.08 34.69
CA LYS P 11 19.42 26.15 35.83
C LYS P 11 19.40 26.97 37.13
N LYS P 12 20.02 28.14 37.17
CA LYS P 12 20.04 29.02 38.38
C LYS P 12 18.62 29.43 38.74
N HIS P 13 17.73 29.57 37.76
CA HIS P 13 16.35 30.10 37.94
C HIS P 13 15.34 28.96 38.02
N GLY P 14 15.80 27.71 38.25
CA GLY P 14 14.95 26.56 38.59
C GLY P 14 14.47 25.77 37.37
N ILE P 15 15.05 26.03 36.20
CA ILE P 15 14.68 25.36 34.93
C ILE P 15 15.61 24.16 34.73
N ASP P 16 14.99 22.99 34.52
CA ASP P 16 15.64 21.69 34.27
C ASP P 16 14.82 20.97 33.20
N LEU P 17 15.37 20.89 31.99
CA LEU P 17 14.66 20.32 30.82
C LEU P 17 14.34 18.85 31.07
N SER P 18 15.19 18.12 31.80
CA SER P 18 14.99 16.68 32.06
C SER P 18 13.76 16.49 32.96
N ARG P 19 13.23 17.55 33.56
CA ARG P 19 12.07 17.51 34.49
C ARG P 19 10.87 18.23 33.87
N GLU P 20 10.98 18.74 32.65
CA GLU P 20 9.88 19.47 31.96
C GLU P 20 8.90 18.42 31.40
N ARG P 21 7.59 18.61 31.63
CA ARG P 21 6.57 17.78 30.95
C ARG P 21 6.72 17.93 29.44
N ALA P 22 6.56 16.82 28.73
CA ALA P 22 6.78 16.75 27.26
C ALA P 22 5.87 17.76 26.58
N PRO P 23 6.28 18.30 25.42
CA PRO P 23 5.36 19.09 24.62
C PRO P 23 4.13 18.23 24.27
N ASN P 24 3.03 18.90 24.00
CA ASN P 24 1.81 18.28 23.45
C ASN P 24 1.87 18.44 21.93
N PHE P 25 2.26 17.39 21.21
CA PHE P 25 2.56 17.43 19.76
C PHE P 25 2.07 16.16 19.11
N VAL P 26 1.95 16.13 17.80
CA VAL P 26 1.65 14.89 17.04
C VAL P 26 2.73 14.67 16.00
N ASP P 27 2.99 13.43 15.64
CA ASP P 27 3.75 13.11 14.42
C ASP P 27 2.77 13.10 13.27
N HIS P 28 2.94 13.99 12.30
CA HIS P 28 2.05 14.09 11.13
C HIS P 28 2.37 12.97 10.14
N PRO P 29 1.34 12.38 9.49
CA PRO P 29 1.54 11.49 8.35
C PRO P 29 2.21 12.22 7.18
N GLY P 30 3.13 11.54 6.50
CA GLY P 30 3.67 11.97 5.20
C GLY P 30 4.87 12.86 5.33
N ILE P 31 5.28 13.22 6.55
CA ILE P 31 6.51 14.05 6.77
C ILE P 31 7.31 13.39 7.89
N PRO P 32 8.63 13.65 7.98
CA PRO P 32 9.47 13.01 8.98
C PRO P 32 9.05 13.48 10.37
N PRO P 33 9.20 12.64 11.41
CA PRO P 33 8.95 13.12 12.77
C PRO P 33 10.00 14.17 13.17
N SER P 34 9.57 15.14 13.96
CA SER P 34 10.46 16.16 14.57
C SER P 34 11.33 15.45 15.62
N ASP P 35 12.61 15.78 15.70
CA ASP P 35 13.60 15.04 16.54
C ASP P 35 14.03 15.96 17.70
N CYS P 36 13.48 17.15 17.84
CA CYS P 36 13.86 18.10 18.93
C CYS P 36 12.59 18.54 19.67
N PHE P 37 12.70 18.74 20.97
CA PHE P 37 11.75 19.51 21.79
C PHE P 37 12.29 20.93 21.99
N TRP P 38 11.42 21.91 22.05
CA TRP P 38 11.76 23.26 22.53
C TRP P 38 10.77 23.66 23.61
N PHE P 39 11.28 24.45 24.55
CA PHE P 39 10.57 24.95 25.73
C PHE P 39 10.82 26.46 25.75
N LEU P 40 9.72 27.21 25.86
CA LEU P 40 9.72 28.69 25.74
C LEU P 40 9.31 29.27 27.08
N TYR P 41 10.12 30.19 27.57
CA TYR P 41 9.97 30.80 28.89
C TYR P 41 9.92 32.33 28.72
N LYS P 42 9.07 32.95 29.53
CA LYS P 42 9.05 34.40 29.79
C LYS P 42 9.41 34.62 31.25
N ASN P 43 10.47 35.36 31.52
CA ASN P 43 11.01 35.56 32.89
C ASN P 43 11.09 34.19 33.56
N TYR P 44 11.62 33.20 32.85
CA TYR P 44 11.96 31.83 33.34
C TYR P 44 10.71 31.01 33.68
N VAL P 45 9.51 31.45 33.28
CA VAL P 45 8.24 30.66 33.49
C VAL P 45 7.85 30.08 32.13
N ARG P 46 7.69 28.77 32.06
CA ARG P 46 7.30 28.05 30.83
C ARG P 46 5.97 28.64 30.32
N GLN P 47 5.95 29.10 29.07
CA GLN P 47 4.74 29.64 28.41
C GLN P 47 4.21 28.57 27.47
N ASN P 48 5.08 27.82 26.84
CA ASN P 48 4.69 26.80 25.85
C ASN P 48 5.88 25.89 25.55
N ALA P 49 5.61 24.85 24.80
CA ALA P 49 6.65 23.88 24.35
C ALA P 49 6.14 23.30 23.03
N GLY P 50 7.06 22.76 22.25
CA GLY P 50 6.75 22.24 20.91
C GLY P 50 7.88 21.38 20.44
N VAL P 51 7.81 20.96 19.19
CA VAL P 51 8.83 20.07 18.57
C VAL P 51 9.32 20.78 17.31
N CYS P 52 10.51 20.46 16.84
CA CYS P 52 11.08 21.07 15.63
C CYS P 52 12.09 20.09 15.08
N GLN P 53 12.62 20.40 13.89
CA GLN P 53 13.56 19.52 13.19
C GLN P 53 14.97 19.98 13.49
N SER P 54 15.86 19.02 13.78
CA SER P 54 17.31 19.32 13.95
C SER P 54 17.87 19.89 12.65
N ASP P 55 18.94 20.66 12.74
CA ASP P 55 19.74 21.14 11.57
C ASP P 55 18.82 21.88 10.60
N TRP P 56 18.10 22.88 11.11
CA TRP P 56 17.01 23.54 10.37
C TRP P 56 16.61 24.84 11.07
N SER P 57 15.50 25.43 10.68
CA SER P 57 14.96 26.61 11.41
C SER P 57 13.45 26.56 11.33
N PHE P 58 12.81 27.33 12.20
CA PHE P 58 11.37 27.60 12.11
C PHE P 58 11.12 29.04 12.55
N ASP P 59 9.97 29.55 12.19
CA ASP P 59 9.57 30.94 12.49
C ASP P 59 8.51 30.87 13.60
N MET P 60 8.61 31.73 14.59
CA MET P 60 7.65 31.76 15.70
C MET P 60 7.38 33.21 16.10
N LYS P 61 6.13 33.55 16.35
CA LYS P 61 5.73 34.84 16.92
C LYS P 61 5.93 34.73 18.43
N ILE P 62 6.87 35.48 18.98
CA ILE P 62 7.18 35.52 20.43
C ILE P 62 6.84 36.92 20.88
N GLY P 63 5.92 37.04 21.84
CA GLY P 63 5.18 38.29 22.10
C GLY P 63 4.54 38.73 20.81
N GLN P 64 4.90 39.91 20.35
CA GLN P 64 4.26 40.54 19.14
C GLN P 64 5.19 40.37 17.92
N TYR P 65 6.33 39.71 18.06
CA TYR P 65 7.40 39.73 17.02
C TYR P 65 7.64 38.36 16.44
N TRP P 66 7.59 38.28 15.12
CA TRP P 66 8.06 37.12 14.33
C TRP P 66 9.60 37.06 14.38
N VAL P 67 10.12 35.91 14.73
CA VAL P 67 11.57 35.66 14.85
C VAL P 67 11.87 34.26 14.33
N THR P 68 13.06 34.07 13.80
CA THR P 68 13.54 32.76 13.32
C THR P 68 14.29 32.11 14.47
N ILE P 69 13.93 30.90 14.80
CA ILE P 69 14.67 30.00 15.71
C ILE P 69 15.50 29.04 14.87
N HIS P 70 16.83 29.07 15.04
CA HIS P 70 17.76 28.12 14.34
C HIS P 70 18.00 26.90 15.25
N THR P 71 17.86 25.73 14.67
CA THR P 71 18.05 24.44 15.40
C THR P 71 19.27 23.73 14.83
N ASP P 72 20.34 23.53 15.60
CA ASP P 72 21.53 22.80 15.09
C ASP P 72 21.27 21.29 15.20
N GLU P 73 22.25 20.46 14.81
CA GLU P 73 22.08 18.99 14.65
C GLU P 73 21.85 18.34 16.03
N GLY P 74 22.27 19.01 17.11
CA GLY P 74 22.06 18.57 18.50
C GLY P 74 20.84 19.20 19.16
N CYS P 75 19.97 19.84 18.41
CA CYS P 75 18.72 20.49 18.94
C CYS P 75 19.04 21.71 19.80
N ARG P 76 20.22 22.29 19.67
CA ARG P 76 20.54 23.57 20.35
C ARG P 76 19.94 24.71 19.52
N LEU P 77 19.24 25.61 20.19
CA LEU P 77 18.46 26.69 19.60
C LEU P 77 19.27 27.96 19.65
N SER P 78 19.15 28.77 18.61
CA SER P 78 19.74 30.11 18.56
C SER P 78 18.78 31.03 17.79
N GLY P 79 18.90 32.33 18.02
CA GLY P 79 18.14 33.36 17.32
C GLY P 79 17.88 34.53 18.23
N ILE P 80 17.40 35.61 17.64
CA ILE P 80 17.22 36.88 18.37
C ILE P 80 15.77 36.87 18.83
N ILE P 81 15.55 36.74 20.13
CA ILE P 81 14.17 36.73 20.68
C ILE P 81 14.05 37.87 21.65
N PRO P 82 12.82 38.33 21.94
CA PRO P 82 12.64 39.53 22.74
C PRO P 82 13.17 39.35 24.17
N ALA P 83 13.58 40.45 24.78
CA ALA P 83 14.01 40.56 26.18
C ALA P 83 12.98 39.85 27.08
N GLY P 84 13.46 39.03 28.00
CA GLY P 84 12.68 38.32 29.01
C GLY P 84 12.24 36.96 28.54
N TRP P 85 12.45 36.65 27.26
CA TRP P 85 12.05 35.34 26.69
C TRP P 85 13.29 34.48 26.54
N LEU P 86 13.09 33.18 26.65
CA LEU P 86 14.20 32.20 26.59
C LEU P 86 13.63 30.96 25.94
N ILE P 87 14.36 30.41 25.01
CA ILE P 87 13.93 29.16 24.34
C ILE P 87 15.09 28.19 24.39
N LEU P 88 14.80 26.98 24.83
CA LEU P 88 15.80 25.90 25.03
C LEU P 88 15.31 24.65 24.32
N GLY P 89 16.27 24.03 23.63
CA GLY P 89 16.07 22.81 22.84
C GLY P 89 16.74 21.61 23.49
N MET P 90 16.23 20.42 23.17
CA MET P 90 16.82 19.12 23.54
C MET P 90 16.35 18.10 22.51
N LYS P 91 17.11 17.04 22.35
CA LYS P 91 16.76 15.84 21.57
C LYS P 91 15.45 15.31 22.14
N ARG P 92 14.51 14.99 21.27
CA ARG P 92 13.33 14.19 21.65
C ARG P 92 13.84 12.82 22.09
N PRO P 93 13.37 12.29 23.22
CA PRO P 93 13.77 10.98 23.71
C PRO P 93 13.66 9.92 22.61
N GLY P 94 14.70 9.11 22.43
CA GLY P 94 14.78 8.10 21.36
C GLY P 94 15.39 8.59 20.05
N PHE P 95 15.53 9.88 19.83
CA PHE P 95 16.17 10.43 18.59
C PHE P 95 17.62 10.84 18.84
C1 EDO Q . 13.11 -39.44 9.98
O1 EDO Q . 12.96 -39.25 8.56
C2 EDO Q . 12.60 -40.73 10.64
O2 EDO Q . 11.86 -41.70 9.86
C1 EDO R . 0.39 -33.08 -8.85
O1 EDO R . 0.08 -33.49 -7.53
C2 EDO R . 1.68 -33.66 -9.32
O2 EDO R . 2.74 -33.54 -8.38
C1 EDO S . -0.98 30.00 -14.87
O1 EDO S . -1.40 28.68 -14.53
C2 EDO S . -1.22 31.02 -13.80
O2 EDO S . -2.39 30.77 -13.04
C1 EDO T . -15.78 22.50 -22.08
O1 EDO T . -16.90 21.78 -22.52
C2 EDO T . -15.85 22.80 -20.64
O2 EDO T . -17.02 23.50 -20.28
C1 EDO U . 40.41 10.81 -9.19
O1 EDO U . 40.59 11.33 -10.52
C2 EDO U . 40.14 11.86 -8.19
O2 EDO U . 38.76 12.01 -7.87
C1 EDO V . 22.96 -0.44 -12.51
O1 EDO V . 22.16 0.69 -12.87
C2 EDO V . 23.68 -1.11 -13.64
O2 EDO V . 24.44 -0.22 -14.47
C1 EDO W . 12.13 -7.90 40.49
O1 EDO W . 12.60 -7.65 41.82
C2 EDO W . 12.59 -9.19 39.90
O2 EDO W . 13.96 -9.20 39.55
C1 EDO X . 10.32 -56.50 6.78
O1 EDO X . 9.65 -55.86 5.69
C2 EDO X . 11.80 -56.22 6.88
O2 EDO X . 12.12 -54.95 7.42
C1 EDO Y . -14.02 -11.19 -11.67
O1 EDO Y . -14.82 -12.36 -11.61
C2 EDO Y . -12.63 -11.40 -11.19
O2 EDO Y . -12.21 -10.47 -10.20
OH2 1PE Z . -14.31 -1.78 -14.21
C12 1PE Z . -13.58 -2.80 -14.85
C22 1PE Z . -12.71 -2.28 -15.95
OH3 1PE Z . -12.93 -3.02 -17.15
C13 1PE Z . -12.68 -5.10 -18.31
C23 1PE Z . -12.12 -4.18 -17.25
OH4 1PE Z . -11.63 -5.75 -19.00
C14 1PE Z . -11.40 -6.69 -21.22
C24 1PE Z . -11.56 -5.44 -20.40
OH5 1PE Z . -10.05 -7.16 -21.16
C15 1PE Z . -8.46 -8.94 -21.04
C25 1PE Z . -9.92 -8.57 -21.16
OH6 1PE Z . -7.89 -8.33 -19.88
C16 1PE Z . -5.77 -7.91 -18.81
C26 1PE Z . -6.66 -8.93 -19.47
OH7 1PE Z . -4.71 -7.50 -19.66
C1 EDO AA . -28.78 -24.57 -20.71
O1 EDO AA . -29.47 -25.23 -21.76
C2 EDO AA . -28.05 -23.34 -21.13
O2 EDO AA . -27.72 -22.45 -20.05
C1 EDO BA . -19.58 40.02 -3.43
O1 EDO BA . -18.52 39.38 -2.71
C2 EDO BA . -19.36 41.45 -3.65
O2 EDO BA . -17.99 41.74 -3.65
CL CL CA . -31.77 30.88 -28.59
C1 EDO DA . -12.28 -3.14 -35.27
O1 EDO DA . -11.81 -4.36 -34.65
C2 EDO DA . -13.55 -3.26 -36.07
O2 EDO DA . -14.78 -2.88 -35.42
C1 PEG EA . -27.69 -17.76 22.92
O1 PEG EA . -28.56 -18.84 22.82
C2 PEG EA . -26.92 -17.56 21.66
O2 PEG EA . -27.41 -16.44 20.92
C3 PEG EA . -26.69 -15.21 21.10
C4 PEG EA . -27.65 -14.09 21.40
O4 PEG EA . -27.28 -12.85 20.76
C1 EDO FA . 17.87 31.28 23.36
O1 EDO FA . 16.82 31.72 24.20
C2 EDO FA . 17.92 32.15 22.15
O2 EDO FA . 19.17 32.15 21.49
OH2 1PE GA . 3.22 34.49 7.90
C12 1PE GA . 4.46 34.73 8.54
C22 1PE GA . 5.36 33.54 8.50
OH3 1PE GA . 6.70 33.95 8.78
C13 1PE GA . 8.18 35.88 8.78
C23 1PE GA . 6.78 35.34 9.07
OH4 1PE GA . 8.81 36.32 9.99
C14 1PE GA . 10.84 36.24 11.24
C24 1PE GA . 9.87 35.47 10.40
OH5 1PE GA . 12.10 36.34 10.60
C15 1PE GA . 13.39 37.42 8.92
C25 1PE GA . 12.04 36.88 9.28
OH6 1PE GA . 13.60 37.45 7.50
C16 1PE GA . 14.13 36.32 5.44
C26 1PE GA . 13.93 36.19 6.93
OH7 1PE GA . 14.65 35.15 4.84
#